data_9NEW
# 
_entry.id   9NEW 
# 
_audit_conform.dict_name       mmcif_pdbx.dic 
_audit_conform.dict_version    5.403 
_audit_conform.dict_location   http://mmcif.pdb.org/dictionaries/ascii/mmcif_pdbx.dic 
# 
loop_
_database_2.database_id 
_database_2.database_code 
_database_2.pdbx_database_accession 
_database_2.pdbx_DOI 
PDB   9NEW         pdb_00009new 10.2210/pdb9new/pdb 
WWPDB D_1000293247 ?            ?                   
# 
_pdbx_audit_revision_history.ordinal             1 
_pdbx_audit_revision_history.data_content_type   'Structure model' 
_pdbx_audit_revision_history.major_revision      1 
_pdbx_audit_revision_history.minor_revision      0 
_pdbx_audit_revision_history.revision_date       2025-04-09 
_pdbx_audit_revision_history.part_number         ? 
# 
_pdbx_audit_revision_details.ordinal             1 
_pdbx_audit_revision_details.revision_ordinal    1 
_pdbx_audit_revision_details.data_content_type   'Structure model' 
_pdbx_audit_revision_details.provider            repository 
_pdbx_audit_revision_details.type                'Initial release' 
_pdbx_audit_revision_details.description         ? 
_pdbx_audit_revision_details.details             ? 
# 
_pdbx_database_status.status_code                     REL 
_pdbx_database_status.status_code_sf                  REL 
_pdbx_database_status.status_code_mr                  ? 
_pdbx_database_status.entry_id                        9NEW 
_pdbx_database_status.recvd_initial_deposition_date   2025-02-20 
_pdbx_database_status.SG_entry                        N 
_pdbx_database_status.deposit_site                    RCSB 
_pdbx_database_status.process_site                    RCSB 
_pdbx_database_status.status_code_cs                  ? 
_pdbx_database_status.status_code_nmr_data            ? 
_pdbx_database_status.methods_development_category    ? 
_pdbx_database_status.pdb_format_compatible           N 
# 
_pdbx_contact_author.id                 2 
_pdbx_contact_author.email              rs17@nyu.edu 
_pdbx_contact_author.name_first         Ruojie 
_pdbx_contact_author.name_last          Sha 
_pdbx_contact_author.name_mi            ? 
_pdbx_contact_author.role               'principal investigator/group leader' 
_pdbx_contact_author.identifier_ORCID   0000-0002-0807-734X 
# 
loop_
_audit_author.name 
_audit_author.pdbx_ordinal 
_audit_author.identifier_ORCID 
'Horvath, A.'   1 0009-0008-5770-8014 
'Vecchioni, S.' 2 0000-0001-8243-650X 
'Woloszyn, K.'  3 0000-0003-1200-583X 
'Ohayon, Y.P.'  4 0000-0001-7500-4282 
'Sha, R.'       5 0000-0002-0807-734X 
# 
_citation.abstract                  ? 
_citation.abstract_id_CAS           ? 
_citation.book_id_ISBN              ? 
_citation.book_publisher            ? 
_citation.book_publisher_city       ? 
_citation.book_title                ? 
_citation.coordinate_linkage        ? 
_citation.country                   ? 
_citation.database_id_Medline       ? 
_citation.details                   ? 
_citation.id                        primary 
_citation.journal_abbrev            'To Be Published' 
_citation.journal_id_ASTM           ? 
_citation.journal_id_CSD            0353 
_citation.journal_id_ISSN           ? 
_citation.journal_full              ? 
_citation.journal_issue             ? 
_citation.journal_volume            ? 
_citation.language                  ? 
_citation.page_first                ? 
_citation.page_last                 ? 
_citation.title                     'Shifted tensegrity triangles' 
_citation.year                      ? 
_citation.database_id_CSD           ? 
_citation.pdbx_database_id_DOI      ? 
_citation.pdbx_database_id_PubMed   ? 
_citation.pdbx_database_id_patent   ? 
_citation.unpublished_flag          ? 
# 
loop_
_citation_author.citation_id 
_citation_author.name 
_citation_author.ordinal 
_citation_author.identifier_ORCID 
primary 'Horvath, A.'   1 0009-0008-5770-8014 
primary 'Vecchioni, S.' 2 0000-0001-8243-650X 
primary 'Woloszyn, K.'  3 0000-0003-1200-583X 
primary 'Ohayon, Y.P.'  4 0000-0001-7500-4282 
primary 'Sha, R.'       5 0000-0002-0807-734X 
# 
loop_
_entity.id 
_entity.type 
_entity.src_method 
_entity.pdbx_description 
_entity.formula_weight 
_entity.pdbx_number_of_molecules 
_entity.pdbx_ec 
_entity.pdbx_mutation 
_entity.pdbx_fragment 
_entity.details 
1 polymer syn 
;DNA (5'-D(P*AP*CP*GP*GP*AP*CP*AP*GP*CP*AP*GP*TP*GP*CP*A)-3')
;
4628.025 1 ? ? ? ? 
2 polymer syn 
;DNA (5'-D(P*CP*AP*CP*AP*CP*CP*GP*T)-3')
;
2371.582 1 ? ? ? ? 
3 polymer syn 
;DNA (5'-D(*CP*TP*GP*CP*AP*CP*TP*GP*CP*TP*GP*TP*G)-3')
;
3958.571 1 ? ? ? ? 
4 polymer syn 
;DNA (5'-D(*GP*CP*TP*GP*TP*G)-3')
;
1840.227 1 ? ? ? ? 
# 
loop_
_entity_poly.entity_id 
_entity_poly.type 
_entity_poly.nstd_linkage 
_entity_poly.nstd_monomer 
_entity_poly.pdbx_seq_one_letter_code 
_entity_poly.pdbx_seq_one_letter_code_can 
_entity_poly.pdbx_strand_id 
_entity_poly.pdbx_target_identifier 
1 polydeoxyribonucleotide no no '(DA)(DC)(DG)(DG)(DA)(DC)(DA)(DG)(DC)(DA)(DG)(DT)(DG)(DC)(DA)' ACGGACAGCAGTGCA A ? 
2 polydeoxyribonucleotide no no '(DC)(DA)(DC)(DA)(DC)(DC)(DG)(DT)'                             CACACCGT        B ? 
3 polydeoxyribonucleotide no no '(DC)(DT)(DG)(DC)(DA)(DC)(DT)(DG)(DC)(DT)(DG)(DT)(DG)'         CTGCACTGCTGTG   D ? 
4 polydeoxyribonucleotide no no '(DG)(DC)(DT)(DG)(DT)(DG)'                                     GCTGTG          X ? 
# 
loop_
_entity_poly_seq.entity_id 
_entity_poly_seq.num 
_entity_poly_seq.mon_id 
_entity_poly_seq.hetero 
1 1  DA n 
1 2  DC n 
1 3  DG n 
1 4  DG n 
1 5  DA n 
1 6  DC n 
1 7  DA n 
1 8  DG n 
1 9  DC n 
1 10 DA n 
1 11 DG n 
1 12 DT n 
1 13 DG n 
1 14 DC n 
1 15 DA n 
2 1  DC n 
2 2  DA n 
2 3  DC n 
2 4  DA n 
2 5  DC n 
2 6  DC n 
2 7  DG n 
2 8  DT n 
3 1  DC n 
3 2  DT n 
3 3  DG n 
3 4  DC n 
3 5  DA n 
3 6  DC n 
3 7  DT n 
3 8  DG n 
3 9  DC n 
3 10 DT n 
3 11 DG n 
3 12 DT n 
3 13 DG n 
4 1  DG n 
4 2  DC n 
4 3  DT n 
4 4  DG n 
4 5  DT n 
4 6  DG n 
# 
loop_
_pdbx_entity_src_syn.entity_id 
_pdbx_entity_src_syn.pdbx_src_id 
_pdbx_entity_src_syn.pdbx_alt_source_flag 
_pdbx_entity_src_syn.pdbx_beg_seq_num 
_pdbx_entity_src_syn.pdbx_end_seq_num 
_pdbx_entity_src_syn.organism_scientific 
_pdbx_entity_src_syn.organism_common_name 
_pdbx_entity_src_syn.ncbi_taxonomy_id 
_pdbx_entity_src_syn.details 
1 1 sample 1 15 'synthetic construct' ? 32630 ? 
2 1 sample 1 8  'synthetic construct' ? 32630 ? 
3 1 sample 1 13 'synthetic construct' ? 32630 ? 
4 1 sample 1 6  'synthetic construct' ? 32630 ? 
# 
loop_
_chem_comp.id 
_chem_comp.type 
_chem_comp.mon_nstd_flag 
_chem_comp.name 
_chem_comp.pdbx_synonyms 
_chem_comp.formula 
_chem_comp.formula_weight 
DA 'DNA linking' y "2'-DEOXYADENOSINE-5'-MONOPHOSPHATE" ? 'C10 H14 N5 O6 P' 331.222 
DC 'DNA linking' y "2'-DEOXYCYTIDINE-5'-MONOPHOSPHATE"  ? 'C9 H14 N3 O7 P'  307.197 
DG 'DNA linking' y "2'-DEOXYGUANOSINE-5'-MONOPHOSPHATE" ? 'C10 H14 N5 O7 P' 347.221 
DT 'DNA linking' y "THYMIDINE-5'-MONOPHOSPHATE"         ? 'C10 H15 N2 O8 P' 322.208 
# 
loop_
_pdbx_poly_seq_scheme.asym_id 
_pdbx_poly_seq_scheme.entity_id 
_pdbx_poly_seq_scheme.seq_id 
_pdbx_poly_seq_scheme.mon_id 
_pdbx_poly_seq_scheme.ndb_seq_num 
_pdbx_poly_seq_scheme.pdb_seq_num 
_pdbx_poly_seq_scheme.auth_seq_num 
_pdbx_poly_seq_scheme.pdb_mon_id 
_pdbx_poly_seq_scheme.auth_mon_id 
_pdbx_poly_seq_scheme.pdb_strand_id 
_pdbx_poly_seq_scheme.pdb_ins_code 
_pdbx_poly_seq_scheme.hetero 
A 1 1  DA 1  112 112 DA DA A . n 
A 1 2  DC 2  113 113 DC DC A . n 
A 1 3  DG 3  114 114 DG DG A . n 
A 1 4  DG 4  115 115 DG DG A . n 
A 1 5  DA 5  116 116 DA DA A . n 
A 1 6  DC 6  117 117 DC DC A . n 
A 1 7  DA 7  118 118 DA DA A . n 
A 1 8  DG 8  119 119 DG DG A . n 
A 1 9  DC 9  120 120 DC DC A . n 
A 1 10 DA 10 121 121 DA DA A . n 
A 1 11 DG 11 122 122 DG DG A . n 
A 1 12 DT 12 123 123 DT DT A . n 
A 1 13 DG 13 124 124 DG DG A . n 
A 1 14 DC 14 125 125 DC DC A . n 
A 1 15 DA 15 126 126 DA DA A . n 
B 2 1  DC 1  131 131 DC DC B . n 
B 2 2  DA 2  132 132 DA DA B . n 
B 2 3  DC 3  133 133 DC DC B . n 
B 2 4  DA 4  134 134 DA DA B . n 
B 2 5  DC 5  135 135 DC DC B . n 
B 2 6  DC 6  136 136 DC DC B . n 
B 2 7  DG 7  137 137 DG DG B . n 
B 2 8  DT 8  138 138 DT DT B . n 
C 3 1  DC 1  197 197 DC DC D . n 
C 3 2  DT 2  198 198 DT DT D . n 
C 3 3  DG 3  199 199 DG DG D . n 
C 3 4  DC 4  200 200 DC DC D . n 
C 3 5  DA 5  201 201 DA DA D . n 
C 3 6  DC 6  202 202 DC DC D . n 
C 3 7  DT 7  203 203 DT DT D . n 
C 3 8  DG 8  204 204 DG DG D . n 
C 3 9  DC 9  205 205 DC DC D . n 
C 3 10 DT 10 206 206 DT DT D . n 
C 3 11 DG 11 207 207 DG DG D . n 
C 3 12 DT 12 208 208 DT DT D . n 
C 3 13 DG 13 209 209 DG DG D . n 
D 4 1  DG 1  106 106 DG DG X . n 
D 4 2  DC 2  107 107 DC DC X . n 
D 4 3  DT 3  108 108 DT DT X . n 
D 4 4  DG 4  109 109 DG DG X . n 
D 4 5  DT 5  110 110 DT DT X . n 
D 4 6  DG 6  111 111 DG DG X . n 
# 
loop_
_software.citation_id 
_software.classification 
_software.compiler_name 
_software.compiler_version 
_software.contact_author 
_software.contact_author_email 
_software.date 
_software.description 
_software.dependencies 
_software.hardware 
_software.language 
_software.location 
_software.mods 
_software.name 
_software.os 
_software.os_version 
_software.type 
_software.version 
_software.pdbx_ordinal 
? refinement       ? ? ? ? ? ? ? ? ? ? ? PHENIX    ? ? ? 1.20.1_4487 1 
? 'data reduction' ? ? ? ? ? ? ? ? ? ? ? autoPROC  ? ? ? .           2 
? 'data scaling'   ? ? ? ? ? ? ? ? ? ? ? STARANISO ? ? ? .           3 
? phasing          ? ? ? ? ? ? ? ? ? ? ? PHASER    ? ? ? .           4 
# 
_cell.angle_alpha                  90.000 
_cell.angle_alpha_esd              ? 
_cell.angle_beta                   90.000 
_cell.angle_beta_esd               ? 
_cell.angle_gamma                  120.000 
_cell.angle_gamma_esd              ? 
_cell.entry_id                     9NEW 
_cell.details                      ? 
_cell.formula_units_Z              ? 
_cell.length_a                     132.686 
_cell.length_a_esd                 ? 
_cell.length_b                     132.686 
_cell.length_b_esd                 ? 
_cell.length_c                     50.985 
_cell.length_c_esd                 ? 
_cell.volume                       777361.914 
_cell.volume_esd                   ? 
_cell.Z_PDB                        6 
_cell.reciprocal_angle_alpha       ? 
_cell.reciprocal_angle_beta        ? 
_cell.reciprocal_angle_gamma       ? 
_cell.reciprocal_angle_alpha_esd   ? 
_cell.reciprocal_angle_beta_esd    ? 
_cell.reciprocal_angle_gamma_esd   ? 
_cell.reciprocal_length_a          ? 
_cell.reciprocal_length_b          ? 
_cell.reciprocal_length_c          ? 
_cell.reciprocal_length_a_esd      ? 
_cell.reciprocal_length_b_esd      ? 
_cell.reciprocal_length_c_esd      ? 
_cell.pdbx_unique_axis             ? 
_cell.pdbx_esd_method              ? 
# 
_symmetry.entry_id                         9NEW 
_symmetry.cell_setting                     ? 
_symmetry.Int_Tables_number                173 
_symmetry.space_group_name_Hall            'P 6c' 
_symmetry.space_group_name_H-M             'P 63' 
_symmetry.pdbx_full_space_group_name_H-M   ? 
# 
_exptl.absorpt_coefficient_mu     ? 
_exptl.absorpt_correction_T_max   ? 
_exptl.absorpt_correction_T_min   ? 
_exptl.absorpt_correction_type    ? 
_exptl.absorpt_process_details    ? 
_exptl.entry_id                   9NEW 
_exptl.crystals_number            1 
_exptl.details                    ? 
_exptl.method                     'X-RAY DIFFRACTION' 
_exptl.method_details             ? 
# 
_exptl_crystal.colour                       ? 
_exptl_crystal.density_diffrn               ? 
_exptl_crystal.density_Matthews             ? 
_exptl_crystal.density_method               ? 
_exptl_crystal.density_percent_sol          ? 
_exptl_crystal.description                  ? 
_exptl_crystal.F_000                        ? 
_exptl_crystal.id                           1 
_exptl_crystal.preparation                  ? 
_exptl_crystal.size_max                     ? 
_exptl_crystal.size_mid                     ? 
_exptl_crystal.size_min                     ? 
_exptl_crystal.size_rad                     ? 
_exptl_crystal.colour_lustre                ? 
_exptl_crystal.colour_modifier              ? 
_exptl_crystal.colour_primary               ? 
_exptl_crystal.density_meas                 ? 
_exptl_crystal.density_meas_esd             ? 
_exptl_crystal.density_meas_gt              ? 
_exptl_crystal.density_meas_lt              ? 
_exptl_crystal.density_meas_temp            ? 
_exptl_crystal.density_meas_temp_esd        ? 
_exptl_crystal.density_meas_temp_gt         ? 
_exptl_crystal.density_meas_temp_lt         ? 
_exptl_crystal.pdbx_crystal_image_url       ? 
_exptl_crystal.pdbx_crystal_image_format    ? 
_exptl_crystal.pdbx_mosaicity               ? 
_exptl_crystal.pdbx_mosaicity_esd           ? 
_exptl_crystal.pdbx_mosaic_method           ? 
_exptl_crystal.pdbx_mosaic_block_size       ? 
_exptl_crystal.pdbx_mosaic_block_size_esd   ? 
# 
_exptl_crystal_grow.apparatus       ? 
_exptl_crystal_grow.atmosphere      ? 
_exptl_crystal_grow.crystal_id      1 
_exptl_crystal_grow.details         ? 
_exptl_crystal_grow.method          'VAPOR DIFFUSION, HANGING DROP' 
_exptl_crystal_grow.method_ref      ? 
_exptl_crystal_grow.pH              ? 
_exptl_crystal_grow.pressure        ? 
_exptl_crystal_grow.pressure_esd    ? 
_exptl_crystal_grow.seeding         ? 
_exptl_crystal_grow.seeding_ref     ? 
_exptl_crystal_grow.temp_details    '338-293 at 0.4/hr' 
_exptl_crystal_grow.temp_esd        ? 
_exptl_crystal_grow.time            ? 
_exptl_crystal_grow.pdbx_details    '100 mM MOPS, 1.25 M magnesium sulfate' 
_exptl_crystal_grow.pdbx_pH_range   ? 
_exptl_crystal_grow.temp            293 
# 
_diffrn.ambient_environment              ? 
_diffrn.ambient_temp                     100 
_diffrn.ambient_temp_details             ? 
_diffrn.ambient_temp_esd                 ? 
_diffrn.crystal_id                       1 
_diffrn.crystal_support                  ? 
_diffrn.crystal_treatment                ? 
_diffrn.details                          ? 
_diffrn.id                               1 
_diffrn.ambient_pressure                 ? 
_diffrn.ambient_pressure_esd             ? 
_diffrn.ambient_pressure_gt              ? 
_diffrn.ambient_pressure_lt              ? 
_diffrn.ambient_temp_gt                  ? 
_diffrn.ambient_temp_lt                  ? 
_diffrn.pdbx_serial_crystal_experiment   N 
# 
_diffrn_detector.details                      ? 
_diffrn_detector.detector                     PIXEL 
_diffrn_detector.diffrn_id                    1 
_diffrn_detector.type                         'DECTRIS EIGER X 9M' 
_diffrn_detector.area_resol_mean              ? 
_diffrn_detector.dtime                        ? 
_diffrn_detector.pdbx_frames_total            ? 
_diffrn_detector.pdbx_collection_time_total   ? 
_diffrn_detector.pdbx_collection_date         2023-03-19 
_diffrn_detector.pdbx_frequency               ? 
_diffrn_detector.id                           ? 
_diffrn_detector.number_of_axes               ? 
# 
_diffrn_radiation.collimation                      ? 
_diffrn_radiation.diffrn_id                        1 
_diffrn_radiation.filter_edge                      ? 
_diffrn_radiation.inhomogeneity                    ? 
_diffrn_radiation.monochromator                    ? 
_diffrn_radiation.polarisn_norm                    ? 
_diffrn_radiation.polarisn_ratio                   ? 
_diffrn_radiation.probe                            ? 
_diffrn_radiation.type                             ? 
_diffrn_radiation.xray_symbol                      ? 
_diffrn_radiation.wavelength_id                    1 
_diffrn_radiation.pdbx_monochromatic_or_laue_m_l   M 
_diffrn_radiation.pdbx_wavelength_list             ? 
_diffrn_radiation.pdbx_wavelength                  ? 
_diffrn_radiation.pdbx_diffrn_protocol             'SINGLE WAVELENGTH' 
_diffrn_radiation.pdbx_analyzer                    ? 
_diffrn_radiation.pdbx_scattering_type             x-ray 
# 
_diffrn_radiation_wavelength.id           1 
_diffrn_radiation_wavelength.wavelength   0.991870 
_diffrn_radiation_wavelength.wt           1.0 
# 
_diffrn_source.current                     ? 
_diffrn_source.details                     ? 
_diffrn_source.diffrn_id                   1 
_diffrn_source.power                       ? 
_diffrn_source.size                        ? 
_diffrn_source.source                      SYNCHROTRON 
_diffrn_source.target                      ? 
_diffrn_source.type                        'APS BEAMLINE 17-ID' 
_diffrn_source.voltage                     ? 
_diffrn_source.take-off_angle              ? 
_diffrn_source.pdbx_wavelength_list        0.991870 
_diffrn_source.pdbx_wavelength             ? 
_diffrn_source.pdbx_synchrotron_beamline   17-ID 
_diffrn_source.pdbx_synchrotron_site       APS 
# 
_reflns.B_iso_Wilson_estimate                          328.25 
_reflns.entry_id                                       9NEW 
_reflns.data_reduction_details                         ? 
_reflns.data_reduction_method                          ? 
_reflns.d_resolution_high                              6.91 
_reflns.d_resolution_low                               66.343 
_reflns.details                                        ? 
_reflns.limit_h_max                                    ? 
_reflns.limit_h_min                                    ? 
_reflns.limit_k_max                                    ? 
_reflns.limit_k_min                                    ? 
_reflns.limit_l_max                                    ? 
_reflns.limit_l_min                                    ? 
_reflns.number_all                                     ? 
_reflns.number_obs                                     757 
_reflns.observed_criterion                             ? 
_reflns.observed_criterion_F_max                       ? 
_reflns.observed_criterion_F_min                       ? 
_reflns.observed_criterion_I_max                       ? 
_reflns.observed_criterion_I_min                       ? 
_reflns.observed_criterion_sigma_F                     ? 
_reflns.observed_criterion_sigma_I                     ? 
_reflns.percent_possible_obs                           88.1 
_reflns.R_free_details                                 ? 
_reflns.Rmerge_F_all                                   ? 
_reflns.Rmerge_F_obs                                   ? 
_reflns.Friedel_coverage                               ? 
_reflns.number_gt                                      ? 
_reflns.threshold_expression                           ? 
_reflns.pdbx_redundancy                                19.2 
_reflns.pdbx_netI_over_av_sigmaI                       ? 
_reflns.pdbx_netI_over_sigmaI                          8.4 
_reflns.pdbx_res_netI_over_av_sigmaI_2                 ? 
_reflns.pdbx_res_netI_over_sigmaI_2                    ? 
_reflns.pdbx_chi_squared                               ? 
_reflns.pdbx_scaling_rejects                           ? 
_reflns.pdbx_d_res_high_opt                            ? 
_reflns.pdbx_d_res_low_opt                             ? 
_reflns.pdbx_d_res_opt_method                          ? 
_reflns.phase_calculation_details                      ? 
_reflns.pdbx_Rrim_I_all                                ? 
_reflns.pdbx_Rpim_I_all                                ? 
_reflns.pdbx_d_opt                                     ? 
_reflns.pdbx_number_measured_all                       ? 
_reflns.pdbx_diffrn_id                                 1 
_reflns.pdbx_ordinal                                   1 
_reflns.pdbx_CC_half                                   .996 
_reflns.pdbx_CC_star                                   ? 
_reflns.pdbx_R_split                                   ? 
_reflns.pdbx_Rmerge_I_obs                              ? 
_reflns.pdbx_Rmerge_I_all                              ? 
_reflns.pdbx_Rsym_value                                ? 
_reflns.pdbx_CC_split_method                           ? 
_reflns.pdbx_aniso_diffraction_limit_axis_1_ortho[1]   ? 
_reflns.pdbx_aniso_diffraction_limit_axis_1_ortho[2]   ? 
_reflns.pdbx_aniso_diffraction_limit_axis_1_ortho[3]   ? 
_reflns.pdbx_aniso_diffraction_limit_axis_2_ortho[1]   ? 
_reflns.pdbx_aniso_diffraction_limit_axis_2_ortho[2]   ? 
_reflns.pdbx_aniso_diffraction_limit_axis_2_ortho[3]   ? 
_reflns.pdbx_aniso_diffraction_limit_axis_3_ortho[1]   ? 
_reflns.pdbx_aniso_diffraction_limit_axis_3_ortho[2]   ? 
_reflns.pdbx_aniso_diffraction_limit_axis_3_ortho[3]   ? 
_reflns.pdbx_aniso_diffraction_limit_1                 ? 
_reflns.pdbx_aniso_diffraction_limit_2                 ? 
_reflns.pdbx_aniso_diffraction_limit_3                 ? 
_reflns.pdbx_aniso_B_tensor_eigenvector_1_ortho[1]     ? 
_reflns.pdbx_aniso_B_tensor_eigenvector_1_ortho[2]     ? 
_reflns.pdbx_aniso_B_tensor_eigenvector_1_ortho[3]     ? 
_reflns.pdbx_aniso_B_tensor_eigenvector_2_ortho[1]     ? 
_reflns.pdbx_aniso_B_tensor_eigenvector_2_ortho[2]     ? 
_reflns.pdbx_aniso_B_tensor_eigenvector_2_ortho[3]     ? 
_reflns.pdbx_aniso_B_tensor_eigenvector_3_ortho[1]     ? 
_reflns.pdbx_aniso_B_tensor_eigenvector_3_ortho[2]     ? 
_reflns.pdbx_aniso_B_tensor_eigenvector_3_ortho[3]     ? 
_reflns.pdbx_aniso_B_tensor_eigenvalue_1               ? 
_reflns.pdbx_aniso_B_tensor_eigenvalue_2               ? 
_reflns.pdbx_aniso_B_tensor_eigenvalue_3               ? 
_reflns.pdbx_orthogonalization_convention              ? 
_reflns.pdbx_percent_possible_ellipsoidal              ? 
_reflns.pdbx_percent_possible_spherical                ? 
_reflns.pdbx_percent_possible_ellipsoidal_anomalous    ? 
_reflns.pdbx_percent_possible_spherical_anomalous      ? 
_reflns.pdbx_redundancy_anomalous                      ? 
_reflns.pdbx_CC_half_anomalous                         ? 
_reflns.pdbx_absDiff_over_sigma_anomalous              ? 
_reflns.pdbx_percent_possible_anomalous                ? 
_reflns.pdbx_observed_signal_threshold                 ? 
_reflns.pdbx_signal_type                               ? 
_reflns.pdbx_signal_details                            ? 
_reflns.pdbx_signal_software_id                        ? 
# 
loop_
_reflns_shell.d_res_high 
_reflns_shell.d_res_low 
_reflns_shell.meanI_over_sigI_all 
_reflns_shell.meanI_over_sigI_obs 
_reflns_shell.number_measured_all 
_reflns_shell.number_measured_obs 
_reflns_shell.number_possible 
_reflns_shell.number_unique_all 
_reflns_shell.number_unique_obs 
_reflns_shell.percent_possible_obs 
_reflns_shell.Rmerge_F_all 
_reflns_shell.Rmerge_F_obs 
_reflns_shell.meanI_over_sigI_gt 
_reflns_shell.meanI_over_uI_all 
_reflns_shell.meanI_over_uI_gt 
_reflns_shell.number_measured_gt 
_reflns_shell.number_unique_gt 
_reflns_shell.percent_possible_gt 
_reflns_shell.Rmerge_F_gt 
_reflns_shell.Rmerge_I_gt 
_reflns_shell.pdbx_redundancy 
_reflns_shell.pdbx_chi_squared 
_reflns_shell.pdbx_netI_over_sigmaI_all 
_reflns_shell.pdbx_netI_over_sigmaI_obs 
_reflns_shell.pdbx_Rrim_I_all 
_reflns_shell.pdbx_Rpim_I_all 
_reflns_shell.pdbx_rejects 
_reflns_shell.pdbx_ordinal 
_reflns_shell.pdbx_diffrn_id 
_reflns_shell.pdbx_CC_half 
_reflns_shell.pdbx_CC_star 
_reflns_shell.pdbx_R_split 
_reflns_shell.percent_possible_all 
_reflns_shell.Rmerge_I_all 
_reflns_shell.Rmerge_I_obs 
_reflns_shell.pdbx_Rsym_value 
_reflns_shell.pdbx_percent_possible_ellipsoidal 
_reflns_shell.pdbx_percent_possible_spherical 
_reflns_shell.pdbx_percent_possible_ellipsoidal_anomalous 
_reflns_shell.pdbx_percent_possible_spherical_anomalous 
_reflns_shell.pdbx_redundancy_anomalous 
_reflns_shell.pdbx_CC_half_anomalous 
_reflns_shell.pdbx_absDiff_over_sigma_anomalous 
_reflns_shell.pdbx_percent_possible_anomalous 
6.913  8.065  ? ? ? ? ? ? 189 ? ? ? ? ? ? ? ? ? ? ? ? ? ? ? ? ? ? 1 1 .212 ? ? ? ? ? ? ? ? ? ? ? ? ? ? 
11.835 66.343 ? ? ? ? ? ? 189 ? ? ? ? ? ? ? ? ? ? ? ? ? ? ? ? ? ? 2 1 .996 ? ? ? ? ? ? ? ? ? ? ? ? ? ? 
# 
_refine.aniso_B[1][1]                            ? 
_refine.aniso_B[1][2]                            ? 
_refine.aniso_B[1][3]                            ? 
_refine.aniso_B[2][2]                            ? 
_refine.aniso_B[2][3]                            ? 
_refine.aniso_B[3][3]                            ? 
_refine.B_iso_max                                ? 
_refine.B_iso_mean                               663.28 
_refine.B_iso_min                                ? 
_refine.correlation_coeff_Fo_to_Fc               ? 
_refine.correlation_coeff_Fo_to_Fc_free          ? 
_refine.details                                  ? 
_refine.diff_density_max                         ? 
_refine.diff_density_max_esd                     ? 
_refine.diff_density_min                         ? 
_refine.diff_density_min_esd                     ? 
_refine.diff_density_rms                         ? 
_refine.diff_density_rms_esd                     ? 
_refine.entry_id                                 9NEW 
_refine.pdbx_refine_id                           'X-RAY DIFFRACTION' 
_refine.ls_abs_structure_details                 ? 
_refine.ls_abs_structure_Flack                   ? 
_refine.ls_abs_structure_Flack_esd               ? 
_refine.ls_abs_structure_Rogers                  ? 
_refine.ls_abs_structure_Rogers_esd              ? 
_refine.ls_d_res_high                            6.91 
_refine.ls_d_res_low                             66.34 
_refine.ls_extinction_coef                       ? 
_refine.ls_extinction_coef_esd                   ? 
_refine.ls_extinction_expression                 ? 
_refine.ls_extinction_method                     ? 
_refine.ls_goodness_of_fit_all                   ? 
_refine.ls_goodness_of_fit_all_esd               ? 
_refine.ls_goodness_of_fit_obs                   ? 
_refine.ls_goodness_of_fit_obs_esd               ? 
_refine.ls_hydrogen_treatment                    ? 
_refine.ls_matrix_type                           ? 
_refine.ls_number_constraints                    ? 
_refine.ls_number_parameters                     ? 
_refine.ls_number_reflns_all                     ? 
_refine.ls_number_reflns_obs                     746 
_refine.ls_number_reflns_R_free                  37 
_refine.ls_number_reflns_R_work                  709 
_refine.ls_number_restraints                     ? 
_refine.ls_percent_reflns_obs                    81.98 
_refine.ls_percent_reflns_R_free                 4.96 
_refine.ls_R_factor_all                          ? 
_refine.ls_R_factor_obs                          0.2812 
_refine.ls_R_factor_R_free                       0.3694 
_refine.ls_R_factor_R_free_error                 ? 
_refine.ls_R_factor_R_free_error_details         ? 
_refine.ls_R_factor_R_work                       0.2759 
_refine.ls_R_Fsqd_factor_obs                     ? 
_refine.ls_R_I_factor_obs                        ? 
_refine.ls_redundancy_reflns_all                 ? 
_refine.ls_redundancy_reflns_obs                 ? 
_refine.ls_restrained_S_all                      ? 
_refine.ls_restrained_S_obs                      ? 
_refine.ls_shift_over_esd_max                    ? 
_refine.ls_shift_over_esd_mean                   ? 
_refine.ls_structure_factor_coef                 ? 
_refine.ls_weighting_details                     ? 
_refine.ls_weighting_scheme                      ? 
_refine.ls_wR_factor_all                         ? 
_refine.ls_wR_factor_obs                         ? 
_refine.ls_wR_factor_R_free                      ? 
_refine.ls_wR_factor_R_work                      ? 
_refine.occupancy_max                            ? 
_refine.occupancy_min                            ? 
_refine.solvent_model_details                    'FLAT BULK SOLVENT MODEL' 
_refine.solvent_model_param_bsol                 ? 
_refine.solvent_model_param_ksol                 ? 
_refine.correlation_coeff_I_to_Fcsqd_work        ? 
_refine.correlation_coeff_I_to_Fcsqd_free        ? 
_refine.pdbx_R_complete                          ? 
_refine.ls_R_factor_gt                           ? 
_refine.ls_goodness_of_fit_gt                    ? 
_refine.ls_goodness_of_fit_ref                   ? 
_refine.ls_shift_over_su_max                     ? 
_refine.ls_shift_over_su_max_lt                  ? 
_refine.ls_shift_over_su_mean                    ? 
_refine.ls_shift_over_su_mean_lt                 ? 
_refine.pdbx_ls_sigma_I                          ? 
_refine.pdbx_ls_sigma_F                          1.34 
_refine.pdbx_ls_sigma_Fsqd                       ? 
_refine.pdbx_data_cutoff_high_absF               ? 
_refine.pdbx_data_cutoff_high_rms_absF           ? 
_refine.pdbx_data_cutoff_low_absF                ? 
_refine.pdbx_isotropic_thermal_model             ? 
_refine.pdbx_ls_cross_valid_method               'FREE R-VALUE' 
_refine.pdbx_method_to_determine_struct          'MOLECULAR REPLACEMENT' 
_refine.pdbx_starting_model                      ? 
_refine.pdbx_stereochemistry_target_values       'GeoStd + Monomer Library + CDL v1.2' 
_refine.pdbx_R_Free_selection_details            ? 
_refine.pdbx_stereochem_target_val_spec_case     ? 
_refine.pdbx_overall_ESU_R                       ? 
_refine.pdbx_overall_ESU_R_Free                  ? 
_refine.pdbx_solvent_vdw_probe_radii             1.1000 
_refine.pdbx_solvent_ion_probe_radii             ? 
_refine.pdbx_solvent_shrinkage_radii             0.9000 
_refine.pdbx_real_space_R                        ? 
_refine.pdbx_density_correlation                 ? 
_refine.pdbx_pd_number_of_powder_patterns        ? 
_refine.pdbx_pd_number_of_points                 ? 
_refine.pdbx_pd_meas_number_of_points            ? 
_refine.pdbx_pd_proc_ls_prof_R_factor            ? 
_refine.pdbx_pd_proc_ls_prof_wR_factor           ? 
_refine.pdbx_pd_Marquardt_correlation_coeff      ? 
_refine.pdbx_pd_Fsqrd_R_factor                   ? 
_refine.pdbx_pd_ls_matrix_band_width             ? 
_refine.pdbx_overall_phase_error                 42.9055 
_refine.pdbx_overall_SU_R_free_Cruickshank_DPI   ? 
_refine.pdbx_overall_SU_R_free_Blow_DPI          ? 
_refine.pdbx_overall_SU_R_Blow_DPI               ? 
_refine.pdbx_TLS_residual_ADP_flag               ? 
_refine.pdbx_diffrn_id                           1 
_refine.overall_SU_B                             ? 
_refine.overall_SU_ML                            0.9509 
_refine.overall_SU_R_Cruickshank_DPI             ? 
_refine.overall_SU_R_free                        ? 
_refine.overall_FOM_free_R_set                   ? 
_refine.overall_FOM_work_R_set                   ? 
_refine.pdbx_average_fsc_overall                 ? 
_refine.pdbx_average_fsc_work                    ? 
_refine.pdbx_average_fsc_free                    ? 
# 
_refine_hist.pdbx_refine_id                   'X-RAY DIFFRACTION' 
_refine_hist.cycle_id                         LAST 
_refine_hist.details                          ? 
_refine_hist.d_res_high                       6.91 
_refine_hist.d_res_low                        66.34 
_refine_hist.number_atoms_solvent             0 
_refine_hist.number_atoms_total               855 
_refine_hist.number_reflns_all                ? 
_refine_hist.number_reflns_obs                ? 
_refine_hist.number_reflns_R_free             ? 
_refine_hist.number_reflns_R_work             ? 
_refine_hist.R_factor_all                     ? 
_refine_hist.R_factor_obs                     ? 
_refine_hist.R_factor_R_free                  ? 
_refine_hist.R_factor_R_work                  ? 
_refine_hist.pdbx_number_residues_total       ? 
_refine_hist.pdbx_B_iso_mean_ligand           ? 
_refine_hist.pdbx_B_iso_mean_solvent          ? 
_refine_hist.pdbx_number_atoms_protein        0 
_refine_hist.pdbx_number_atoms_nucleic_acid   855 
_refine_hist.pdbx_number_atoms_ligand         0 
_refine_hist.pdbx_number_atoms_lipid          ? 
_refine_hist.pdbx_number_atoms_carb           ? 
_refine_hist.pdbx_pseudo_atom_details         ? 
# 
loop_
_refine_ls_restr.pdbx_refine_id 
_refine_ls_restr.criterion 
_refine_ls_restr.dev_ideal 
_refine_ls_restr.dev_ideal_target 
_refine_ls_restr.number 
_refine_ls_restr.rejects 
_refine_ls_restr.type 
_refine_ls_restr.weight 
_refine_ls_restr.pdbx_restraint_function 
'X-RAY DIFFRACTION' ? 0.0055  ? 956  ? f_bond_d           ? ? 
'X-RAY DIFFRACTION' ? 0.7575  ? 1467 ? f_angle_d          ? ? 
'X-RAY DIFFRACTION' ? 0.0421  ? 166  ? f_chiral_restr     ? ? 
'X-RAY DIFFRACTION' ? 0.0050  ? 42   ? f_plane_restr      ? ? 
'X-RAY DIFFRACTION' ? 41.0185 ? 406  ? f_dihedral_angle_d ? ? 
# 
_refine_ls_shell.pdbx_refine_id                      'X-RAY DIFFRACTION' 
_refine_ls_shell.d_res_high                          6.91 
_refine_ls_shell.d_res_low                           66.34 
_refine_ls_shell.number_reflns_all                   ? 
_refine_ls_shell.number_reflns_obs                   ? 
_refine_ls_shell.number_reflns_R_free                37 
_refine_ls_shell.number_reflns_R_work                709 
_refine_ls_shell.percent_reflns_obs                  81.98 
_refine_ls_shell.percent_reflns_R_free               ? 
_refine_ls_shell.R_factor_all                        ? 
_refine_ls_shell.R_factor_obs                        ? 
_refine_ls_shell.R_factor_R_free_error               ? 
_refine_ls_shell.R_factor_R_work                     0.2759 
_refine_ls_shell.redundancy_reflns_all               ? 
_refine_ls_shell.redundancy_reflns_obs               ? 
_refine_ls_shell.wR_factor_all                       ? 
_refine_ls_shell.wR_factor_obs                       ? 
_refine_ls_shell.wR_factor_R_free                    ? 
_refine_ls_shell.wR_factor_R_work                    ? 
_refine_ls_shell.pdbx_R_complete                     ? 
_refine_ls_shell.correlation_coeff_Fo_to_Fc          ? 
_refine_ls_shell.correlation_coeff_Fo_to_Fc_free     ? 
_refine_ls_shell.correlation_coeff_I_to_Fcsqd_work   ? 
_refine_ls_shell.correlation_coeff_I_to_Fcsqd_free   ? 
_refine_ls_shell.pdbx_total_number_of_bins_used      ? 
_refine_ls_shell.pdbx_phase_error                    ? 
_refine_ls_shell.pdbx_fsc_work                       ? 
_refine_ls_shell.pdbx_fsc_free                       ? 
_refine_ls_shell.R_factor_R_free                     0.3694 
# 
_struct.entry_id                     9NEW 
_struct.title                        
'[1,8,11-1] Shifted tensegrity triangle with an (arm,center,arm) distribution of (1,8,11) base pairs and 1 nt sticky ends' 
_struct.pdbx_model_details           ? 
_struct.pdbx_formula_weight          ? 
_struct.pdbx_formula_weight_method   ? 
_struct.pdbx_model_type_details      ? 
_struct.pdbx_CASP_flag               N 
# 
_struct_keywords.entry_id        9NEW 
_struct_keywords.text            'tensegrity triangle, DNA' 
_struct_keywords.pdbx_keywords   DNA 
# 
loop_
_struct_asym.id 
_struct_asym.pdbx_blank_PDB_chainid_flag 
_struct_asym.pdbx_modified 
_struct_asym.entity_id 
_struct_asym.details 
A N N 1 ? 
B N N 2 ? 
C N N 3 ? 
D N N 4 ? 
# 
loop_
_struct_ref.id 
_struct_ref.db_name 
_struct_ref.db_code 
_struct_ref.pdbx_db_accession 
_struct_ref.pdbx_db_isoform 
_struct_ref.entity_id 
_struct_ref.pdbx_seq_one_letter_code 
_struct_ref.pdbx_align_begin 
1 PDB 9NEW 9NEW ? 1 ? 1 
2 PDB 9NEW 9NEW ? 2 ? 1 
3 PDB 9NEW 9NEW ? 3 ? 1 
4 PDB 9NEW 9NEW ? 4 ? 1 
# 
loop_
_struct_ref_seq.align_id 
_struct_ref_seq.ref_id 
_struct_ref_seq.pdbx_PDB_id_code 
_struct_ref_seq.pdbx_strand_id 
_struct_ref_seq.seq_align_beg 
_struct_ref_seq.pdbx_seq_align_beg_ins_code 
_struct_ref_seq.seq_align_end 
_struct_ref_seq.pdbx_seq_align_end_ins_code 
_struct_ref_seq.pdbx_db_accession 
_struct_ref_seq.db_align_beg 
_struct_ref_seq.pdbx_db_align_beg_ins_code 
_struct_ref_seq.db_align_end 
_struct_ref_seq.pdbx_db_align_end_ins_code 
_struct_ref_seq.pdbx_auth_seq_align_beg 
_struct_ref_seq.pdbx_auth_seq_align_end 
1 1 9NEW A 1 ? 15 ? 9NEW 112 ? 126 ? 112 126 
2 2 9NEW B 1 ? 8  ? 9NEW 131 ? 138 ? 131 138 
3 3 9NEW D 1 ? 13 ? 9NEW 197 ? 209 ? 197 209 
4 4 9NEW X 1 ? 6  ? 9NEW 106 ? 111 ? 106 111 
# 
_pdbx_struct_assembly.id                   1 
_pdbx_struct_assembly.details              author_defined_assembly 
_pdbx_struct_assembly.method_details       ? 
_pdbx_struct_assembly.oligomeric_details   dodecameric 
_pdbx_struct_assembly.oligomeric_count     12 
# 
loop_
_pdbx_struct_assembly_gen.assembly_id 
_pdbx_struct_assembly_gen.oper_expression 
_pdbx_struct_assembly_gen.asym_id_list 
1 1 A,B,C,D 
1 2 A,B,C,D 
1 3 A,B,C,D 
# 
_pdbx_struct_assembly_auth_evidence.id                     1 
_pdbx_struct_assembly_auth_evidence.assembly_id            1 
_pdbx_struct_assembly_auth_evidence.experimental_support   'native gel electrophoresis' 
_pdbx_struct_assembly_auth_evidence.details                ? 
# 
loop_
_pdbx_struct_oper_list.id 
_pdbx_struct_oper_list.type 
_pdbx_struct_oper_list.name 
_pdbx_struct_oper_list.symmetry_operation 
_pdbx_struct_oper_list.matrix[1][1] 
_pdbx_struct_oper_list.matrix[1][2] 
_pdbx_struct_oper_list.matrix[1][3] 
_pdbx_struct_oper_list.vector[1] 
_pdbx_struct_oper_list.matrix[2][1] 
_pdbx_struct_oper_list.matrix[2][2] 
_pdbx_struct_oper_list.matrix[2][3] 
_pdbx_struct_oper_list.vector[2] 
_pdbx_struct_oper_list.matrix[3][1] 
_pdbx_struct_oper_list.matrix[3][2] 
_pdbx_struct_oper_list.matrix[3][3] 
_pdbx_struct_oper_list.vector[3] 
1 'identity operation'         1_555 x,y,z       1.0000000000 0.0000000000  0.0000000000  0.0000000000   0.0000000000  1.0000000000  0.0000000000  0.0000000000   0.0000000000  0.0000000000  1.0000000000  0.0000000000   
2 'crystal symmetry operation' 2_545 -y,x-y-1,z  0.6296828321 0.6162982905  -0.4729439165 -13.0683101673 -0.1980866216 -0.4612942246 -0.8648522005 -24.3111336862 -0.7511732299 0.6382664456  -0.1683886075 -32.4260559462 
3 'crystal symmetry operation' 3_655 -x+y+1,-x,z 0.6296828321 -0.1980866216 -0.7511732299 -20.9444049585 0.6162982905  -0.4612942246 0.6382664456  17.5358551245  -0.4729439165 -0.8648522005 -0.1683886075 -32.6662936651 
# 
loop_
_struct_conn.id 
_struct_conn.conn_type_id 
_struct_conn.pdbx_leaving_atom_flag 
_struct_conn.pdbx_PDB_id 
_struct_conn.ptnr1_label_asym_id 
_struct_conn.ptnr1_label_comp_id 
_struct_conn.ptnr1_label_seq_id 
_struct_conn.ptnr1_label_atom_id 
_struct_conn.pdbx_ptnr1_label_alt_id 
_struct_conn.pdbx_ptnr1_PDB_ins_code 
_struct_conn.pdbx_ptnr1_standard_comp_id 
_struct_conn.ptnr1_symmetry 
_struct_conn.ptnr2_label_asym_id 
_struct_conn.ptnr2_label_comp_id 
_struct_conn.ptnr2_label_seq_id 
_struct_conn.ptnr2_label_atom_id 
_struct_conn.pdbx_ptnr2_label_alt_id 
_struct_conn.pdbx_ptnr2_PDB_ins_code 
_struct_conn.ptnr1_auth_asym_id 
_struct_conn.ptnr1_auth_comp_id 
_struct_conn.ptnr1_auth_seq_id 
_struct_conn.ptnr2_auth_asym_id 
_struct_conn.ptnr2_auth_comp_id 
_struct_conn.ptnr2_auth_seq_id 
_struct_conn.ptnr2_symmetry 
_struct_conn.pdbx_ptnr3_label_atom_id 
_struct_conn.pdbx_ptnr3_label_seq_id 
_struct_conn.pdbx_ptnr3_label_comp_id 
_struct_conn.pdbx_ptnr3_label_asym_id 
_struct_conn.pdbx_ptnr3_label_alt_id 
_struct_conn.pdbx_ptnr3_PDB_ins_code 
_struct_conn.details 
_struct_conn.pdbx_dist_value 
_struct_conn.pdbx_value_order 
_struct_conn.pdbx_role 
hydrog1  hydrog ? ? A DA 1  N1 ? ? ? 1_555 B DT 8  N3 ? ? A DA 112 B DT 138 1_555 ? ? ? ? ? ? WATSON-CRICK    ? ? ? 
hydrog2  hydrog ? ? A DA 1  N6 ? ? ? 1_555 B DT 8  O4 ? ? A DA 112 B DT 138 1_555 ? ? ? ? ? ? WATSON-CRICK    ? ? ? 
hydrog3  hydrog ? ? A DC 2  N3 ? ? ? 1_555 B DG 7  N1 ? ? A DC 113 B DG 137 1_555 ? ? ? ? ? ? WATSON-CRICK    ? ? ? 
hydrog4  hydrog ? ? A DC 2  N4 ? ? ? 1_555 B DG 7  O6 ? ? A DC 113 B DG 137 1_555 ? ? ? ? ? ? WATSON-CRICK    ? ? ? 
hydrog5  hydrog ? ? A DC 2  O2 ? ? ? 1_555 B DG 7  N2 ? ? A DC 113 B DG 137 1_555 ? ? ? ? ? ? WATSON-CRICK    ? ? ? 
hydrog6  hydrog ? ? A DG 3  O6 ? ? ? 1_555 B DG 7  N2 ? ? A DG 114 B DG 137 1_555 ? ? ? ? ? ? 'DG-DG MISPAIR' ? ? ? 
hydrog7  hydrog ? ? A DG 4  N1 ? ? ? 1_555 B DC 6  N3 ? ? A DG 115 B DC 136 1_555 ? ? ? ? ? ? WATSON-CRICK    ? ? ? 
hydrog8  hydrog ? ? A DG 4  N2 ? ? ? 1_555 B DC 6  O2 ? ? A DG 115 B DC 136 1_555 ? ? ? ? ? ? WATSON-CRICK    ? ? ? 
hydrog9  hydrog ? ? A DG 4  O6 ? ? ? 1_555 B DC 6  N4 ? ? A DG 115 B DC 136 1_555 ? ? ? ? ? ? WATSON-CRICK    ? ? ? 
hydrog10 hydrog ? ? A DC 6  N4 ? ? ? 1_555 C DG 11 O6 ? ? A DC 117 D DG 207 1_555 ? ? ? ? ? ? 'DC-DG PAIR'    ? ? ? 
hydrog11 hydrog ? ? A DA 7  N1 ? ? ? 1_555 C DT 10 N3 ? ? A DA 118 D DT 206 1_555 ? ? ? ? ? ? WATSON-CRICK    ? ? ? 
hydrog12 hydrog ? ? A DA 7  N6 ? ? ? 1_555 C DT 10 O4 ? ? A DA 118 D DT 206 1_555 ? ? ? ? ? ? WATSON-CRICK    ? ? ? 
hydrog13 hydrog ? ? A DG 8  N1 ? ? ? 1_555 C DC 9  N3 ? ? A DG 119 D DC 205 1_555 ? ? ? ? ? ? WATSON-CRICK    ? ? ? 
hydrog14 hydrog ? ? A DG 8  N2 ? ? ? 1_555 C DC 9  O2 ? ? A DG 119 D DC 205 1_555 ? ? ? ? ? ? WATSON-CRICK    ? ? ? 
hydrog15 hydrog ? ? A DG 8  O6 ? ? ? 1_555 C DC 9  N4 ? ? A DG 119 D DC 205 1_555 ? ? ? ? ? ? WATSON-CRICK    ? ? ? 
hydrog16 hydrog ? ? A DC 9  N3 ? ? ? 1_555 C DG 8  N1 ? ? A DC 120 D DG 204 1_555 ? ? ? ? ? ? WATSON-CRICK    ? ? ? 
hydrog17 hydrog ? ? A DC 9  N4 ? ? ? 1_555 C DG 8  O6 ? ? A DC 120 D DG 204 1_555 ? ? ? ? ? ? WATSON-CRICK    ? ? ? 
hydrog18 hydrog ? ? A DC 9  O2 ? ? ? 1_555 C DG 8  N2 ? ? A DC 120 D DG 204 1_555 ? ? ? ? ? ? WATSON-CRICK    ? ? ? 
hydrog19 hydrog ? ? A DA 10 N1 ? ? ? 1_555 C DT 7  N3 ? ? A DA 121 D DT 203 1_555 ? ? ? ? ? ? WATSON-CRICK    ? ? ? 
hydrog20 hydrog ? ? A DA 10 N6 ? ? ? 1_555 C DT 7  O4 ? ? A DA 121 D DT 203 1_555 ? ? ? ? ? ? WATSON-CRICK    ? ? ? 
hydrog21 hydrog ? ? A DG 11 N1 ? ? ? 1_555 C DC 6  N3 ? ? A DG 122 D DC 202 1_555 ? ? ? ? ? ? WATSON-CRICK    ? ? ? 
hydrog22 hydrog ? ? A DG 11 N2 ? ? ? 1_555 C DC 6  O2 ? ? A DG 122 D DC 202 1_555 ? ? ? ? ? ? WATSON-CRICK    ? ? ? 
hydrog23 hydrog ? ? A DG 11 O6 ? ? ? 1_555 C DC 6  N4 ? ? A DG 122 D DC 202 1_555 ? ? ? ? ? ? WATSON-CRICK    ? ? ? 
hydrog24 hydrog ? ? A DT 12 N3 ? ? ? 1_555 C DA 5  N1 ? ? A DT 123 D DA 201 1_555 ? ? ? ? ? ? WATSON-CRICK    ? ? ? 
hydrog25 hydrog ? ? A DT 12 O4 ? ? ? 1_555 C DA 5  N6 ? ? A DT 123 D DA 201 1_555 ? ? ? ? ? ? WATSON-CRICK    ? ? ? 
hydrog26 hydrog ? ? A DG 13 N1 ? ? ? 1_555 C DC 4  N3 ? ? A DG 124 D DC 200 1_555 ? ? ? ? ? ? WATSON-CRICK    ? ? ? 
hydrog27 hydrog ? ? A DG 13 N2 ? ? ? 1_555 C DC 4  O2 ? ? A DG 124 D DC 200 1_555 ? ? ? ? ? ? WATSON-CRICK    ? ? ? 
hydrog28 hydrog ? ? A DG 13 O6 ? ? ? 1_555 C DC 4  N4 ? ? A DG 124 D DC 200 1_555 ? ? ? ? ? ? WATSON-CRICK    ? ? ? 
hydrog29 hydrog ? ? A DC 14 N3 ? ? ? 1_555 C DG 3  N1 ? ? A DC 125 D DG 199 1_555 ? ? ? ? ? ? WATSON-CRICK    ? ? ? 
hydrog30 hydrog ? ? A DC 14 N4 ? ? ? 1_555 C DG 3  O6 ? ? A DC 125 D DG 199 1_555 ? ? ? ? ? ? WATSON-CRICK    ? ? ? 
hydrog31 hydrog ? ? A DC 14 O2 ? ? ? 1_555 C DG 3  N2 ? ? A DC 125 D DG 199 1_555 ? ? ? ? ? ? WATSON-CRICK    ? ? ? 
hydrog32 hydrog ? ? A DA 15 N1 ? ? ? 1_555 C DT 2  N3 ? ? A DA 126 D DT 198 1_555 ? ? ? ? ? ? WATSON-CRICK    ? ? ? 
hydrog33 hydrog ? ? A DA 15 N6 ? ? ? 1_555 C DT 2  O4 ? ? A DA 126 D DT 198 1_555 ? ? ? ? ? ? WATSON-CRICK    ? ? ? 
hydrog34 hydrog ? ? B DC 1  N3 ? ? ? 1_555 D DG 6  N1 ? ? B DC 131 X DG 111 1_555 ? ? ? ? ? ? WATSON-CRICK    ? ? ? 
hydrog35 hydrog ? ? B DC 1  N4 ? ? ? 1_555 D DG 6  O6 ? ? B DC 131 X DG 111 1_555 ? ? ? ? ? ? WATSON-CRICK    ? ? ? 
hydrog36 hydrog ? ? B DC 1  O2 ? ? ? 1_555 D DG 6  N2 ? ? B DC 131 X DG 111 1_555 ? ? ? ? ? ? WATSON-CRICK    ? ? ? 
hydrog37 hydrog ? ? B DC 3  N3 ? ? ? 1_555 D DG 4  N1 ? ? B DC 133 X DG 109 1_555 ? ? ? ? ? ? WATSON-CRICK    ? ? ? 
hydrog38 hydrog ? ? B DC 3  N4 ? ? ? 1_555 D DG 4  O6 ? ? B DC 133 X DG 109 1_555 ? ? ? ? ? ? WATSON-CRICK    ? ? ? 
hydrog39 hydrog ? ? B DC 3  O2 ? ? ? 1_555 D DG 4  N2 ? ? B DC 133 X DG 109 1_555 ? ? ? ? ? ? WATSON-CRICK    ? ? ? 
hydrog40 hydrog ? ? B DA 4  N1 ? ? ? 1_555 D DT 3  N3 ? ? B DA 134 X DT 108 1_555 ? ? ? ? ? ? WATSON-CRICK    ? ? ? 
hydrog41 hydrog ? ? B DA 4  N6 ? ? ? 1_555 D DT 3  O4 ? ? B DA 134 X DT 108 1_555 ? ? ? ? ? ? WATSON-CRICK    ? ? ? 
hydrog42 hydrog ? ? C DG 13 N1 ? ? ? 1_555 D DC 2  N3 ? ? D DG 209 X DC 107 1_555 ? ? ? ? ? ? WATSON-CRICK    ? ? ? 
hydrog43 hydrog ? ? C DG 13 N2 ? ? ? 1_555 D DC 2  O2 ? ? D DG 209 X DC 107 1_555 ? ? ? ? ? ? WATSON-CRICK    ? ? ? 
hydrog44 hydrog ? ? C DG 13 O6 ? ? ? 1_555 D DC 2  N4 ? ? D DG 209 X DC 107 1_555 ? ? ? ? ? ? WATSON-CRICK    ? ? ? 
# 
_struct_conn_type.id          hydrog 
_struct_conn_type.criteria    ? 
_struct_conn_type.reference   ? 
# 
_pdbx_entry_details.entry_id                   9NEW 
_pdbx_entry_details.compound_details           ? 
_pdbx_entry_details.source_details             ? 
_pdbx_entry_details.nonpolymer_details         ? 
_pdbx_entry_details.sequence_details           ? 
_pdbx_entry_details.has_ligand_of_interest     ? 
_pdbx_entry_details.has_protein_modification   N 
# 
loop_
_pdbx_validate_rmsd_angle.id 
_pdbx_validate_rmsd_angle.PDB_model_num 
_pdbx_validate_rmsd_angle.auth_atom_id_1 
_pdbx_validate_rmsd_angle.auth_asym_id_1 
_pdbx_validate_rmsd_angle.auth_comp_id_1 
_pdbx_validate_rmsd_angle.auth_seq_id_1 
_pdbx_validate_rmsd_angle.PDB_ins_code_1 
_pdbx_validate_rmsd_angle.label_alt_id_1 
_pdbx_validate_rmsd_angle.auth_atom_id_2 
_pdbx_validate_rmsd_angle.auth_asym_id_2 
_pdbx_validate_rmsd_angle.auth_comp_id_2 
_pdbx_validate_rmsd_angle.auth_seq_id_2 
_pdbx_validate_rmsd_angle.PDB_ins_code_2 
_pdbx_validate_rmsd_angle.label_alt_id_2 
_pdbx_validate_rmsd_angle.auth_atom_id_3 
_pdbx_validate_rmsd_angle.auth_asym_id_3 
_pdbx_validate_rmsd_angle.auth_comp_id_3 
_pdbx_validate_rmsd_angle.auth_seq_id_3 
_pdbx_validate_rmsd_angle.PDB_ins_code_3 
_pdbx_validate_rmsd_angle.label_alt_id_3 
_pdbx_validate_rmsd_angle.angle_value 
_pdbx_validate_rmsd_angle.angle_target_value 
_pdbx_validate_rmsd_angle.angle_deviation 
_pdbx_validate_rmsd_angle.angle_standard_deviation 
_pdbx_validate_rmsd_angle.linker_flag 
1 1 "C3'" A DG 115 ? ? "C2'" A DG 115 ? ? "C1'" A DG 115 ? ? 97.59  102.40 -4.81 0.80 N 
2 1 "O4'" A DG 115 ? ? "C1'" A DG 115 ? ? N9    A DG 115 ? ? 110.59 108.30 2.29  0.30 N 
# 
loop_
_space_group_symop.id 
_space_group_symop.operation_xyz 
1 x,y,z        
2 x-y,x,z+1/2  
3 y,-x+y,z+1/2 
4 -y,x-y,z     
5 -x+y,-x,z    
6 -x,-y,z+1/2  
# 
loop_
_pdbx_refine_tls.id 
_pdbx_refine_tls.pdbx_refine_id 
_pdbx_refine_tls.details 
_pdbx_refine_tls.method 
_pdbx_refine_tls.origin_x 
_pdbx_refine_tls.origin_y 
_pdbx_refine_tls.origin_z 
_pdbx_refine_tls.T[1][1] 
_pdbx_refine_tls.T[1][1]_esd 
_pdbx_refine_tls.T[1][2] 
_pdbx_refine_tls.T[1][2]_esd 
_pdbx_refine_tls.T[1][3] 
_pdbx_refine_tls.T[1][3]_esd 
_pdbx_refine_tls.T[2][2] 
_pdbx_refine_tls.T[2][2]_esd 
_pdbx_refine_tls.T[2][3] 
_pdbx_refine_tls.T[2][3]_esd 
_pdbx_refine_tls.T[3][3] 
_pdbx_refine_tls.T[3][3]_esd 
_pdbx_refine_tls.L[1][1] 
_pdbx_refine_tls.L[1][1]_esd 
_pdbx_refine_tls.L[1][2] 
_pdbx_refine_tls.L[1][2]_esd 
_pdbx_refine_tls.L[1][3] 
_pdbx_refine_tls.L[1][3]_esd 
_pdbx_refine_tls.L[2][2] 
_pdbx_refine_tls.L[2][2]_esd 
_pdbx_refine_tls.L[2][3] 
_pdbx_refine_tls.L[2][3]_esd 
_pdbx_refine_tls.L[3][3] 
_pdbx_refine_tls.L[3][3]_esd 
_pdbx_refine_tls.S[1][1] 
_pdbx_refine_tls.S[1][1]_esd 
_pdbx_refine_tls.S[1][2] 
_pdbx_refine_tls.S[1][2]_esd 
_pdbx_refine_tls.S[1][3] 
_pdbx_refine_tls.S[1][3]_esd 
_pdbx_refine_tls.S[2][1] 
_pdbx_refine_tls.S[2][1]_esd 
_pdbx_refine_tls.S[2][2] 
_pdbx_refine_tls.S[2][2]_esd 
_pdbx_refine_tls.S[2][3] 
_pdbx_refine_tls.S[2][3]_esd 
_pdbx_refine_tls.S[3][1] 
_pdbx_refine_tls.S[3][1]_esd 
_pdbx_refine_tls.S[3][2] 
_pdbx_refine_tls.S[3][2]_esd 
_pdbx_refine_tls.S[3][3] 
_pdbx_refine_tls.S[3][3]_esd 
1 'X-RAY DIFFRACTION' ? refined 4.6232990055   3.6865106871   0.7686785340   0.04327920530  ? 5.1864475460    ? -11.64816404165 ? 9.999053913048 ? 2.21834072864  ? -2.4319350297 ? 3.68855661604  ? -0.25590527703 ? 3.98418034097   ? 0.33078924371  ? -1.091453100486 ? 3.180106064518 ? 14.44399461188  ? -0.0557701258  ? -1.19978736180  ? 6.0951155670   ? -3.333957576664 ? -5.27811551137  ? -2.30245650637  ? -2.09871776406  ? 4.4496801538  ? 
2 'X-RAY DIFFRACTION' ? refined -9.0886121805  -1.2343859715  -7.01636147841 5.88224972875  ? 1.39722657364   ? -1.872271690940 ? 13.162521501   ? 0.24518904443  ? 5.74722258483 ? 1.171562103010 ? -0.46067850431 ? 0.399711436985  ? 0.331136270979 ? -0.223129166418 ? 0.264195472699 ? -0.029508027114 ? 4.58210521790  ? -2.83855336249  ? -0.39822533294 ? 0.43953873398   ? -1.34095797300  ? -2.1599881881   ? 1.57751231375   ? 1.72766769235 ? 
3 'X-RAY DIFFRACTION' ? refined 6.7262247839   2.1852689361   6.3983227077   9.4173025279   ? 2.830700961567  ? -0.42463436537  ? 9.76328333132  ? -1.72169148981 ? 6.1168285590  ? -0.32712055335 ? -0.80550387888 ? 0.68825298712   ? 1.88996112493  ? -1.542296207272 ? 2.634335126509 ? 6.25131562362   ? 6.0013411941   ? 11.732314793373 ? 3.03829940438  ? -1.000312826595 ? -4.10870566262  ? -2.3349888480   ? -3.080291539242 ? 1.90516289187 ? 
4 'X-RAY DIFFRACTION' ? refined -14.4728590887 -12.4955079010 -6.87335434083 10.61394975644 ? -0.615634633370 ? -3.271720674732 ? 4.92479952148  ? -1.36740573502 ? 4.4729364873  ? 2.0500947480   ? -1.10681858579 ? -0.108754079109 ? 2.9116441942   ? 0.9011844603    ? 0.32720306230  ? 12.46615511655  ? 1.962333533655 ? -5.87606273218  ? 2.573510499259 ? 1.80297597583   ? -0.712377531815 ? -7.400631126183 ? -2.020788761481 ? 4.7152776865  ? 
# 
loop_
_pdbx_refine_tls_group.id 
_pdbx_refine_tls_group.pdbx_refine_id 
_pdbx_refine_tls_group.refine_tls_id 
_pdbx_refine_tls_group.beg_label_asym_id 
_pdbx_refine_tls_group.beg_label_seq_id 
_pdbx_refine_tls_group.beg_auth_asym_id 
_pdbx_refine_tls_group.beg_auth_seq_id 
_pdbx_refine_tls_group.beg_PDB_ins_code 
_pdbx_refine_tls_group.end_label_asym_id 
_pdbx_refine_tls_group.end_label_seq_id 
_pdbx_refine_tls_group.end_auth_asym_id 
_pdbx_refine_tls_group.end_auth_seq_id 
_pdbx_refine_tls_group.end_PDB_ins_code 
_pdbx_refine_tls_group.selection 
_pdbx_refine_tls_group.selection_details 
1 'X-RAY DIFFRACTION' 1 A ? A 112 ? A ? A 126 ? ? 
;chain 'A' and (resid 112 through 126 )
;
2 'X-RAY DIFFRACTION' 2 B ? B 131 ? B ? B 138 ? ? 
;chain 'B' and (resid 131 through 138 )
;
3 'X-RAY DIFFRACTION' 3 C ? D 197 ? C ? D 209 ? ? 
;chain 'D' and (resid 197 through 209 )
;
4 'X-RAY DIFFRACTION' 4 D ? X 106 ? D ? X 111 ? ? 
;chain 'X' and (resid 106 through 111 )
;
# 
loop_
_chem_comp_atom.comp_id 
_chem_comp_atom.atom_id 
_chem_comp_atom.type_symbol 
_chem_comp_atom.pdbx_aromatic_flag 
_chem_comp_atom.pdbx_stereo_config 
_chem_comp_atom.pdbx_ordinal 
DA OP3    O N N 1   
DA P      P N N 2   
DA OP1    O N N 3   
DA OP2    O N N 4   
DA "O5'"  O N N 5   
DA "C5'"  C N N 6   
DA "C4'"  C N R 7   
DA "O4'"  O N N 8   
DA "C3'"  C N S 9   
DA "O3'"  O N N 10  
DA "C2'"  C N N 11  
DA "C1'"  C N R 12  
DA N9     N Y N 13  
DA C8     C Y N 14  
DA N7     N Y N 15  
DA C5     C Y N 16  
DA C6     C Y N 17  
DA N6     N N N 18  
DA N1     N Y N 19  
DA C2     C Y N 20  
DA N3     N Y N 21  
DA C4     C Y N 22  
DA HOP3   H N N 23  
DA HOP2   H N N 24  
DA "H5'"  H N N 25  
DA "H5''" H N N 26  
DA "H4'"  H N N 27  
DA "H3'"  H N N 28  
DA "HO3'" H N N 29  
DA "H2'"  H N N 30  
DA "H2''" H N N 31  
DA "H1'"  H N N 32  
DA H8     H N N 33  
DA H61    H N N 34  
DA H62    H N N 35  
DA H2     H N N 36  
DC OP3    O N N 37  
DC P      P N N 38  
DC OP1    O N N 39  
DC OP2    O N N 40  
DC "O5'"  O N N 41  
DC "C5'"  C N N 42  
DC "C4'"  C N R 43  
DC "O4'"  O N N 44  
DC "C3'"  C N S 45  
DC "O3'"  O N N 46  
DC "C2'"  C N N 47  
DC "C1'"  C N R 48  
DC N1     N N N 49  
DC C2     C N N 50  
DC O2     O N N 51  
DC N3     N N N 52  
DC C4     C N N 53  
DC N4     N N N 54  
DC C5     C N N 55  
DC C6     C N N 56  
DC HOP3   H N N 57  
DC HOP2   H N N 58  
DC "H5'"  H N N 59  
DC "H5''" H N N 60  
DC "H4'"  H N N 61  
DC "H3'"  H N N 62  
DC "HO3'" H N N 63  
DC "H2'"  H N N 64  
DC "H2''" H N N 65  
DC "H1'"  H N N 66  
DC H41    H N N 67  
DC H42    H N N 68  
DC H5     H N N 69  
DC H6     H N N 70  
DG OP3    O N N 71  
DG P      P N N 72  
DG OP1    O N N 73  
DG OP2    O N N 74  
DG "O5'"  O N N 75  
DG "C5'"  C N N 76  
DG "C4'"  C N R 77  
DG "O4'"  O N N 78  
DG "C3'"  C N S 79  
DG "O3'"  O N N 80  
DG "C2'"  C N N 81  
DG "C1'"  C N R 82  
DG N9     N Y N 83  
DG C8     C Y N 84  
DG N7     N Y N 85  
DG C5     C Y N 86  
DG C6     C N N 87  
DG O6     O N N 88  
DG N1     N N N 89  
DG C2     C N N 90  
DG N2     N N N 91  
DG N3     N N N 92  
DG C4     C Y N 93  
DG HOP3   H N N 94  
DG HOP2   H N N 95  
DG "H5'"  H N N 96  
DG "H5''" H N N 97  
DG "H4'"  H N N 98  
DG "H3'"  H N N 99  
DG "HO3'" H N N 100 
DG "H2'"  H N N 101 
DG "H2''" H N N 102 
DG "H1'"  H N N 103 
DG H8     H N N 104 
DG H1     H N N 105 
DG H21    H N N 106 
DG H22    H N N 107 
DT OP3    O N N 108 
DT P      P N N 109 
DT OP1    O N N 110 
DT OP2    O N N 111 
DT "O5'"  O N N 112 
DT "C5'"  C N N 113 
DT "C4'"  C N R 114 
DT "O4'"  O N N 115 
DT "C3'"  C N S 116 
DT "O3'"  O N N 117 
DT "C2'"  C N N 118 
DT "C1'"  C N R 119 
DT N1     N N N 120 
DT C2     C N N 121 
DT O2     O N N 122 
DT N3     N N N 123 
DT C4     C N N 124 
DT O4     O N N 125 
DT C5     C N N 126 
DT C7     C N N 127 
DT C6     C N N 128 
DT HOP3   H N N 129 
DT HOP2   H N N 130 
DT "H5'"  H N N 131 
DT "H5''" H N N 132 
DT "H4'"  H N N 133 
DT "H3'"  H N N 134 
DT "HO3'" H N N 135 
DT "H2'"  H N N 136 
DT "H2''" H N N 137 
DT "H1'"  H N N 138 
DT H3     H N N 139 
DT H71    H N N 140 
DT H72    H N N 141 
DT H73    H N N 142 
DT H6     H N N 143 
# 
loop_
_chem_comp_bond.comp_id 
_chem_comp_bond.atom_id_1 
_chem_comp_bond.atom_id_2 
_chem_comp_bond.value_order 
_chem_comp_bond.pdbx_aromatic_flag 
_chem_comp_bond.pdbx_stereo_config 
_chem_comp_bond.pdbx_ordinal 
DA OP3   P      sing N N 1   
DA OP3   HOP3   sing N N 2   
DA P     OP1    doub N N 3   
DA P     OP2    sing N N 4   
DA P     "O5'"  sing N N 5   
DA OP2   HOP2   sing N N 6   
DA "O5'" "C5'"  sing N N 7   
DA "C5'" "C4'"  sing N N 8   
DA "C5'" "H5'"  sing N N 9   
DA "C5'" "H5''" sing N N 10  
DA "C4'" "O4'"  sing N N 11  
DA "C4'" "C3'"  sing N N 12  
DA "C4'" "H4'"  sing N N 13  
DA "O4'" "C1'"  sing N N 14  
DA "C3'" "O3'"  sing N N 15  
DA "C3'" "C2'"  sing N N 16  
DA "C3'" "H3'"  sing N N 17  
DA "O3'" "HO3'" sing N N 18  
DA "C2'" "C1'"  sing N N 19  
DA "C2'" "H2'"  sing N N 20  
DA "C2'" "H2''" sing N N 21  
DA "C1'" N9     sing N N 22  
DA "C1'" "H1'"  sing N N 23  
DA N9    C8     sing Y N 24  
DA N9    C4     sing Y N 25  
DA C8    N7     doub Y N 26  
DA C8    H8     sing N N 27  
DA N7    C5     sing Y N 28  
DA C5    C6     sing Y N 29  
DA C5    C4     doub Y N 30  
DA C6    N6     sing N N 31  
DA C6    N1     doub Y N 32  
DA N6    H61    sing N N 33  
DA N6    H62    sing N N 34  
DA N1    C2     sing Y N 35  
DA C2    N3     doub Y N 36  
DA C2    H2     sing N N 37  
DA N3    C4     sing Y N 38  
DC OP3   P      sing N N 39  
DC OP3   HOP3   sing N N 40  
DC P     OP1    doub N N 41  
DC P     OP2    sing N N 42  
DC P     "O5'"  sing N N 43  
DC OP2   HOP2   sing N N 44  
DC "O5'" "C5'"  sing N N 45  
DC "C5'" "C4'"  sing N N 46  
DC "C5'" "H5'"  sing N N 47  
DC "C5'" "H5''" sing N N 48  
DC "C4'" "O4'"  sing N N 49  
DC "C4'" "C3'"  sing N N 50  
DC "C4'" "H4'"  sing N N 51  
DC "O4'" "C1'"  sing N N 52  
DC "C3'" "O3'"  sing N N 53  
DC "C3'" "C2'"  sing N N 54  
DC "C3'" "H3'"  sing N N 55  
DC "O3'" "HO3'" sing N N 56  
DC "C2'" "C1'"  sing N N 57  
DC "C2'" "H2'"  sing N N 58  
DC "C2'" "H2''" sing N N 59  
DC "C1'" N1     sing N N 60  
DC "C1'" "H1'"  sing N N 61  
DC N1    C2     sing N N 62  
DC N1    C6     sing N N 63  
DC C2    O2     doub N N 64  
DC C2    N3     sing N N 65  
DC N3    C4     doub N N 66  
DC C4    N4     sing N N 67  
DC C4    C5     sing N N 68  
DC N4    H41    sing N N 69  
DC N4    H42    sing N N 70  
DC C5    C6     doub N N 71  
DC C5    H5     sing N N 72  
DC C6    H6     sing N N 73  
DG OP3   P      sing N N 74  
DG OP3   HOP3   sing N N 75  
DG P     OP1    doub N N 76  
DG P     OP2    sing N N 77  
DG P     "O5'"  sing N N 78  
DG OP2   HOP2   sing N N 79  
DG "O5'" "C5'"  sing N N 80  
DG "C5'" "C4'"  sing N N 81  
DG "C5'" "H5'"  sing N N 82  
DG "C5'" "H5''" sing N N 83  
DG "C4'" "O4'"  sing N N 84  
DG "C4'" "C3'"  sing N N 85  
DG "C4'" "H4'"  sing N N 86  
DG "O4'" "C1'"  sing N N 87  
DG "C3'" "O3'"  sing N N 88  
DG "C3'" "C2'"  sing N N 89  
DG "C3'" "H3'"  sing N N 90  
DG "O3'" "HO3'" sing N N 91  
DG "C2'" "C1'"  sing N N 92  
DG "C2'" "H2'"  sing N N 93  
DG "C2'" "H2''" sing N N 94  
DG "C1'" N9     sing N N 95  
DG "C1'" "H1'"  sing N N 96  
DG N9    C8     sing Y N 97  
DG N9    C4     sing Y N 98  
DG C8    N7     doub Y N 99  
DG C8    H8     sing N N 100 
DG N7    C5     sing Y N 101 
DG C5    C6     sing N N 102 
DG C5    C4     doub Y N 103 
DG C6    O6     doub N N 104 
DG C6    N1     sing N N 105 
DG N1    C2     sing N N 106 
DG N1    H1     sing N N 107 
DG C2    N2     sing N N 108 
DG C2    N3     doub N N 109 
DG N2    H21    sing N N 110 
DG N2    H22    sing N N 111 
DG N3    C4     sing N N 112 
DT OP3   P      sing N N 113 
DT OP3   HOP3   sing N N 114 
DT P     OP1    doub N N 115 
DT P     OP2    sing N N 116 
DT P     "O5'"  sing N N 117 
DT OP2   HOP2   sing N N 118 
DT "O5'" "C5'"  sing N N 119 
DT "C5'" "C4'"  sing N N 120 
DT "C5'" "H5'"  sing N N 121 
DT "C5'" "H5''" sing N N 122 
DT "C4'" "O4'"  sing N N 123 
DT "C4'" "C3'"  sing N N 124 
DT "C4'" "H4'"  sing N N 125 
DT "O4'" "C1'"  sing N N 126 
DT "C3'" "O3'"  sing N N 127 
DT "C3'" "C2'"  sing N N 128 
DT "C3'" "H3'"  sing N N 129 
DT "O3'" "HO3'" sing N N 130 
DT "C2'" "C1'"  sing N N 131 
DT "C2'" "H2'"  sing N N 132 
DT "C2'" "H2''" sing N N 133 
DT "C1'" N1     sing N N 134 
DT "C1'" "H1'"  sing N N 135 
DT N1    C2     sing N N 136 
DT N1    C6     sing N N 137 
DT C2    O2     doub N N 138 
DT C2    N3     sing N N 139 
DT N3    C4     sing N N 140 
DT N3    H3     sing N N 141 
DT C4    O4     doub N N 142 
DT C4    C5     sing N N 143 
DT C5    C7     sing N N 144 
DT C5    C6     doub N N 145 
DT C7    H71    sing N N 146 
DT C7    H72    sing N N 147 
DT C7    H73    sing N N 148 
DT C6    H6     sing N N 149 
# 
loop_
_ndb_struct_conf_na.entry_id 
_ndb_struct_conf_na.feature 
9NEW 'double helix'        
9NEW 'b-form double helix' 
# 
loop_
_ndb_struct_na_base_pair.model_number 
_ndb_struct_na_base_pair.i_label_asym_id 
_ndb_struct_na_base_pair.i_label_comp_id 
_ndb_struct_na_base_pair.i_label_seq_id 
_ndb_struct_na_base_pair.i_symmetry 
_ndb_struct_na_base_pair.j_label_asym_id 
_ndb_struct_na_base_pair.j_label_comp_id 
_ndb_struct_na_base_pair.j_label_seq_id 
_ndb_struct_na_base_pair.j_symmetry 
_ndb_struct_na_base_pair.shear 
_ndb_struct_na_base_pair.stretch 
_ndb_struct_na_base_pair.stagger 
_ndb_struct_na_base_pair.buckle 
_ndb_struct_na_base_pair.propeller 
_ndb_struct_na_base_pair.opening 
_ndb_struct_na_base_pair.pair_number 
_ndb_struct_na_base_pair.pair_name 
_ndb_struct_na_base_pair.i_auth_asym_id 
_ndb_struct_na_base_pair.i_auth_seq_id 
_ndb_struct_na_base_pair.i_PDB_ins_code 
_ndb_struct_na_base_pair.j_auth_asym_id 
_ndb_struct_na_base_pair.j_auth_seq_id 
_ndb_struct_na_base_pair.j_PDB_ins_code 
_ndb_struct_na_base_pair.hbond_type_28 
_ndb_struct_na_base_pair.hbond_type_12 
1 A DA 1  1_555 B DT 8  1_555 0.176  -0.100 0.490  -1.844  -14.417 -8.196  1  A_DA112:DT138_B A 112 ? B 138 ? 20 1 
1 A DC 2  1_555 B DG 7  1_555 0.169  -0.124 0.313  -5.160  -8.495  0.620   2  A_DC113:DG137_B A 113 ? B 137 ? 19 1 
1 A DG 4  1_555 B DC 6  1_555 -0.172 -0.336 1.226  4.730   3.116   5.347   3  A_DG115:DC136_B A 115 ? B 136 ? 19 1 
1 A DC 6  1_555 C DG 11 1_555 1.355  -0.306 -0.584 4.485   -19.918 -13.551 4  A_DC117:DG207_D A 117 ? D 207 ? ?  1 
1 A DA 7  1_555 C DT 10 1_555 0.130  0.024  0.147  -8.469  -4.868  -4.475  5  A_DA118:DT206_D A 118 ? D 206 ? 20 1 
1 A DG 8  1_555 C DC 9  1_555 -0.098 -0.392 -1.315 -8.768  -0.743  1.786   6  A_DG119:DC205_D A 119 ? D 205 ? 19 1 
1 A DC 9  1_555 C DG 8  1_555 0.207  -0.210 -0.755 -1.593  -0.458  0.153   7  A_DC120:DG204_D A 120 ? D 204 ? 19 1 
1 A DA 10 1_555 C DT 7  1_555 0.253  -0.293 -1.460 -17.173 -13.939 0.574   8  A_DA121:DT203_D A 121 ? D 203 ? 20 1 
1 A DG 11 1_555 C DC 6  1_555 -0.116 -0.375 -1.538 -17.940 -5.585  0.787   9  A_DG122:DC202_D A 122 ? D 202 ? 19 1 
1 A DT 12 1_555 C DA 5  1_555 -0.190 -0.187 -0.533 -4.800  1.356   0.611   10 A_DT123:DA201_D A 123 ? D 201 ? 20 1 
1 A DG 13 1_555 C DC 4  1_555 -0.201 -0.066 -0.176 -20.382 -13.418 1.403   11 A_DG124:DC200_D A 124 ? D 200 ? 19 1 
1 A DC 14 1_555 C DG 3  1_555 0.252  -0.224 -0.582 -7.242  0.592   -0.297  12 A_DC125:DG199_D A 125 ? D 199 ? 19 1 
1 A DA 15 1_555 C DT 2  1_555 0.022  -0.165 -1.287 -23.769 -19.171 0.798   13 A_DA126:DT198_D A 126 ? D 198 ? 20 1 
1 B DC 1  1_555 D DG 6  1_555 0.183  -0.211 0.280  -1.785  -11.348 -3.145  14 B_DC131:DG111_X B 131 ? X 111 ? 19 1 
1 B DC 3  1_555 D DG 4  1_555 0.224  -0.188 -0.259 -0.910  -3.362  2.827   15 B_DC133:DG109_X B 133 ? X 109 ? 19 1 
1 B DA 4  1_555 D DT 3  1_555 0.123  -0.268 -0.509 -0.144  -1.305  7.540   16 B_DA134:DT108_X B 134 ? X 108 ? 20 1 
1 C DG 13 1_555 D DC 2  1_555 -0.299 -0.366 -1.368 -11.781 -10.215 8.651   17 D_DG209:DC107_X D 209 ? X 107 ? 19 1 
# 
loop_
_ndb_struct_na_base_pair_step.model_number 
_ndb_struct_na_base_pair_step.i_label_asym_id_1 
_ndb_struct_na_base_pair_step.i_label_comp_id_1 
_ndb_struct_na_base_pair_step.i_label_seq_id_1 
_ndb_struct_na_base_pair_step.i_symmetry_1 
_ndb_struct_na_base_pair_step.j_label_asym_id_1 
_ndb_struct_na_base_pair_step.j_label_comp_id_1 
_ndb_struct_na_base_pair_step.j_label_seq_id_1 
_ndb_struct_na_base_pair_step.j_symmetry_1 
_ndb_struct_na_base_pair_step.i_label_asym_id_2 
_ndb_struct_na_base_pair_step.i_label_comp_id_2 
_ndb_struct_na_base_pair_step.i_label_seq_id_2 
_ndb_struct_na_base_pair_step.i_symmetry_2 
_ndb_struct_na_base_pair_step.j_label_asym_id_2 
_ndb_struct_na_base_pair_step.j_label_comp_id_2 
_ndb_struct_na_base_pair_step.j_label_seq_id_2 
_ndb_struct_na_base_pair_step.j_symmetry_2 
_ndb_struct_na_base_pair_step.shift 
_ndb_struct_na_base_pair_step.slide 
_ndb_struct_na_base_pair_step.rise 
_ndb_struct_na_base_pair_step.tilt 
_ndb_struct_na_base_pair_step.roll 
_ndb_struct_na_base_pair_step.twist 
_ndb_struct_na_base_pair_step.x_displacement 
_ndb_struct_na_base_pair_step.y_displacement 
_ndb_struct_na_base_pair_step.helical_rise 
_ndb_struct_na_base_pair_step.inclination 
_ndb_struct_na_base_pair_step.tip 
_ndb_struct_na_base_pair_step.helical_twist 
_ndb_struct_na_base_pair_step.step_number 
_ndb_struct_na_base_pair_step.step_name 
_ndb_struct_na_base_pair_step.i_auth_asym_id_1 
_ndb_struct_na_base_pair_step.i_auth_seq_id_1 
_ndb_struct_na_base_pair_step.i_PDB_ins_code_1 
_ndb_struct_na_base_pair_step.j_auth_asym_id_1 
_ndb_struct_na_base_pair_step.j_auth_seq_id_1 
_ndb_struct_na_base_pair_step.j_PDB_ins_code_1 
_ndb_struct_na_base_pair_step.i_auth_asym_id_2 
_ndb_struct_na_base_pair_step.i_auth_seq_id_2 
_ndb_struct_na_base_pair_step.i_PDB_ins_code_2 
_ndb_struct_na_base_pair_step.j_auth_asym_id_2 
_ndb_struct_na_base_pair_step.j_auth_seq_id_2 
_ndb_struct_na_base_pair_step.j_PDB_ins_code_2 
1 A DA 1  1_555 B DT 8  1_555 A DC 2  1_555 B DG 7  1_555 -0.368 -1.001 3.071 1.170  -2.093 28.990 -1.559 0.975  3.117 -4.171 
-2.331 29.087 1  AA_DA112DC113:DG137DT138_BB A 112 ? B 138 ? A 113 ? B 137 ? 
1 A DC 2  1_555 B DG 7  1_555 A DG 4  1_555 B DC 6  1_555 -1.709 1.470  4.179 4.853  6.148  43.487 1.217  2.856  4.135 8.217  
-6.488 44.154 2  AA_DC113DG115:DC136DG137_BB A 113 ? B 137 ? A 115 ? B 136 ? 
1 A DC 6  1_555 C DG 11 1_555 A DA 7  1_555 C DT 10 1_555 -0.430 -0.008 3.403 -6.161 10.369 30.388 -1.914 -0.364 3.250 18.874 
11.215 32.642 3  AA_DC117DA118:DT206DG207_DD A 117 ? D 207 ? A 118 ? D 206 ? 
1 A DA 7  1_555 C DT 10 1_555 A DG 8  1_555 C DC 9  1_555 -0.211 0.550  3.951 1.000  2.003  36.699 0.541  0.500  3.968 3.177  
-1.587 36.765 4  AA_DA118DG119:DC205DT206_DD A 118 ? D 206 ? A 119 ? D 205 ? 
1 A DG 8  1_555 C DC 9  1_555 A DC 9  1_555 C DG 8  1_555 -0.376 -0.835 3.103 -4.804 0.986  27.315 -1.969 -0.321 3.091 2.067  
10.069 27.743 5  AA_DG119DC120:DG204DC205_DD A 119 ? D 205 ? A 120 ? D 204 ? 
1 A DC 9  1_555 C DG 8  1_555 A DA 10 1_555 C DT 7  1_555 -0.260 -0.535 3.656 5.086  30.990 27.996 -4.211 0.933  2.057 48.641 
-7.983 41.836 6  AA_DC120DA121:DT203DG204_DD A 120 ? D 204 ? A 121 ? D 203 ? 
1 A DA 10 1_555 C DT 7  1_555 A DG 11 1_555 C DC 6  1_555 -0.791 2.032  3.065 -5.519 -2.329 39.394 3.235  0.564  3.024 -3.431 
8.130  39.829 7  AA_DA121DG122:DC202DT203_DD A 121 ? D 203 ? A 122 ? D 202 ? 
1 A DG 11 1_555 C DC 6  1_555 A DT 12 1_555 C DA 5  1_555 -0.645 -0.158 3.139 -8.431 3.480  32.513 -0.827 -0.235 3.169 6.068  
14.702 33.735 8  AA_DG122DT123:DA201DC202_DD A 122 ? D 202 ? A 123 ? D 201 ? 
1 A DT 12 1_555 C DA 5  1_555 A DG 13 1_555 C DC 4  1_555 0.783  -1.387 3.355 -0.430 16.610 29.335 -4.897 -1.419 2.257 29.961 
0.776  33.624 9  AA_DT123DG124:DC200DA201_DD A 123 ? D 201 ? A 124 ? D 200 ? 
1 A DG 13 1_555 C DC 4  1_555 A DC 14 1_555 C DG 3  1_555 -0.994 2.137  3.651 -2.783 3.111  38.439 2.787  1.107  3.865 4.709  
4.211  38.656 10 AA_DG124DC125:DG199DC200_DD A 124 ? D 200 ? A 125 ? D 199 ? 
1 A DC 14 1_555 C DG 3  1_555 A DA 15 1_555 C DT 2  1_555 0.248  -0.294 3.519 2.585  28.801 25.151 -4.311 -0.033 2.143 49.623 
-4.455 38.147 11 AA_DC125DA126:DT198DG199_DD A 125 ? D 199 ? A 126 ? D 198 ? 
1 B DC 1  1_555 D DG 6  1_555 B DC 3  1_555 D DG 4  1_555 0.095  0.945  6.002 4.132  9.909  63.940 0.107  0.235  6.070 9.288  
-3.874 64.740 12 BB_DC131DC133:DG109DG111_XX B 131 ? X 111 ? B 133 ? X 109 ? 
1 B DC 3  1_555 D DG 4  1_555 B DA 4  1_555 D DT 3  1_555 0.507  2.890  3.180 1.050  2.317  29.569 5.150  -0.768 3.407 4.530  
-2.052 29.676 13 BB_DC133DA134:DT108DG109_XX B 133 ? X 109 ? B 134 ? X 108 ? 
1 B DA 4  1_555 D DT 3  1_555 C DG 13 1_555 D DC 2  1_555 0.667  0.367  3.641 1.364  21.898 31.760 -2.615 -0.816 3.253 35.247 
-2.196 38.440 14 BD_DA134DG209:DC107DT108_XX B 134 ? X 108 ? D 209 ? X 107 ? 
# 
loop_
_pdbx_audit_support.funding_organization 
_pdbx_audit_support.country 
_pdbx_audit_support.grant_number 
_pdbx_audit_support.ordinal 
'Office of Naval Research (ONR)'                   'United States' N000141912596 1 
'Department of Energy (DOE, United States)'        'United States' DE-SC0007991  2 
'National Science Foundation (NSF, United States)' 'United States' CCF-2106790   3 
'National Science Foundation (NSF, United States)' 'United States' GCR-2317843   4 
# 
_pdbx_initial_refinement_model.id               1 
_pdbx_initial_refinement_model.entity_id_list   ? 
_pdbx_initial_refinement_model.type             'experimental model' 
_pdbx_initial_refinement_model.source_name      PDB 
_pdbx_initial_refinement_model.accession_code   8D93 
_pdbx_initial_refinement_model.details          'tensegrity triangle' 
# 
_space_group.name_H-M_alt     'P 63' 
_space_group.name_Hall        'P 6c' 
_space_group.IT_number        173 
_space_group.crystal_system   hexagonal 
_space_group.id               1 
# 
_atom_sites.entry_id                    9NEW 
_atom_sites.Cartn_transf_matrix[1][1]   ? 
_atom_sites.Cartn_transf_matrix[1][2]   ? 
_atom_sites.Cartn_transf_matrix[1][3]   ? 
_atom_sites.Cartn_transf_matrix[2][1]   ? 
_atom_sites.Cartn_transf_matrix[2][2]   ? 
_atom_sites.Cartn_transf_matrix[2][3]   ? 
_atom_sites.Cartn_transf_matrix[3][1]   ? 
_atom_sites.Cartn_transf_matrix[3][2]   ? 
_atom_sites.Cartn_transf_matrix[3][3]   ? 
_atom_sites.Cartn_transf_vector[1]      ? 
_atom_sites.Cartn_transf_vector[2]      ? 
_atom_sites.Cartn_transf_vector[3]      ? 
_atom_sites.Cartn_transform_axes        ? 
_atom_sites.fract_transf_matrix[1][1]   -0.00421874 
_atom_sites.fract_transf_matrix[1][2]   0.00057522 
_atom_sites.fract_transf_matrix[1][3]   -0.00759005 
_atom_sites.fract_transf_matrix[2][1]   -0.00293097 
_atom_sites.fract_transf_matrix[2][2]   0.00771025 
_atom_sites.fract_transf_matrix[2][3]   -0.00277556 
_atom_sites.fract_transf_matrix[3][1]   0.01702154 
_atom_sites.fract_transf_matrix[3][2]   0.00315071 
_atom_sites.fract_transf_matrix[3][3]   -0.00922222 
_atom_sites.fract_transf_vector[1]      0.122154 
_atom_sites.fract_transf_vector[2]      -0.409392 
_atom_sites.fract_transf_vector[3]      0.146804 
_atom_sites.solution_primary            ? 
_atom_sites.solution_secondary          ? 
_atom_sites.solution_hydrogens          ? 
_atom_sites.special_details             ? 
# 
loop_
_atom_type.symbol 
_atom_type.scat_dispersion_real 
_atom_type.scat_dispersion_imag 
_atom_type.scat_Cromer_Mann_a1 
_atom_type.scat_Cromer_Mann_a2 
_atom_type.scat_Cromer_Mann_a3 
_atom_type.scat_Cromer_Mann_a4 
_atom_type.scat_Cromer_Mann_b1 
_atom_type.scat_Cromer_Mann_b2 
_atom_type.scat_Cromer_Mann_b3 
_atom_type.scat_Cromer_Mann_b4 
_atom_type.scat_Cromer_Mann_c 
_atom_type.scat_source 
_atom_type.scat_dispersion_source 
C ? ? 5.96793  ? ? ? 14.89577 ? ? ? 0.0 
;1-Gaussian fit: Grosse-Kunstleve RW, Sauter NK, Adams PD: Newsletter of the IUCr Commission on Crystallographic Computing 2004, 3, 22-31.
;
? 
N ? ? 6.96715  ? ? ? 11.43723 ? ? ? 0.0 
;1-Gaussian fit: Grosse-Kunstleve RW, Sauter NK, Adams PD: Newsletter of the IUCr Commission on Crystallographic Computing 2004, 3, 22-31.
;
? 
O ? ? 7.96527  ? ? ? 9.05267  ? ? ? 0.0 
;1-Gaussian fit: Grosse-Kunstleve RW, Sauter NK, Adams PD: Newsletter of the IUCr Commission on Crystallographic Computing 2004, 3, 22-31.
;
? 
P ? ? 14.90797 ? ? ? 11.91318 ? ? ? 0.0 
;1-Gaussian fit: Grosse-Kunstleve RW, Sauter NK, Adams PD: Newsletter of the IUCr Commission on Crystallographic Computing 2004, 3, 22-31.
;
? 
# 
loop_
_atom_site.group_PDB 
_atom_site.id 
_atom_site.type_symbol 
_atom_site.label_atom_id 
_atom_site.label_alt_id 
_atom_site.label_comp_id 
_atom_site.label_asym_id 
_atom_site.label_entity_id 
_atom_site.label_seq_id 
_atom_site.pdbx_PDB_ins_code 
_atom_site.Cartn_x 
_atom_site.Cartn_y 
_atom_site.Cartn_z 
_atom_site.occupancy 
_atom_site.B_iso_or_equiv 
_atom_site.pdbx_formal_charge 
_atom_site.auth_seq_id 
_atom_site.auth_comp_id 
_atom_site.auth_asym_id 
_atom_site.auth_atom_id 
_atom_site.pdbx_PDB_model_num 
ATOM 1   P P     . DA A 1 1  ? -14.18802 -1.89139  -16.72439 1.000 760.99312  ? 112 DA A P     1 
ATOM 2   O OP1   . DA A 1 1  ? -14.96707 -2.78303  -17.61083 1.000 756.37378  ? 112 DA A OP1   1 
ATOM 3   O OP2   . DA A 1 1  ? -14.20752 -2.12465  -15.26099 1.000 767.82156  ? 112 DA A OP2   1 
ATOM 4   O "O5'" . DA A 1 1  ? -12.66816 -1.86821  -17.22699 1.000 764.72902  ? 112 DA A "O5'" 1 
ATOM 5   C "C5'" . DA A 1 1  ? -12.36769 -1.49563  -18.57290 1.000 759.87250  ? 112 DA A "C5'" 1 
ATOM 6   C "C4'" . DA A 1 1  ? -11.67617 -0.14545  -18.61436 1.000 760.08321  ? 112 DA A "C4'" 1 
ATOM 7   O "O4'" . DA A 1 1  ? -12.44256 0.80495   -17.84766 1.000 758.13948  ? 112 DA A "O4'" 1 
ATOM 8   C "C3'" . DA A 1 1  ? -10.26530 -0.13595  -18.03948 1.000 768.31097  ? 112 DA A "C3'" 1 
ATOM 9   O "O3'" . DA A 1 1  ? -9.29455  0.21159   -19.06924 1.000 768.46731  ? 112 DA A "O3'" 1 
ATOM 10  C "C2'" . DA A 1 1  ? -10.30791 0.85083   -16.85337 1.000 770.93080  ? 112 DA A "C2'" 1 
ATOM 11  C "C1'" . DA A 1 1  ? -11.60120 1.62741   -17.07504 1.000 763.41146  ? 112 DA A "C1'" 1 
ATOM 12  N N9    . DA A 1 1  ? -12.34295 1.96241   -15.85595 1.000 764.70846  ? 112 DA A N9    1 
ATOM 13  C C8    . DA A 1 1  ? -13.26530 1.17383   -15.22833 1.000 764.92545  ? 112 DA A C8    1 
ATOM 14  N N7    . DA A 1 1  ? -13.81727 1.72923   -14.17805 1.000 766.53292  ? 112 DA A N7    1 
ATOM 15  C C5    . DA A 1 1  ? -13.23095 2.98091   -14.11602 1.000 767.16854  ? 112 DA A C5    1 
ATOM 16  C C6    . DA A 1 1  ? -13.39460 4.05533   -13.21904 1.000 769.18185  ? 112 DA A C6    1 
ATOM 17  N N6    . DA A 1 1  ? -14.23566 4.02495   -12.18117 1.000 770.92208  ? 112 DA A N6    1 
ATOM 18  N N1    . DA A 1 1  ? -12.66327 5.16772   -13.43818 1.000 769.85704  ? 112 DA A N1    1 
ATOM 19  C C2    . DA A 1 1  ? -11.82946 5.19448   -14.48803 1.000 768.71536  ? 112 DA A C2    1 
ATOM 20  N N3    . DA A 1 1  ? -11.58424 4.24121   -15.39323 1.000 766.91779  ? 112 DA A N3    1 
ATOM 21  C C4    . DA A 1 1  ? -12.33289 3.15228   -15.15436 1.000 766.03851  ? 112 DA A C4    1 
ATOM 22  P P     . DC A 1 2  ? -9.16211  1.69777   -19.68103 1.000 700.84921  ? 113 DC A P     1 
ATOM 23  O OP1   . DC A 1 2  ? -10.48202 2.33451   -19.88123 1.000 695.07740  ? 113 DC A OP1   1 
ATOM 24  O OP2   . DC A 1 2  ? -8.26847  1.56557   -20.85128 1.000 707.82191  ? 113 DC A OP2   1 
ATOM 25  O "O5'" . DC A 1 2  ? -8.33936  2.48889   -18.56915 1.000 708.08067  ? 113 DC A "O5'" 1 
ATOM 26  C "C5'" . DC A 1 2  ? -8.42237  3.89919   -18.48363 1.000 711.62668  ? 113 DC A "C5'" 1 
ATOM 27  C "C4'" . DC A 1 2  ? -7.54212  4.39403   -17.35505 1.000 721.66335  ? 113 DC A "C4'" 1 
ATOM 28  O "O4'" . DC A 1 2  ? -8.33860  4.61862   -16.16290 1.000 715.03338  ? 113 DC A "O4'" 1 
ATOM 29  C "C3'" . DC A 1 2  ? -6.43809  3.41449   -16.95919 1.000 730.02232  ? 113 DC A "C3'" 1 
ATOM 30  O "O3'" . DC A 1 2  ? -5.18340  4.06186   -16.97662 1.000 744.01992  ? 113 DC A "O3'" 1 
ATOM 31  C "C2'" . DC A 1 2  ? -6.82378  2.94650   -15.55237 1.000 725.73760  ? 113 DC A "C2'" 1 
ATOM 32  C "C1'" . DC A 1 2  ? -7.65995  4.10217   -15.03674 1.000 721.00365  ? 113 DC A "C1'" 1 
ATOM 33  N N1    . DC A 1 2  ? -8.67654  3.68417   -14.03501 1.000 719.19931  ? 113 DC A N1    1 
ATOM 34  C C2    . DC A 1 2  ? -9.08353  4.57749   -13.04420 1.000 720.56152  ? 113 DC A C2    1 
ATOM 35  O O2    . DC A 1 2  ? -8.58890  5.70801   -13.01890 1.000 721.91348  ? 113 DC A O2    1 
ATOM 36  N N3    . DC A 1 2  ? -10.02493 4.18139   -12.14959 1.000 720.78884  ? 113 DC A N3    1 
ATOM 37  C C4    . DC A 1 2  ? -10.53934 2.95136   -12.22210 1.000 719.84658  ? 113 DC A C4    1 
ATOM 38  N N4    . DC A 1 2  ? -11.46284 2.60241   -11.31866 1.000 720.82573  ? 113 DC A N4    1 
ATOM 39  C C5    . DC A 1 2  ? -10.12595 2.02403   -13.21967 1.000 718.46105  ? 113 DC A C5    1 
ATOM 40  C C6    . DC A 1 2  ? -9.20360  2.42981   -14.09579 1.000 718.13336  ? 113 DC A C6    1 
ATOM 41  P P     . DG A 1 3  ? -4.06252  3.59803   -18.03087 1.000 653.66849  ? 114 DG A P     1 
ATOM 42  O OP1   . DG A 1 3  ? -4.62277  3.74881   -19.39120 1.000 648.55403  ? 114 DG A OP1   1 
ATOM 43  O OP2   . DG A 1 3  ? -3.53566  2.28849   -17.58625 1.000 652.91042  ? 114 DG A OP2   1 
ATOM 44  O "O5'" . DG A 1 3  ? -2.89124  4.66302   -17.83537 1.000 669.62953  ? 114 DG A "O5'" 1 
ATOM 45  C "C5'" . DG A 1 3  ? -2.02599  4.55524   -16.71314 1.000 679.90260  ? 114 DG A "C5'" 1 
ATOM 46  C "C4'" . DG A 1 3  ? -1.79376  5.91039   -16.06825 1.000 682.96737  ? 114 DG A "C4'" 1 
ATOM 47  O "O4'" . DG A 1 3  ? -3.01265  6.35864   -15.41146 1.000 670.13017  ? 114 DG A "O4'" 1 
ATOM 48  C "C3'" . DG A 1 3  ? -0.71544  5.93121   -14.99058 1.000 692.48453  ? 114 DG A "C3'" 1 
ATOM 49  O "O3'" . DG A 1 3  ? -0.05183  7.18742   -15.00657 1.000 700.96920  ? 114 DG A "O3'" 1 
ATOM 50  C "C2'" . DG A 1 3  ? -1.52495  5.73900   -13.71236 1.000 682.34252  ? 114 DG A "C2'" 1 
ATOM 51  C "C1'" . DG A 1 3  ? -2.76937  6.55352   -14.03058 1.000 672.12532  ? 114 DG A "C1'" 1 
ATOM 52  N N9    . DG A 1 3  ? -3.95691  6.13080   -13.28911 1.000 659.61291  ? 114 DG A N9    1 
ATOM 53  C C8    . DG A 1 3  ? -4.63814  4.94733   -13.43205 1.000 650.48514  ? 114 DG A C8    1 
ATOM 54  N N7    . DG A 1 3  ? -5.66710  4.84105   -12.63975 1.000 641.21372  ? 114 DG A N7    1 
ATOM 55  C C5    . DG A 1 3  ? -5.67777  6.03353   -11.93130 1.000 644.39170  ? 114 DG A C5    1 
ATOM 56  C C6    . DG A 1 3  ? -6.56074  6.48143   -10.92367 1.000 638.98016  ? 114 DG A C6    1 
ATOM 57  O O6    . DG A 1 3  ? -7.54926  5.89845   -10.45688 1.000 629.98641  ? 114 DG A O6    1 
ATOM 58  N N1    . DG A 1 3  ? -6.21811  7.74866   -10.46054 1.000 646.01549  ? 114 DG A N1    1 
ATOM 59  C C2    . DG A 1 3  ? -5.14861  8.48367   -10.90887 1.000 656.94843  ? 114 DG A C2    1 
ATOM 60  N N2    . DG A 1 3  ? -4.97243  9.68500   -10.34090 1.000 663.09149  ? 114 DG A N2    1 
ATOM 61  N N3    . DG A 1 3  ? -4.31242  8.07378   -11.85445 1.000 662.34892  ? 114 DG A N3    1 
ATOM 62  C C4    . DG A 1 3  ? -4.63143  6.83978   -12.31360 1.000 655.58385  ? 114 DG A C4    1 
ATOM 63  P P     . DG A 1 4  ? 1.27653   7.42139   -14.13445 1.000 623.33771  ? 115 DG A P     1 
ATOM 64  O OP1   . DG A 1 4  ? 1.90397   8.66847   -14.62709 1.000 633.14864  ? 115 DG A OP1   1 
ATOM 65  O OP2   . DG A 1 4  ? 2.05736   6.16257   -14.14458 1.000 628.82463  ? 115 DG A OP2   1 
ATOM 66  O "O5'" . DG A 1 4  ? 0.72070   7.67666   -12.65322 1.000 615.64686  ? 115 DG A "O5'" 1 
ATOM 67  C "C5'" . DG A 1 4  ? -0.18425  8.75616   -12.40935 1.000 611.32252  ? 115 DG A "C5'" 1 
ATOM 68  C "C4'" . DG A 1 4  ? -0.66209  8.76443   -10.96475 1.000 605.92696  ? 115 DG A "C4'" 1 
ATOM 69  O "O4'" . DG A 1 4  ? -1.86724  7.96281   -10.83981 1.000 592.83124  ? 115 DG A "O4'" 1 
ATOM 70  C "C3'" . DG A 1 4  ? 0.31974   8.17758   -9.93684  1.000 613.89865  ? 115 DG A "C3'" 1 
ATOM 71  O "O3'" . DG A 1 4  ? 0.17029   8.84700   -8.67938  1.000 614.37303  ? 115 DG A "O3'" 1 
ATOM 72  C "C2'" . DG A 1 4  ? -0.20859  6.75410   -9.80912  1.000 606.06947  ? 115 DG A "C2'" 1 
ATOM 73  C "C1'" . DG A 1 4  ? -1.68198  7.09174   -9.75623  1.000 593.10611  ? 115 DG A "C1'" 1 
ATOM 74  N N9    . DG A 1 4  ? -2.60783  5.96290   -9.83980  1.000 582.12088  ? 115 DG A N9    1 
ATOM 75  C C8    . DG A 1 4  ? -2.51430  4.83800   -10.62815 1.000 579.48874  ? 115 DG A C8    1 
ATOM 76  N N7    . DG A 1 4  ? -3.51158  4.00541   -10.45823 1.000 569.24922  ? 115 DG A N7    1 
ATOM 77  C C5    . DG A 1 4  ? -4.30498  4.61709   -9.49077  1.000 565.11912  ? 115 DG A C5    1 
ATOM 78  C C6    . DG A 1 4  ? -5.52315  4.19972   -8.89331  1.000 555.37086  ? 115 DG A C6    1 
ATOM 79  O O6    . DG A 1 4  ? -6.17928  3.17083   -9.10356  1.000 547.84571  ? 115 DG A O6    1 
ATOM 80  N N1    . DG A 1 4  ? -5.98773  5.13169   -7.96643  1.000 555.67851  ? 115 DG A N1    1 
ATOM 81  C C2    . DG A 1 4  ? -5.35166  6.30842   -7.65620  1.000 564.20456  ? 115 DG A C2    1 
ATOM 82  N N2    . DG A 1 4  ? -5.93856  7.08217   -6.73537  1.000 564.10829  ? 115 DG A N2    1 
ATOM 83  N N3    . DG A 1 4  ? -4.22229  6.70578   -8.20518  1.000 573.07834  ? 115 DG A N3    1 
ATOM 84  C C4    . DG A 1 4  ? -3.75759  5.81668   -9.10954  1.000 572.98914  ? 115 DG A C4    1 
ATOM 85  P P     . DA A 1 5  ? 0.48628   10.41377  -8.48380  1.000 545.54814  ? 116 DA A P     1 
ATOM 86  O OP1   . DA A 1 5  ? 0.94196   11.02067  -9.75232  1.000 543.96018  ? 116 DA A OP1   1 
ATOM 87  O OP2   . DA A 1 5  ? 1.35582   10.50839  -7.29479  1.000 553.86247  ? 116 DA A OP2   1 
ATOM 88  O "O5'" . DA A 1 5  ? -0.92975  11.03663  -8.05727  1.000 540.68352  ? 116 DA A "O5'" 1 
ATOM 89  C "C5'" . DA A 1 5  ? -0.98378  12.20610  -7.22507  1.000 544.27908  ? 116 DA A "C5'" 1 
ATOM 90  C "C4'" . DA A 1 5  ? -1.91994  12.00070  -6.03894  1.000 544.42102  ? 116 DA A "C4'" 1 
ATOM 91  O "O4'" . DA A 1 5  ? -2.61466  10.73228  -6.16944  1.000 540.16089  ? 116 DA A "O4'" 1 
ATOM 92  C "C3'" . DA A 1 5  ? -1.24019  11.97095  -4.66674  1.000 552.82727  ? 116 DA A "C3'" 1 
ATOM 93  O "O3'" . DA A 1 5  ? -2.00626  12.71876  -3.73420  1.000 553.96700  ? 116 DA A "O3'" 1 
ATOM 94  C "C2'" . DA A 1 5  ? -1.22816  10.48381  -4.31412  1.000 553.49791  ? 116 DA A "C2'" 1 
ATOM 95  C "C1'" . DA A 1 5  ? -2.52315  10.01978  -4.95604  1.000 545.26339  ? 116 DA A "C1'" 1 
ATOM 96  N N9    . DA A 1 5  ? -2.55748  8.59299   -5.26294  1.000 543.62538  ? 116 DA A N9    1 
ATOM 97  C C8    . DA A 1 5  ? -1.74318  7.91833   -6.12959  1.000 543.51604  ? 116 DA A C8    1 
ATOM 98  N N7    . DA A 1 5  ? -2.00989  6.63682   -6.21918  1.000 542.25257  ? 116 DA A N7    1 
ATOM 99  C C5    . DA A 1 5  ? -3.07887  6.45891   -5.35424  1.000 541.52186  ? 116 DA A C5    1 
ATOM 100 C C6    . DA A 1 5  ? -3.83073  5.32102   -4.99867  1.000 540.70920  ? 116 DA A C6    1 
ATOM 101 N N6    . DA A 1 5  ? -3.60361  4.10129   -5.49624  1.000 540.31106  ? 116 DA A N6    1 
ATOM 102 N N1    . DA A 1 5  ? -4.83268  5.48949   -4.10832  1.000 540.87469  ? 116 DA A N1    1 
ATOM 103 C C2    . DA A 1 5  ? -5.05825  6.71240   -3.61349  1.000 541.66471  ? 116 DA A C2    1 
ATOM 104 N N3    . DA A 1 5  ? -4.41957  7.85283   -3.87280  1.000 542.42898  ? 116 DA A N3    1 
ATOM 105 C C4    . DA A 1 5  ? -3.43102  7.65474   -4.76106  1.000 542.32225  ? 116 DA A C4    1 
ATOM 106 P P     . DC A 1 6  ? -1.37430  13.14094  -2.31639  1.000 529.48273  ? 117 DC A P     1 
ATOM 107 O OP1   . DC A 1 6  ? -1.91536  14.46740  -1.95759  1.000 528.88573  ? 117 DC A OP1   1 
ATOM 108 O OP2   . DC A 1 6  ? 0.09284   12.96516  -2.39612  1.000 534.47889  ? 117 DC A OP2   1 
ATOM 109 O "O5'" . DC A 1 6  ? -1.95940  12.05631  -1.28905  1.000 529.51153  ? 117 DC A "O5'" 1 
ATOM 110 C "C5'" . DC A 1 6  ? -3.36101  11.79427  -1.24919  1.000 524.93584  ? 117 DC A "C5'" 1 
ATOM 111 C "C4'" . DC A 1 6  ? -3.68915  10.64620  -0.29906  1.000 526.51940  ? 117 DC A "C4'" 1 
ATOM 112 O "O4'" . DC A 1 6  ? -3.62963  9.38109   -1.01358  1.000 525.16174  ? 117 DC A "O4'" 1 
ATOM 113 C "C3'" . DC A 1 6  ? -2.76700  10.50263  0.92034   1.000 532.65143  ? 117 DC A "C3'" 1 
ATOM 114 O "O3'" . DC A 1 6  ? -3.54883  10.33965  2.12103   1.000 533.70542  ? 117 DC A "O3'" 1 
ATOM 115 C "C2'" . DC A 1 6  ? -1.94905  9.24832   0.60015   1.000 534.69500  ? 117 DC A "C2'" 1 
ATOM 116 C "C1'" . DC A 1 6  ? -2.92423  8.43850   -0.24085  1.000 529.84179  ? 117 DC A "C1'" 1 
ATOM 117 N N1    . DC A 1 6  ? -2.25286  7.47145   -1.16731  1.000 529.70514  ? 117 DC A N1    1 
ATOM 118 C C2    . DC A 1 6  ? -2.70618  6.15074   -1.24026  1.000 528.92803  ? 117 DC A C2    1 
ATOM 119 O O2    . DC A 1 6  ? -3.66044  5.79863   -0.53558  1.000 528.64439  ? 117 DC A O2    1 
ATOM 120 N N3    . DC A 1 6  ? -2.08493  5.28864   -2.08871  1.000 528.79951  ? 117 DC A N3    1 
ATOM 121 C C4    . DC A 1 6  ? -1.05843  5.70808   -2.83296  1.000 529.47805  ? 117 DC A C4    1 
ATOM 122 N N4    . DC A 1 6  ? -0.47621  4.82513   -3.65434  1.000 529.37143  ? 117 DC A N4    1 
ATOM 123 C C5    . DC A 1 6  ? -0.58384  7.04868   -2.76961  1.000 530.63375  ? 117 DC A C5    1 
ATOM 124 C C6    . DC A 1 6  ? -1.20289  7.88804   -1.93141  1.000 530.67690  ? 117 DC A C6    1 
ATOM 125 P P     . DA A 1 7  ? -2.88497  10.56856  3.57063   1.000 548.73305  ? 118 DA A P     1 
ATOM 126 O OP1   . DA A 1 7  ? -3.59172  11.69244  4.23169   1.000 547.99625  ? 118 DA A OP1   1 
ATOM 127 O OP2   . DA A 1 7  ? -1.42489  10.66348  3.36668   1.000 552.22993  ? 118 DA A OP2   1 
ATOM 128 O "O5'" . DA A 1 7  ? -3.15780  9.19210   4.35630   1.000 551.22759  ? 118 DA A "O5'" 1 
ATOM 129 C "C5'" . DA A 1 7  ? -4.46702  8.61371   4.36970   1.000 548.43979  ? 118 DA A "C5'" 1 
ATOM 130 C "C4'" . DA A 1 7  ? -4.46111  7.21269   4.98225   1.000 551.95854  ? 118 DA A "C4'" 1 
ATOM 131 O "O4'" . DA A 1 7  ? -4.04916  6.23173   3.99143   1.000 550.82562  ? 118 DA A "O4'" 1 
ATOM 132 C "C3'" . DA A 1 7  ? -3.53734  7.00843   6.17740   1.000 558.28720  ? 118 DA A "C3'" 1 
ATOM 133 O "O3'" . DA A 1 7  ? -4.14411  6.08142   7.09444   1.000 561.34246  ? 118 DA A "O3'" 1 
ATOM 134 C "C2'" . DA A 1 7  ? -2.27264  6.44433   5.52538   1.000 559.69476  ? 118 DA A "C2'" 1 
ATOM 135 C "C1'" . DA A 1 7  ? -2.84749  5.59497   4.39604   1.000 555.71929  ? 118 DA A "C1'" 1 
ATOM 136 N N9    . DA A 1 7  ? -1.97832  5.50982   3.22346   1.000 554.12597  ? 118 DA A N9    1 
ATOM 137 C C8    . DA A 1 7  ? -1.46327  6.56123   2.52109   1.000 552.30617  ? 118 DA A C8    1 
ATOM 138 N N7    . DA A 1 7  ? -0.72837  6.20764   1.49540   1.000 551.52792  ? 118 DA A N7    1 
ATOM 139 C C5    . DA A 1 7  ? -0.76419  4.82150   1.51634   1.000 552.59899  ? 118 DA A C5    1 
ATOM 140 C C6    . DA A 1 7  ? -0.17621  3.84450   0.68264   1.000 552.48285  ? 118 DA A C6    1 
ATOM 141 N N6    . DA A 1 7  ? 0.58932   4.14663   -0.36990  1.000 551.22562  ? 118 DA A N6    1 
ATOM 142 N N1    . DA A 1 7  ? -0.40590  2.54256   0.97274   1.000 554.04427  ? 118 DA A N1    1 
ATOM 143 C C2    . DA A 1 7  ? -1.17221  2.24852   2.03303   1.000 555.93952  ? 118 DA A C2    1 
ATOM 144 N N3    . DA A 1 7  ? -1.78205  3.08060   2.88905   1.000 556.30855  ? 118 DA A N3    1 
ATOM 145 C C4    . DA A 1 7  ? -1.53333  4.36797   2.57108   1.000 554.36224  ? 118 DA A C4    1 
ATOM 146 P P     . DG A 1 8  ? -3.26346  5.24473   8.15008   1.000 558.86804  ? 119 DG A P     1 
ATOM 147 O OP1   . DG A 1 8  ? -4.18893  4.77028   9.20146   1.000 561.75534  ? 119 DG A OP1   1 
ATOM 148 O OP2   . DG A 1 8  ? -2.08001  6.03909   8.54706   1.000 561.36303  ? 119 DG A OP2   1 
ATOM 149 O "O5'" . DG A 1 8  ? -2.77653  3.97243   7.31303   1.000 558.82753  ? 119 DG A "O5'" 1 
ATOM 150 C "C5'" . DG A 1 8  ? -3.62695  2.83494   7.18190   1.000 558.68773  ? 119 DG A "C5'" 1 
ATOM 151 C "C4'" . DG A 1 8  ? -2.92948  1.57215   7.67354   1.000 563.99340  ? 119 DG A "C4'" 1 
ATOM 152 O "O4'" . DG A 1 8  ? -1.93640  1.16135   6.70697   1.000 562.83260  ? 119 DG A "O4'" 1 
ATOM 153 C "C3'" . DG A 1 8  ? -2.18849  1.71570   8.99899   1.000 569.84455  ? 119 DG A "C3'" 1 
ATOM 154 O "O3'" . DG A 1 8  ? -2.34388  0.52712   9.85116   1.000 575.17694  ? 119 DG A "O3'" 1 
ATOM 155 C "C2'" . DG A 1 8  ? -0.73850  2.00455   8.59889   1.000 570.14347  ? 119 DG A "C2'" 1 
ATOM 156 C "C1'" . DG A 1 8  ? -0.62928  1.44893   7.17720   1.000 566.23863  ? 119 DG A "C1'" 1 
ATOM 157 N N9    . DG A 1 8  ? 0.01341   2.36601   6.23749   1.000 562.80996  ? 119 DG A N9    1 
ATOM 158 C C8    . DG A 1 8  ? 0.01072   3.74156   6.27473   1.000 561.08109  ? 119 DG A C8    1 
ATOM 159 N N7    . DG A 1 8  ? 0.67305   4.28806   5.29010   1.000 558.73181  ? 119 DG A N7    1 
ATOM 160 C C5    . DG A 1 8  ? 1.14477   3.20412   4.55776   1.000 558.70948  ? 119 DG A C5    1 
ATOM 161 C C6    . DG A 1 8  ? 1.92662   3.16314   3.37724   1.000 556.97842  ? 119 DG A C6    1 
ATOM 162 O O6    . DG A 1 8  ? 2.38368   4.10759   2.72120   1.000 555.39205  ? 119 DG A O6    1 
ATOM 163 N N1    . DG A 1 8  ? 2.18057   1.85186   2.97272   1.000 557.66523  ? 119 DG A N1    1 
ATOM 164 C C2    . DG A 1 8  ? 1.72981   0.72719   3.62441   1.000 559.94667  ? 119 DG A C2    1 
ATOM 165 N N2    . DG A 1 8  ? 2.06799   -0.45681  3.09101   1.000 560.43756  ? 119 DG A N2    1 
ATOM 166 N N3    . DG A 1 8  ? 0.99931   0.75565   4.72406   1.000 561.95565  ? 119 DG A N3    1 
ATOM 167 C C4    . DG A 1 8  ? 0.74456   2.01859   5.13103   1.000 561.09248  ? 119 DG A C4    1 
ATOM 168 P P     . DC A 1 9  ? -1.62366  -0.88853  9.55591   1.000 577.84742  ? 120 DC A P     1 
ATOM 169 O OP1   . DC A 1 9  ? -1.91652  -1.31687  8.17049   1.000 573.01721  ? 120 DC A OP1   1 
ATOM 170 O OP2   . DC A 1 9  ? -2.02322  -1.76716  10.67855  1.000 583.71927  ? 120 DC A OP2   1 
ATOM 171 O "O5'" . DC A 1 9  ? -0.05442  -0.60567  9.72248   1.000 579.82713  ? 120 DC A "O5'" 1 
ATOM 172 C "C5'" . DC A 1 9  ? 0.81912   -1.64152  10.14958  1.000 584.35919  ? 120 DC A "C5'" 1 
ATOM 173 C "C4'" . DC A 1 9  ? 1.58247   -2.23309  8.97749   1.000 582.05559  ? 120 DC A "C4'" 1 
ATOM 174 O "O4'" . DC A 1 9  ? 1.76639   -1.22695  7.94739   1.000 576.96549  ? 120 DC A "O4'" 1 
ATOM 175 C "C3'" . DC A 1 9  ? 2.98160   -2.75595  9.32165   1.000 585.72199  ? 120 DC A "C3'" 1 
ATOM 176 O "O3'" . DC A 1 9  ? 3.14598   -4.07337  8.82122   1.000 586.40851  ? 120 DC A "O3'" 1 
ATOM 177 C "C2'" . DC A 1 9  ? 3.92021   -1.77127  8.62335   1.000 582.93812  ? 120 DC A "C2'" 1 
ATOM 178 C "C1'" . DC A 1 9  ? 3.07601   -1.32537  7.44488   1.000 577.29181  ? 120 DC A "C1'" 1 
ATOM 179 N N1    . DC A 1 9  ? 3.47799   -0.00025  6.89353   1.000 574.30272  ? 120 DC A N1    1 
ATOM 180 C C2    . DC A 1 9  ? 4.27773   0.05886   5.74617   1.000 572.13756  ? 120 DC A C2    1 
ATOM 181 O O2    . DC A 1 9  ? 4.63744   -0.99579  5.20672   1.000 572.42885  ? 120 DC A O2    1 
ATOM 182 N N3    . DC A 1 9  ? 4.63681   1.27429   5.25687   1.000 570.08900  ? 120 DC A N3    1 
ATOM 183 C C4    . DC A 1 9  ? 4.22484   2.38826   5.87136   1.000 569.88564  ? 120 DC A C4    1 
ATOM 184 N N4    . DC A 1 9  ? 4.59989   3.56445   5.35506   1.000 568.19472  ? 120 DC A N4    1 
ATOM 185 C C5    . DC A 1 9  ? 3.41182   2.34455   7.04242   1.000 571.74971  ? 120 DC A C5    1 
ATOM 186 C C6    . DC A 1 9  ? 3.06525   1.14177   7.51292   1.000 574.04274  ? 120 DC A C6    1 
ATOM 187 P P     . DA A 1 10 ? 4.05552   -5.13254  9.61641   1.000 591.75805  ? 121 DA A P     1 
ATOM 188 O OP1   . DA A 1 10 ? 3.71733   -6.47870  9.10961   1.000 592.08151  ? 121 DA A OP1   1 
ATOM 189 O OP2   . DA A 1 10 ? 3.92025   -4.83606  11.05896  1.000 596.11884  ? 121 DA A OP2   1 
ATOM 190 O "O5'" . DA A 1 10 ? 5.55395   -4.77423  9.17984   1.000 591.05258  ? 121 DA A "O5'" 1 
ATOM 191 C "C5'" . DA A 1 10 ? 5.91515   -4.75863  7.80269   1.000 587.08975  ? 121 DA A "C5'" 1 
ATOM 192 C "C4'" . DA A 1 10 ? 7.41054   -4.53743  7.63530   1.000 588.06415  ? 121 DA A "C4'" 1 
ATOM 193 O "O4'" . DA A 1 10 ? 7.64726   -3.27634  6.95428   1.000 584.96877  ? 121 DA A "O4'" 1 
ATOM 194 C "C3'" . DA A 1 10 ? 8.20755   -4.43957  8.93251   1.000 592.56287  ? 121 DA A "C3'" 1 
ATOM 195 O "O3'" . DA A 1 10 ? 9.55175   -4.83290  8.69101   1.000 593.86643  ? 121 DA A "O3'" 1 
ATOM 196 C "C2'" . DA A 1 10 ? 8.13973   -2.94726  9.20636   1.000 591.48640  ? 121 DA A "C2'" 1 
ATOM 197 C "C1'" . DA A 1 10 ? 8.39686   -2.42913  7.80350   1.000 587.44650  ? 121 DA A "C1'" 1 
ATOM 198 N N9    . DA A 1 10 ? 7.96249   -1.05928  7.58705   1.000 584.81282  ? 121 DA A N9    1 
ATOM 199 C C8    . DA A 1 10 ? 6.97206   -0.39427  8.24882   1.000 584.35570  ? 121 DA A C8    1 
ATOM 200 N N7    . DA A 1 10 ? 6.79111   0.83536   7.82906   1.000 581.63705  ? 121 DA A N7    1 
ATOM 201 C C5    . DA A 1 10 ? 7.73061   0.98347   6.82037   1.000 580.55065  ? 121 DA A C5    1 
ATOM 202 C C6    . DA A 1 10 ? 8.05819   2.06293   5.97416   1.000 578.30355  ? 121 DA A C6    1 
ATOM 203 N N6    . DA A 1 10 ? 7.43527   3.24250   6.01574   1.000 576.29701  ? 121 DA A N6    1 
ATOM 204 N N1    . DA A 1 10 ? 9.05325   1.87807   5.07552   1.000 578.48312  ? 121 DA A N1    1 
ATOM 205 C C2    . DA A 1 10 ? 9.66567   0.69017   5.03378   1.000 580.39462  ? 121 DA A C2    1 
ATOM 206 N N3    . DA A 1 10 ? 9.44829   -0.39212  5.77853   1.000 582.35961  ? 121 DA A N3    1 
ATOM 207 C C4    . DA A 1 10 ? 8.45912   -0.17686  6.65897   1.000 582.46529  ? 121 DA A C4    1 
ATOM 208 P P     . DG A 1 11 ? 9.95164   -6.38434  8.57404   1.000 595.68463  ? 122 DG A P     1 
ATOM 209 O OP1   . DG A 1 11 ? 9.34450   -6.93429  7.34082   1.000 592.36043  ? 122 DG A OP1   1 
ATOM 210 O OP2   . DG A 1 11 ? 9.66648   -7.01848  9.87781   1.000 599.63831  ? 122 DG A OP2   1 
ATOM 211 O "O5'" . DG A 1 11 ? 11.53777  -6.34529  8.36470   1.000 596.85020  ? 122 DG A "O5'" 1 
ATOM 212 C "C5'" . DG A 1 11 ? 12.08143  -6.61538  7.07713   1.000 594.72441  ? 122 DG A "C5'" 1 
ATOM 213 C "C4'" . DG A 1 11 ? 13.12562  -5.58064  6.67476   1.000 594.50660  ? 122 DG A "C4'" 1 
ATOM 214 O "O4'" . DG A 1 11 ? 12.55588  -4.24482  6.69452   1.000 592.70865  ? 122 DG A "O4'" 1 
ATOM 215 C "C3'" . DG A 1 11 ? 14.37539  -5.52202  7.54808   1.000 598.14654  ? 122 DG A "C3'" 1 
ATOM 216 O "O3'" . DG A 1 11 ? 15.51503  -5.39082  6.70373   1.000 598.27243  ? 122 DG A "O3'" 1 
ATOM 217 C "C2'" . DG A 1 11 ? 14.14160  -4.27100  8.40110   1.000 598.69967  ? 122 DG A "C2'" 1 
ATOM 218 C "C1'" . DG A 1 11 ? 13.39942  -3.37729  7.42458   1.000 595.03075  ? 122 DG A "C1'" 1 
ATOM 219 N N9    . DG A 1 11 ? 12.54428  -2.36271  8.03850   1.000 594.26448  ? 122 DG A N9    1 
ATOM 220 C C8    . DG A 1 11 ? 11.64529  -2.54132  9.06196   1.000 595.29407  ? 122 DG A C8    1 
ATOM 221 N N7    . DG A 1 11 ? 10.98921  -1.45572  9.37195   1.000 594.19311  ? 122 DG A N7    1 
ATOM 222 C C5    . DG A 1 11 ? 11.46433  -0.50232  8.47986   1.000 592.18870  ? 122 DG A C5    1 
ATOM 223 C C6    . DG A 1 11 ? 11.12036  0.86467   8.33229   1.000 590.37076  ? 122 DG A C6    1 
ATOM 224 O O6    . DG A 1 11 ? 10.29600  1.52464   8.98284   1.000 589.91768  ? 122 DG A O6    1 
ATOM 225 N N1    . DG A 1 11 ? 11.84866  1.47381   7.30657   1.000 589.28893  ? 122 DG A N1    1 
ATOM 226 C C2    . DG A 1 11 ? 12.78835  0.83526   6.52150   1.000 589.97392  ? 122 DG A C2    1 
ATOM 227 N N2    . DG A 1 11 ? 13.39713  1.58151   5.57831   1.000 589.38369  ? 122 DG A N2    1 
ATOM 228 N N3    . DG A 1 11 ? 13.11495  -0.44352  6.65433   1.000 591.42581  ? 122 DG A N3    1 
ATOM 229 C C4    . DG A 1 11 ? 12.41683  -1.04696  7.64784   1.000 592.40163  ? 122 DG A C4    1 
ATOM 230 P P     . DT A 1 12 ? 17.00367  -5.34667  7.30614   1.000 627.79443  ? 123 DT A P     1 
ATOM 231 O OP1   . DT A 1 12 ? 17.86635  -6.15516  6.41578   1.000 628.19570  ? 123 DT A OP1   1 
ATOM 232 O OP2   . DT A 1 12 ? 16.95275  -5.65100  8.75277   1.000 630.22296  ? 123 DT A OP2   1 
ATOM 233 O "O5'" . DT A 1 12 ? 17.41737  -3.81319  7.14557   1.000 627.72991  ? 123 DT A "O5'" 1 
ATOM 234 C "C5'" . DT A 1 12 ? 18.78030  -3.45492  6.95995   1.000 629.98711  ? 123 DT A "C5'" 1 
ATOM 235 C "C4'" . DT A 1 12 ? 18.88615  -2.11367  6.25622   1.000 629.16357  ? 123 DT A "C4'" 1 
ATOM 236 O "O4'" . DT A 1 12 ? 17.65066  -1.37035  6.44840   1.000 626.67023  ? 123 DT A "O4'" 1 
ATOM 237 C "C3'" . DT A 1 12 ? 20.00264  -1.20451  6.76509   1.000 632.15031  ? 123 DT A "C3'" 1 
ATOM 238 O "O3'" . DT A 1 12 ? 20.52663  -0.42592  5.69517   1.000 632.44072  ? 123 DT A "O3'" 1 
ATOM 239 C "C2'" . DT A 1 12 ? 19.27453  -0.33420  7.77778   1.000 631.61526  ? 123 DT A "C2'" 1 
ATOM 240 C "C1'" . DT A 1 12 ? 17.93101  -0.14502  7.09111   1.000 627.95486  ? 123 DT A "C1'" 1 
ATOM 241 N N1    . DT A 1 12 ? 16.82586  0.16695   8.04132   1.000 626.87057  ? 123 DT A N1    1 
ATOM 242 C C2    . DT A 1 12 ? 16.34290  1.45196   8.10861   1.000 625.73810  ? 123 DT A C2    1 
ATOM 243 O O2    . DT A 1 12 ? 16.77205  2.36135   7.42220   1.000 625.63848  ? 123 DT A O2    1 
ATOM 244 N N3    . DT A 1 12 ? 15.33739  1.63709   9.02526   1.000 625.05655  ? 123 DT A N3    1 
ATOM 245 C C4    . DT A 1 12 ? 14.77920  0.68653   9.85637   1.000 625.76379  ? 123 DT A C4    1 
ATOM 246 O O4    . DT A 1 12 ? 13.87584  0.94647   10.64628  1.000 625.58406  ? 123 DT A O4    1 
ATOM 247 C C5    . DT A 1 12 ? 15.33271  -0.63596  9.73566   1.000 627.05723  ? 123 DT A C5    1 
ATOM 248 C C7    . DT A 1 12 ? 14.80645  -1.74292  10.59251  1.000 628.35547  ? 123 DT A C7    1 
ATOM 249 C C6    . DT A 1 12 ? 16.31980  -0.83176  8.84662   1.000 627.37170  ? 123 DT A C6    1 
ATOM 250 P P     . DG A 1 13 ? 22.05276  0.07934   5.72990   1.000 713.59184  ? 124 DG A P     1 
ATOM 251 O OP1   . DG A 1 13 ? 22.55334  0.08469   4.33783   1.000 719.91721  ? 124 DG A OP1   1 
ATOM 252 O OP2   . DG A 1 13 ? 22.76312  -0.71645  6.75479   1.000 717.71048  ? 124 DG A OP2   1 
ATOM 253 O "O5'" . DG A 1 13 ? 21.95118  1.59432   6.24424   1.000 712.35450  ? 124 DG A "O5'" 1 
ATOM 254 C "C5'" . DG A 1 13 ? 21.97914  1.88658   7.64158   1.000 711.59811  ? 124 DG A "C5'" 1 
ATOM 255 C "C4'" . DG A 1 13 ? 21.13515  3.11174   7.95804   1.000 705.39409  ? 124 DG A "C4'" 1 
ATOM 256 O "O4'" . DG A 1 13 ? 19.86512  2.69197   8.48711   1.000 702.80057  ? 124 DG A "O4'" 1 
ATOM 257 C "C3'" . DG A 1 13 ? 21.69928  4.00366   9.04990   1.000 708.27959  ? 124 DG A "C3'" 1 
ATOM 258 O "O3'" . DG A 1 13 ? 22.58540  5.01052   8.51377   1.000 714.47877  ? 124 DG A "O3'" 1 
ATOM 259 C "C2'" . DG A 1 13 ? 20.45362  4.61060   9.73048   1.000 705.22644  ? 124 DG A "C2'" 1 
ATOM 260 C "C1'" . DG A 1 13 ? 19.30490  3.78119   9.18447   1.000 702.23998  ? 124 DG A "C1'" 1 
ATOM 261 N N9    . DG A 1 13 ? 18.35241  3.28669   10.18727  1.000 701.26446  ? 124 DG A N9    1 
ATOM 262 C C8    . DG A 1 13 ? 18.10572  1.98225   10.53152  1.000 701.36797  ? 124 DG A C8    1 
ATOM 263 N N7    . DG A 1 13 ? 17.16036  1.85055   11.42470  1.000 700.92430  ? 124 DG A N7    1 
ATOM 264 C C5    . DG A 1 13 ? 16.75582  3.15123   11.68635  1.000 700.23764  ? 124 DG A C5    1 
ATOM 265 C C6    . DG A 1 13 ? 15.76652  3.65046   12.57751  1.000 699.78278  ? 124 DG A C6    1 
ATOM 266 O O6    . DG A 1 13 ? 15.02259  3.00452   13.33019  1.000 700.21418  ? 124 DG A O6    1 
ATOM 267 N N1    . DG A 1 13 ? 15.67895  5.04146   12.53334  1.000 699.08410  ? 124 DG A N1    1 
ATOM 268 C C2    . DG A 1 13 ? 16.45027  5.85196   11.73189  1.000 699.11717  ? 124 DG A C2    1 
ATOM 269 N N2    . DG A 1 13 ? 16.23439  7.17458   11.81720  1.000 698.59431  ? 124 DG A N2    1 
ATOM 270 N N3    . DG A 1 13 ? 17.37826  5.39787   10.90067  1.000 699.94560  ? 124 DG A N3    1 
ATOM 271 C C4    . DG A 1 13 ? 17.47505  4.05269   10.92954  1.000 700.33706  ? 124 DG A C4    1 
ATOM 272 P P     . DC A 1 14 ? 22.15041  5.99125   7.31207   1.000 774.58426  ? 125 DC A P     1 
ATOM 273 O OP1   . DC A 1 14 ? 20.74877  6.44058   7.45649   1.000 771.14022  ? 125 DC A OP1   1 
ATOM 274 O OP2   . DC A 1 14 ? 22.57738  5.33785   6.05801   1.000 775.17725  ? 125 DC A OP2   1 
ATOM 275 O "O5'" . DC A 1 14 ? 23.08589  7.27451   7.52572   1.000 777.67627  ? 125 DC A "O5'" 1 
ATOM 276 C "C5'" . DC A 1 14 ? 23.99416  7.33161   8.63687   1.000 780.06371  ? 125 DC A "C5'" 1 
ATOM 277 C "C4'" . DC A 1 14 ? 23.63122  8.46669   9.58624   1.000 779.57778  ? 125 DC A "C4'" 1 
ATOM 278 O "O4'" . DC A 1 14 ? 22.49673  8.07676   10.40688  1.000 776.82932  ? 125 DC A "O4'" 1 
ATOM 279 C "C3'" . DC A 1 14 ? 24.71471  8.85030   10.58325  1.000 782.24365  ? 125 DC A "C3'" 1 
ATOM 280 O "O3'" . DC A 1 14 ? 24.52964  10.21471  10.98322  1.000 782.23309  ? 125 DC A "O3'" 1 
ATOM 281 C "C2'" . DC A 1 14 ? 24.42977  7.88054   11.72851  1.000 781.25697  ? 125 DC A "C2'" 1 
ATOM 282 C "C1'" . DC A 1 14 ? 22.90967  7.92004   11.75892  1.000 778.01525  ? 125 DC A "C1'" 1 
ATOM 283 N N1    . DC A 1 14 ? 22.26662  6.68495   12.28507  1.000 776.69103  ? 125 DC A N1    1 
ATOM 284 C C2    . DC A 1 14 ? 21.14338  6.79512   13.11109  1.000 775.01539  ? 125 DC A C2    1 
ATOM 285 O O2    . DC A 1 14 ? 20.73306  7.92501   13.41284  1.000 774.47718  ? 125 DC A O2    1 
ATOM 286 N N3    . DC A 1 14 ? 20.54656  5.66330   13.56243  1.000 774.33386  ? 125 DC A N3    1 
ATOM 287 C C4    . DC A 1 14 ? 21.03040  4.46787   13.20717  1.000 774.95066  ? 125 DC A C4    1 
ATOM 288 N N4    . DC A 1 14 ? 20.41167  3.37836   13.66761  1.000 774.48240  ? 125 DC A N4    1 
ATOM 289 C C5    . DC A 1 14 ? 22.17778  4.33915   12.37370  1.000 776.40238  ? 125 DC A C5    1 
ATOM 290 C C6    . DC A 1 14 ? 22.75077  5.46328   11.92858  1.000 777.35512  ? 125 DC A C6    1 
ATOM 291 P P     . DA A 1 15 ? 25.66900  10.99992  11.80298  1.000 687.58097  ? 126 DA A P     1 
ATOM 292 O OP1   . DA A 1 15 ? 25.12804  12.33933  12.12966  1.000 686.71456  ? 126 DA A OP1   1 
ATOM 293 O OP2   . DA A 1 15 ? 26.93280  10.89711  11.03581  1.000 690.79199  ? 126 DA A OP2   1 
ATOM 294 O "O5'" . DA A 1 15 ? 25.81789  10.15041  13.15363  1.000 687.35280  ? 126 DA A "O5'" 1 
ATOM 295 C "C5'" . DA A 1 15 ? 25.97555  10.80384  14.40555  1.000 687.66201  ? 126 DA A "C5'" 1 
ATOM 296 C "C4'" . DA A 1 15 ? 24.65044  10.90042  15.14524  1.000 685.20258  ? 126 DA A "C4'" 1 
ATOM 297 O "O4'" . DA A 1 15 ? 23.84432  9.71734   14.88494  1.000 683.56143  ? 126 DA A "O4'" 1 
ATOM 298 C "C3'" . DA A 1 15 ? 24.77181  10.99058  16.66980  1.000 685.71570  ? 126 DA A "C3'" 1 
ATOM 299 O "O3'" . DA A 1 15 ? 23.82863  11.93143  17.17174  1.000 684.39854  ? 126 DA A "O3'" 1 
ATOM 300 C "C2'" . DA A 1 15 ? 24.43932  9.56597   17.12068  1.000 685.30291  ? 126 DA A "C2'" 1 
ATOM 301 C "C1'" . DA A 1 15 ? 23.36298  9.21806   16.11525  1.000 683.18083  ? 126 DA A "C1'" 1 
ATOM 302 N N9    . DA A 1 15 ? 23.08054  7.78957   15.96735  1.000 682.67906  ? 126 DA A N9    1 
ATOM 303 C C8    . DA A 1 15 ? 23.66917  6.92339   15.08826  1.000 683.17726  ? 126 DA A C8    1 
ATOM 304 N N7    . DA A 1 15 ? 23.19215  5.70264   15.14649  1.000 682.44667  ? 126 DA A N7    1 
ATOM 305 C C5    . DA A 1 15 ? 22.21473  5.77052   16.12585  1.000 681.66094  ? 126 DA A C5    1 
ATOM 306 C C6    . DA A 1 15 ? 21.33846  4.80308   16.65758  1.000 681.13776  ? 126 DA A C6    1 
ATOM 307 N N6    . DA A 1 15 ? 21.32216  3.53094   16.25685  1.000 680.99702  ? 126 DA A N6    1 
ATOM 308 N N1    . DA A 1 15 ? 20.48505  5.19274   17.62675  1.000 681.08369  ? 126 DA A N1    1 
ATOM 309 C C2    . DA A 1 15 ? 20.51042  6.46985   18.03245  1.000 681.20987  ? 126 DA A C2    1 
ATOM 310 N N3    . DA A 1 15 ? 21.28514  7.47136   17.60376  1.000 681.43885  ? 126 DA A N3    1 
ATOM 311 C C4    . DA A 1 15 ? 22.12482  7.04940   16.63981  1.000 681.78146  ? 126 DA A C4    1 
ATOM 312 P P     . DC B 2 1  ? -1.74486  -18.15567 -12.36788 1.000 732.52635  ? 131 DC B P     1 
ATOM 313 O OP1   . DC B 2 1  ? -2.46634  -18.69580 -11.19491 1.000 730.47378  ? 131 DC B OP1   1 
ATOM 314 O OP2   . DC B 2 1  ? -2.27897  -18.38190 -13.73019 1.000 733.04550  ? 131 DC B OP2   1 
ATOM 315 O "O5'" . DC B 2 1  ? -1.60264  -16.57907 -12.16886 1.000 732.36822  ? 131 DC B "O5'" 1 
ATOM 316 C "C5'" . DC B 2 1  ? -2.70681  -15.74708 -12.46726 1.000 731.00268  ? 131 DC B "C5'" 1 
ATOM 317 C "C4'" . DC B 2 1  ? -2.66690  -14.45867 -11.66956 1.000 730.12631  ? 131 DC B "C4'" 1 
ATOM 318 O "O4'" . DC B 2 1  ? -3.89607  -13.72658 -11.91530 1.000 728.53652  ? 131 DC B "O4'" 1 
ATOM 319 C "C3'" . DC B 2 1  ? -2.59343  -14.62147 -10.15385 1.000 728.81673  ? 131 DC B "C3'" 1 
ATOM 320 O "O3'" . DC B 2 1  ? -1.97724  -13.45400 -9.57586  1.000 728.92496  ? 131 DC B "O3'" 1 
ATOM 321 C "C2'" . DC B 2 1  ? -4.07030  -14.72484 -9.78647  1.000 726.40495  ? 131 DC B "C2'" 1 
ATOM 322 C "C1'" . DC B 2 1  ? -4.68720  -13.70381 -10.74192 1.000 726.31123  ? 131 DC B "C1'" 1 
ATOM 323 N N1    . DC B 2 1  ? -6.11325  -14.00347 -11.11444 1.000 724.72744  ? 131 DC B N1    1 
ATOM 324 C C2    . DC B 2 1  ? -6.91428  -13.00719 -11.69171 1.000 724.01674  ? 131 DC B C2    1 
ATOM 325 O O2    . DC B 2 1  ? -6.44033  -11.88165 -11.88636 1.000 724.66892  ? 131 DC B O2    1 
ATOM 326 N N3    . DC B 2 1  ? -8.19794  -13.30546 -12.01819 1.000 722.59477  ? 131 DC B N3    1 
ATOM 327 C C4    . DC B 2 1  ? -8.68084  -14.52579 -11.79281 1.000 721.87027  ? 131 DC B C4    1 
ATOM 328 N N4    . DC B 2 1  ? -9.95146  -14.76893 -12.13383 1.000 720.45576  ? 131 DC B N4    1 
ATOM 329 C C5    . DC B 2 1  ? -7.88828  -15.54518 -11.19574 1.000 722.52145  ? 131 DC B C5    1 
ATOM 330 C C6    . DC B 2 1  ? -6.62174  -15.24609 -10.88196 1.000 723.95926  ? 131 DC B C6    1 
ATOM 331 P P     . DA B 2 2  ? -1.62129  -13.37475 -8.00665  1.000 783.10389  ? 132 DA B P     1 
ATOM 332 O OP1   . DA B 2 2  ? -0.15667  -13.18608 -7.90596  1.000 785.02632  ? 132 DA B OP1   1 
ATOM 333 O OP2   . DA B 2 2  ? -2.23563  -14.51538 -7.29234  1.000 781.72440  ? 132 DA B OP2   1 
ATOM 334 O "O5'" . DA B 2 2  ? -2.35009  -12.02664 -7.52827  1.000 781.33905  ? 132 DA B "O5'" 1 
ATOM 335 C "C5'" . DA B 2 2  ? -1.78475  -10.74822 -7.85969  1.000 782.18265  ? 132 DA B "C5'" 1 
ATOM 336 C "C4'" . DA B 2 2  ? -2.78385  -9.85702  -8.59129  1.000 781.31049  ? 132 DA B "C4'" 1 
ATOM 337 O "O4'" . DA B 2 2  ? -3.89716  -10.64766 -9.09106  1.000 780.44003  ? 132 DA B "O4'" 1 
ATOM 338 C "C3'" . DA B 2 2  ? -3.42728  -8.75374  -7.75323  1.000 779.30913  ? 132 DA B "C3'" 1 
ATOM 339 O "O3'" . DA B 2 2  ? -3.73372  -7.65900  -8.61332  1.000 779.46390  ? 132 DA B "O3'" 1 
ATOM 340 C "C2'" . DA B 2 2  ? -4.70371  -9.44542  -7.28131  1.000 777.21516  ? 132 DA B "C2'" 1 
ATOM 341 C "C1'" . DA B 2 2  ? -5.10321  -10.10892 -8.58391  1.000 778.13440  ? 132 DA B "C1'" 1 
ATOM 342 N N9    . DA B 2 2  ? -6.07906  -11.19720 -8.49963  1.000 776.90806  ? 132 DA B N9    1 
ATOM 343 C C8    . DA B 2 2  ? -5.86336  -12.45960 -8.02698  1.000 776.96713  ? 132 DA B C8    1 
ATOM 344 N N7    . DA B 2 2  ? -6.90302  -13.25497 -8.13906  1.000 775.74060  ? 132 DA B N7    1 
ATOM 345 C C5    . DA B 2 2  ? -7.86702  -12.46349 -8.73873  1.000 774.85880  ? 132 DA B C5    1 
ATOM 346 C C6    . DA B 2 2  ? -9.20513  -12.71419 -9.12002  1.000 773.39494  ? 132 DA B C6    1 
ATOM 347 N N6    . DA B 2 2  ? -9.81491  -13.89339 -8.94436  1.000 772.51809  ? 132 DA B N6    1 
ATOM 348 N N1    . DA B 2 2  ? -9.89138  -11.70440 -9.69193  1.000 772.84927  ? 132 DA B N1    1 
ATOM 349 C C2    . DA B 2 2  ? -9.27963  -10.52626 -9.86570  1.000 773.67743  ? 132 DA B C2    1 
ATOM 350 N N3    . DA B 2 2  ? -8.03342  -10.17065 -9.54800  1.000 775.02912  ? 132 DA B N3    1 
ATOM 351 C C4    . DA B 2 2  ? -7.37410  -11.19326 -8.98148  1.000 775.57669  ? 132 DA B C4    1 
ATOM 352 P P     . DC B 2 3  ? -3.51130  -6.13640  -8.14877  1.000 743.11961  ? 133 DC B P     1 
ATOM 353 O OP1   . DC B 2 3  ? -2.38053  -5.58903  -8.93041  1.000 745.26663  ? 133 DC B OP1   1 
ATOM 354 O OP2   . DC B 2 3  ? -3.46590  -6.09722  -6.67379  1.000 741.67041  ? 133 DC B OP2   1 
ATOM 355 O "O5'" . DC B 2 3  ? -4.85132  -5.40051  -8.62340  1.000 741.54972  ? 133 DC B "O5'" 1 
ATOM 356 C "C5'" . DC B 2 3  ? -6.08601  -6.11616  -8.64966  1.000 740.09155  ? 133 DC B "C5'" 1 
ATOM 357 C "C4'" . DC B 2 3  ? -7.08061  -5.50633  -7.68339  1.000 737.55522  ? 133 DC B "C4'" 1 
ATOM 358 O "O4'" . DC B 2 3  ? -8.15785  -6.44370  -7.44789  1.000 736.06078  ? 133 DC B "O4'" 1 
ATOM 359 C "C3'" . DC B 2 3  ? -6.51816  -5.18278  -6.30632  1.000 736.79216  ? 133 DC B "C3'" 1 
ATOM 360 O "O3'" . DC B 2 3  ? -7.24087  -4.10558  -5.73801  1.000 734.86186  ? 133 DC B "O3'" 1 
ATOM 361 C "C2'" . DC B 2 3  ? -6.77052  -6.47961  -5.54910  1.000 735.98352  ? 133 DC B "C2'" 1 
ATOM 362 C "C1'" . DC B 2 3  ? -8.13331  -6.87539  -6.10121  1.000 734.76041  ? 133 DC B "C1'" 1 
ATOM 363 N N1    . DC B 2 3  ? -8.39012  -8.33840  -6.08074  1.000 734.72349  ? 133 DC B N1    1 
ATOM 364 C C2    . DC B 2 3  ? -9.56198  -8.83154  -6.65144  1.000 733.78312  ? 133 DC B C2    1 
ATOM 365 O O2    . DC B 2 3  ? -10.35832 -8.03322  -7.15637  1.000 733.02529  ? 133 DC B O2    1 
ATOM 366 N N3    . DC B 2 3  ? -9.78881  -10.16618 -6.63374  1.000 733.71152  ? 133 DC B N3    1 
ATOM 367 C C4    . DC B 2 3  ? -8.89733  -10.98646 -6.07499  1.000 734.54006  ? 133 DC B C4    1 
ATOM 368 N N4    . DC B 2 3  ? -9.16300  -12.29595 -6.07681  1.000 734.39045  ? 133 DC B N4    1 
ATOM 369 C C5    . DC B 2 3  ? -7.69184  -10.50109 -5.49248  1.000 735.54587  ? 133 DC B C5    1 
ATOM 370 C C6    . DC B 2 3  ? -7.48461  -9.18162  -5.51183  1.000 735.58572  ? 133 DC B C6    1 
ATOM 371 P P     . DA B 2 4  ? -6.88886  -2.58890  -6.13915  1.000 727.00372  ? 134 DA B P     1 
ATOM 372 O OP1   . DA B 2 4  ? -6.20450  -2.57834  -7.44830  1.000 729.31377  ? 134 DA B OP1   1 
ATOM 373 O OP2   . DA B 2 4  ? -6.22599  -1.96562  -4.97550  1.000 726.45657  ? 134 DA B OP2   1 
ATOM 374 O "O5'" . DA B 2 4  ? -8.32056  -1.90266  -6.30991  1.000 724.99830  ? 134 DA B "O5'" 1 
ATOM 375 C "C5'" . DA B 2 4  ? -9.46527  -2.70863  -6.58215  1.000 723.96317  ? 134 DA B "C5'" 1 
ATOM 376 C "C4'" . DA B 2 4  ? -10.40548 -2.71992  -5.39142  1.000 721.34102  ? 134 DA B "C4'" 1 
ATOM 377 O "O4'" . DA B 2 4  ? -10.54852 -4.07505  -4.89050  1.000 720.95369  ? 134 DA B "O4'" 1 
ATOM 378 C "C3'" . DA B 2 4  ? -9.93412  -1.89181  -4.19891  1.000 720.40936  ? 134 DA B "C3'" 1 
ATOM 379 O "O3'" . DA B 2 4  ? -11.05460 -1.32502  -3.50897  1.000 717.85818  ? 134 DA B "O3'" 1 
ATOM 380 C "C2'" . DA B 2 4  ? -9.23426  -2.93940  -3.34168  1.000 720.72855  ? 134 DA B "C2'" 1 
ATOM 381 C "C1'" . DA B 2 4  ? -10.19281 -4.09713  -3.52582  1.000 719.89894  ? 134 DA B "C1'" 1 
ATOM 382 N N9    . DA B 2 4  ? -9.63698  -5.40412  -3.21217  1.000 720.68012  ? 134 DA B N9    1 
ATOM 383 C C8    . DA B 2 4  ? -8.45288  -5.68215  -2.58854  1.000 721.73764  ? 134 DA B C8    1 
ATOM 384 N N7    . DA B 2 4  ? -8.23053  -6.96978  -2.43705  1.000 722.21172  ? 134 DA B N7    1 
ATOM 385 C C5    . DA B 2 4  ? -9.35105  -7.56832  -2.99780  1.000 721.37609  ? 134 DA B C5    1 
ATOM 386 C C6    . DA B 2 4  ? -9.74353  -8.91585  -3.16384  1.000 721.29522  ? 134 DA B C6    1 
ATOM 387 N N6    . DA B 2 4  ? -9.01413  -9.95941  -2.75071  1.000 722.10309  ? 134 DA B N6    1 
ATOM 388 N N1    . DA B 2 4  ? -10.92876 -9.14945  -3.76488  1.000 720.30532  ? 134 DA B N1    1 
ATOM 389 C C2    . DA B 2 4  ? -11.65985 -8.11156  -4.17273  1.000 719.49461  ? 134 DA B C2    1 
ATOM 390 N N3    . DA B 2 4  ? -11.40038 -6.81722  -4.07524  1.000 719.47362  ? 134 DA B N3    1 
ATOM 391 C C4    . DA B 2 4  ? -10.22365 -6.60998  -3.47227  1.000 720.43278  ? 134 DA B C4    1 
ATOM 392 P P     . DC B 2 5  ? -12.36166 -0.81603  -4.30232  1.000 721.26098  ? 135 DC B P     1 
ATOM 393 O OP1   . DC B 2 5  ? -13.27984 -1.96706  -4.46317  1.000 720.47236  ? 135 DC B OP1   1 
ATOM 394 O OP2   . DC B 2 5  ? -11.94096 -0.02132  -5.47813  1.000 722.95727  ? 135 DC B OP2   1 
ATOM 395 O "O5'" . DC B 2 5  ? -13.03575 0.19982   -3.27400  1.000 718.78820  ? 135 DC B "O5'" 1 
ATOM 396 C "C5'" . DC B 2 5  ? -12.71891 0.10735   -1.89221  1.000 715.40784  ? 135 DC B "C5'" 1 
ATOM 397 C "C4'" . DC B 2 5  ? -11.93447 1.32374   -1.43521  1.000 714.74239  ? 135 DC B "C4'" 1 
ATOM 398 O "O4'" . DC B 2 5  ? -10.59390 1.30661   -2.01467  1.000 720.39714  ? 135 DC B "O4'" 1 
ATOM 399 C "C3'" . DC B 2 5  ? -12.54325 2.66696   -1.83957  1.000 714.17687  ? 135 DC B "C3'" 1 
ATOM 400 O "O3'" . DC B 2 5  ? -12.41104 3.60017   -0.77566  1.000 709.35250  ? 135 DC B "O3'" 1 
ATOM 401 C "C2'" . DC B 2 5  ? -11.68486 3.06623   -3.02916  1.000 719.46816  ? 135 DC B "C2'" 1 
ATOM 402 C "C1'" . DC B 2 5  ? -10.33530 2.58316   -2.55256  1.000 720.95311  ? 135 DC B "C1'" 1 
ATOM 403 N N1    . DC B 2 5  ? -9.31522  2.48279   -3.63146  1.000 723.63550  ? 135 DC B N1    1 
ATOM 404 C C2    . DC B 2 5  ? -8.41134  3.53457   -3.82361  1.000 724.67500  ? 135 DC B C2    1 
ATOM 405 O O2    . DC B 2 5  ? -8.47726  4.52384   -3.08460  1.000 723.35833  ? 135 DC B O2    1 
ATOM 406 N N3    . DC B 2 5  ? -7.48730  3.43370   -4.80907  1.000 727.03817  ? 135 DC B N3    1 
ATOM 407 C C4    . DC B 2 5  ? -7.45077  2.34667   -5.58120  1.000 728.35807  ? 135 DC B C4    1 
ATOM 408 N N4    . DC B 2 5  ? -6.52404  2.28884   -6.54127  1.000 730.63207  ? 135 DC B N4    1 
ATOM 409 C C5    . DC B 2 5  ? -8.36794  1.26943   -5.40300  1.000 727.34082  ? 135 DC B C5    1 
ATOM 410 C C6    . DC B 2 5  ? -9.27395  1.38273   -4.42869  1.000 724.98937  ? 135 DC B C6    1 
ATOM 411 P P     . DC B 2 6  ? -13.27755 4.95239   -0.78143  1.000 635.39447  ? 136 DC B P     1 
ATOM 412 O OP1   . DC B 2 6  ? -14.07786 4.95386   0.46376   1.000 627.85419  ? 136 DC B OP1   1 
ATOM 413 O OP2   . DC B 2 6  ? -13.95914 5.03829   -2.09257  1.000 639.30264  ? 136 DC B OP2   1 
ATOM 414 O "O5'" . DC B 2 6  ? -12.18339 6.12452   -0.70490  1.000 637.41270  ? 136 DC B "O5'" 1 
ATOM 415 C "C5'" . DC B 2 6  ? -10.95663 6.01856   -1.43982  1.000 643.96667  ? 136 DC B "C5'" 1 
ATOM 416 C "C4'" . DC B 2 6  ? -10.80256 7.17423   -2.41293  1.000 647.36266  ? 136 DC B "C4'" 1 
ATOM 417 O "O4'" . DC B 2 6  ? -9.96898  6.77039   -3.54014  1.000 649.92636  ? 136 DC B "O4'" 1 
ATOM 418 C "C3'" . DC B 2 6  ? -12.10291 7.67251   -3.02920  1.000 646.12679  ? 136 DC B "C3'" 1 
ATOM 419 O "O3'" . DC B 2 6  ? -11.99553 9.06192   -3.26609  1.000 645.94289  ? 136 DC B "O3'" 1 
ATOM 420 C "C2'" . DC B 2 6  ? -12.15483 6.89147   -4.33703  1.000 647.87090  ? 136 DC B "C2'" 1 
ATOM 421 C "C1'" . DC B 2 6  ? -10.69330 6.94391   -4.74230  1.000 650.23526  ? 136 DC B "C1'" 1 
ATOM 422 N N1    . DC B 2 6  ? -10.28460 5.88186   -5.71782  1.000 652.29459  ? 136 DC B N1    1 
ATOM 423 C C2    . DC B 2 6  ? -9.18501  6.10118   -6.54614  1.000 654.52515  ? 136 DC B C2    1 
ATOM 424 O O2    . DC B 2 6  ? -8.55665  7.15430   -6.44259  1.000 654.74717  ? 136 DC B O2    1 
ATOM 425 N N3    . DC B 2 6  ? -8.81159  5.13851   -7.42200  1.000 656.35211  ? 136 DC B N3    1 
ATOM 426 C C4    . DC B 2 6  ? -9.50919  4.00606   -7.50576  1.000 656.00226  ? 136 DC B C4    1 
ATOM 427 N N4    . DC B 2 6  ? -9.10220  3.08697   -8.39059  1.000 657.82931  ? 136 DC B N4    1 
ATOM 428 C C5    . DC B 2 6  ? -10.64438 3.76326   -6.67607  1.000 653.71207  ? 136 DC B C5    1 
ATOM 429 C C6    . DC B 2 6  ? -10.99679 4.72332   -5.81085  1.000 651.92615  ? 136 DC B C6    1 
ATOM 430 P P     . DG B 2 7  ? -13.30550 9.98333   -3.35023  1.000 636.83527  ? 137 DG B P     1 
ATOM 431 O OP1   . DG B 2 7  ? -13.91984 9.99488   -2.00433  1.000 629.76260  ? 137 DG B OP1   1 
ATOM 432 O OP2   . DG B 2 7  ? -14.09461 9.54163   -4.52123  1.000 637.32341  ? 137 DG B OP2   1 
ATOM 433 O "O5'" . DG B 2 7  ? -12.71344 11.43450  -3.66643  1.000 637.29011  ? 137 DG B "O5'" 1 
ATOM 434 C "C5'" . DG B 2 7  ? -11.35109 11.57035  -4.07658  1.000 639.41147  ? 137 DG B "C5'" 1 
ATOM 435 C "C4'" . DG B 2 7  ? -11.24060 11.58139  -5.58815  1.000 641.18443  ? 137 DG B "C4'" 1 
ATOM 436 O "O4'" . DG B 2 7  ? -11.22515 10.22228  -6.09148  1.000 642.42767  ? 137 DG B "O4'" 1 
ATOM 437 C "C3'" . DG B 2 7  ? -12.39470 12.29310  -6.31199  1.000 640.14879  ? 137 DG B "C3'" 1 
ATOM 438 O "O3'" . DG B 2 7  ? -11.89823 13.38000  -7.08407  1.000 640.98908  ? 137 DG B "O3'" 1 
ATOM 439 C "C2'" . DG B 2 7  ? -13.00382 11.20673  -7.20255  1.000 640.88229  ? 137 DG B "C2'" 1 
ATOM 440 C "C1'" . DG B 2 7  ? -11.84843 10.22980  -7.34296  1.000 642.96341  ? 137 DG B "C1'" 1 
ATOM 441 N N9    . DG B 2 7  ? -12.27230 8.87976   -7.69931  1.000 643.44210  ? 137 DG B N9    1 
ATOM 442 C C8    . DG B 2 7  ? -13.34638 8.18309   -7.19890  1.000 641.83833  ? 137 DG B C8    1 
ATOM 443 N N7    . DG B 2 7  ? -13.49640 7.00248   -7.73384  1.000 642.71642  ? 137 DG B N7    1 
ATOM 444 C C5    . DG B 2 7  ? -12.46070 6.91529   -8.65277  1.000 645.07261  ? 137 DG B C5    1 
ATOM 445 C C6    . DG B 2 7  ? -12.11154 5.86470   -9.53324  1.000 646.88201  ? 137 DG B C6    1 
ATOM 446 O O6    . DG B 2 7  ? -12.66563 4.76491   -9.68081  1.000 646.75827  ? 137 DG B O6    1 
ATOM 447 N N1    . DG B 2 7  ? -10.99151 6.18807   -10.29591 1.000 648.96291  ? 137 DG B N1    1 
ATOM 448 C C2    . DG B 2 7  ? -10.29493 7.37118   -10.21284 1.000 649.23191  ? 137 DG B C2    1 
ATOM 449 N N2    . DG B 2 7  ? -9.24704  7.50811   -11.03318 1.000 651.29701  ? 137 DG B N2    1 
ATOM 450 N N3    . DG B 2 7  ? -10.61481 8.36422   -9.39557  1.000 647.53761  ? 137 DG B N3    1 
ATOM 451 C C4    . DG B 2 7  ? -11.70072 8.06358   -8.64525  1.000 645.53349  ? 137 DG B C4    1 
ATOM 452 P P     . DT B 2 8  ? -12.90260 14.52044  -7.60880  1.000 723.90748  ? 138 DT B P     1 
ATOM 453 O OP1   . DT B 2 8  ? -12.10112 15.72319  -7.90962  1.000 724.46632  ? 138 DT B OP1   1 
ATOM 454 O OP2   . DT B 2 8  ? -14.01268 14.60993  -6.63754  1.000 721.49474  ? 138 DT B OP2   1 
ATOM 455 O "O5'" . DT B 2 8  ? -13.48928 13.93358  -8.97930  1.000 724.93535  ? 138 DT B "O5'" 1 
ATOM 456 C "C5'" . DT B 2 8  ? -12.84352 14.21848  -10.22399 1.000 726.80622  ? 138 DT B "C5'" 1 
ATOM 457 C "C4'" . DT B 2 8  ? -11.78402 13.17379  -10.53847 1.000 728.98067  ? 138 DT B "C4'" 1 
ATOM 458 O "O4'" . DT B 2 8  ? -12.30083 11.85949  -10.24687 1.000 728.78196  ? 138 DT B "O4'" 1 
ATOM 459 C "C3'" . DT B 2 8  ? -11.31936 13.13669  -11.99691 1.000 730.98455  ? 138 DT B "C3'" 1 
ATOM 460 O "O3'" . DT B 2 8  ? -9.94310  13.50379  -12.08033 1.000 732.48258  ? 138 DT B "O3'" 1 
ATOM 461 C "C2'" . DT B 2 8  ? -11.54866 11.67905  -12.44358 1.000 731.95144  ? 138 DT B "C2'" 1 
ATOM 462 C "C1'" . DT B 2 8  ? -11.73014 10.93509  -11.12812 1.000 730.83994  ? 138 DT B "C1'" 1 
ATOM 463 N N1    . DT B 2 8  ? -12.65302 9.74523   -11.19491 1.000 730.36589  ? 138 DT B N1    1 
ATOM 464 C C2    . DT B 2 8  ? -12.36348 8.68511   -12.03526 1.000 732.06554  ? 138 DT B C2    1 
ATOM 465 O O2    . DT B 2 8  ? -11.38669 8.64861   -12.76249 1.000 734.00597  ? 138 DT B O2    1 
ATOM 466 N N3    . DT B 2 8  ? -13.27118 7.65459   -11.98343 1.000 731.34642  ? 138 DT B N3    1 
ATOM 467 C C4    . DT B 2 8  ? -14.40426 7.57711   -11.19242 1.000 729.14655  ? 138 DT B C4    1 
ATOM 468 O O4    . DT B 2 8  ? -15.16091 6.61408   -11.22417 1.000 728.60744  ? 138 DT B O4    1 
ATOM 469 C C5    . DT B 2 8  ? -14.64470 8.71426   -10.34322 1.000 727.47862  ? 138 DT B C5    1 
ATOM 470 C C7    . DT B 2 8  ? -15.84643 8.74122   -9.45025  1.000 724.99948  ? 138 DT B C7    1 
ATOM 471 C C6    . DT B 2 8  ? -13.76959 9.72796   -10.38156 1.000 728.16206  ? 138 DT B C6    1 
ATOM 472 O "O5'" . DC C 3 1  ? 17.45521  -4.03162  21.64554  1.000 574.70714  ? 197 DC D "O5'" 1 
ATOM 473 C "C5'" . DC C 3 1  ? 17.38375  -3.62234  23.00851  1.000 578.51115  ? 197 DC D "C5'" 1 
ATOM 474 C "C4'" . DC C 3 1  ? 17.51017  -2.11395  23.12638  1.000 579.87877  ? 197 DC D "C4'" 1 
ATOM 475 O "O4'" . DC C 3 1  ? 18.85823  -1.72647  22.81249  1.000 578.20595  ? 197 DC D "O4'" 1 
ATOM 476 C "C3'" . DC C 3 1  ? 16.61010  -1.32895  22.17947  1.000 579.98638  ? 197 DC D "C3'" 1 
ATOM 477 O "O3'" . DC C 3 1  ? 15.50285  -0.79280  22.89832  1.000 582.46307  ? 197 DC D "O3'" 1 
ATOM 478 C "C2'" . DC C 3 1  ? 17.50369  -0.21679  21.60075  1.000 595.95413  ? 197 DC D "C2'" 1 
ATOM 479 C "C1'" . DC C 3 1  ? 18.86765  -0.43770  22.25295  1.000 590.38252  ? 197 DC D "C1'" 1 
ATOM 480 N N1    . DC C 3 1  ? 20.00948  -0.37929  21.29470  1.000 598.32951  ? 197 DC D N1    1 
ATOM 481 C C2    . DC C 3 1  ? 21.05095  0.52801   21.50931  1.000 606.88290  ? 197 DC D C2    1 
ATOM 482 O O2    . DC C 3 1  ? 20.99683  1.28965   22.48376  1.000 607.55698  ? 197 DC D O2    1 
ATOM 483 N N3    . DC C 3 1  ? 22.09200  0.55106   20.63430  1.000 614.03002  ? 197 DC D N3    1 
ATOM 484 C C4    . DC C 3 1  ? 22.11081  -0.28969  19.59522  1.000 612.62531  ? 197 DC D C4    1 
ATOM 485 N N4    . DC C 3 1  ? 23.15465  -0.23290  18.75826  1.000 619.94020  ? 197 DC D N4    1 
ATOM 486 C C5    . DC C 3 1  ? 21.06070  -1.22498  19.36836  1.000 603.33529  ? 197 DC D C5    1 
ATOM 487 C C6    . DC C 3 1  ? 20.04321  -1.23777  20.23581  1.000 596.50910  ? 197 DC D C6    1 
ATOM 488 P P     . DT C 3 2  ? 14.06643  -0.65916  22.18988  1.000 642.26175  ? 198 DT D P     1 
ATOM 489 O OP1   . DT C 3 2  ? 13.08703  -1.44517  22.97097  1.000 641.48108  ? 198 DT D OP1   1 
ATOM 490 O OP2   . DT C 3 2  ? 14.24976  -0.95257  20.75218  1.000 648.99396  ? 198 DT D OP2   1 
ATOM 491 O "O5'" . DT C 3 2  ? 13.71859  0.89654   22.31607  1.000 660.81845  ? 198 DT D "O5'" 1 
ATOM 492 C "C5'" . DT C 3 2  ? 14.06959  1.61391   23.49213  1.000 664.60336  ? 198 DT D "C5'" 1 
ATOM 493 C "C4'" . DT C 3 2  ? 14.66584  2.96568   23.13793  1.000 697.58589  ? 198 DT D "C4'" 1 
ATOM 494 O "O4'" . DT C 3 2  ? 15.90195  2.76969   22.41192  1.000 713.29808  ? 198 DT D "O4'" 1 
ATOM 495 C "C3'" . DT C 3 2  ? 13.78118  3.86100   22.25886  1.000 720.02107  ? 198 DT D "C3'" 1 
ATOM 496 O "O3'" . DT C 3 2  ? 13.49316  5.08574   22.94510  1.000 738.84703  ? 198 DT D "O3'" 1 
ATOM 497 C "C2'" . DT C 3 2  ? 14.61867  4.09896   20.98980  1.000 739.62562  ? 198 DT D "C2'" 1 
ATOM 498 C "C1'" . DT C 3 2  ? 16.03562  3.77861   21.44819  1.000 741.52419  ? 198 DT D "C1'" 1 
ATOM 499 N N1    . DT C 3 2  ? 16.92432  3.26779   20.35017  1.000 696.02631  ? 198 DT D N1    1 
ATOM 500 C C2    . DT C 3 2  ? 18.17062  3.82571   20.17454  1.000 703.38969  ? 198 DT D C2    1 
ATOM 501 O O2    . DT C 3 2  ? 18.59987  4.73048   20.86733  1.000 707.20990  ? 198 DT D O2    1 
ATOM 502 N N3    . DT C 3 2  ? 18.90202  3.28642   19.14582  1.000 705.85131  ? 198 DT D N3    1 
ATOM 503 C C4    . DT C 3 2  ? 18.51910  2.25635   18.30086  1.000 701.10803  ? 198 DT D C4    1 
ATOM 504 O O4    . DT C 3 2  ? 19.24515  1.83252   17.40698  1.000 703.42488  ? 198 DT D O4    1 
ATOM 505 C C5    . DT C 3 2  ? 17.20210  1.71858   18.54061  1.000 692.92128  ? 198 DT D C5    1 
ATOM 506 C C7    . DT C 3 2  ? 16.67615  0.60515   17.68557  1.000 686.34491  ? 198 DT D C7    1 
ATOM 507 C C6    . DT C 3 2  ? 16.47760  2.24443   19.54002  1.000 691.07302  ? 198 DT D C6    1 
ATOM 508 P P     . DG C 3 3  ? 12.17033  5.93831   22.60304  1.000 773.79299  ? 199 DG D P     1 
ATOM 509 O OP1   . DG C 3 3  ? 12.36554  7.29303   23.16385  1.000 796.86468  ? 199 DG D OP1   1 
ATOM 510 O OP2   . DG C 3 3  ? 10.98221  5.15500   23.00743  1.000 748.69495  ? 199 DG D OP2   1 
ATOM 511 O "O5'" . DG C 3 3  ? 12.17772  6.04579   21.00723  1.000 795.14830  ? 199 DG D "O5'" 1 
ATOM 512 C "C5'" . DG C 3 3  ? 11.51811  7.12938   20.36173  1.000 825.42044  ? 199 DG D "C5'" 1 
ATOM 513 C "C4'" . DG C 3 3  ? 12.46640  7.85540   19.42016  1.000 859.48522  ? 199 DG D "C4'" 1 
ATOM 514 O "O4'" . DG C 3 3  ? 13.66044  7.07693   19.24076  1.000 849.60841  ? 199 DG D "O4'" 1 
ATOM 515 C "C3'" . DG C 3 3  ? 11.92709  8.07882   18.01296  1.000 880.84819  ? 199 DG D "C3'" 1 
ATOM 516 O "O3'" . DG C 3 3  ? 11.35900  9.38819   17.91155  1.000 911.67192  ? 199 DG D "O3'" 1 
ATOM 517 C "C2'" . DG C 3 3  ? 13.16451  7.91691   17.09884  1.000 894.05252  ? 199 DG D "C2'" 1 
ATOM 518 C "C1'" . DG C 3 3  ? 14.28477  7.48830   18.05040  1.000 875.61127  ? 199 DG D "C1'" 1 
ATOM 519 N N9    . DG C 3 3  ? 15.11316  6.37686   17.56466  1.000 695.58444  ? 199 DG D N9    1 
ATOM 520 C C8    . DG C 3 3  ? 14.85904  5.03772   17.73019  1.000 675.51315  ? 199 DG D C8    1 
ATOM 521 N N7    . DG C 3 3  ? 15.77754  4.26559   17.22227  1.000 671.93617  ? 199 DG D N7    1 
ATOM 522 C C5    . DG C 3 3  ? 16.71291  5.14534   16.69288  1.000 684.88869  ? 199 DG D C5    1 
ATOM 523 C C6    . DG C 3 3  ? 17.92455  4.87881   16.01425  1.000 687.85783  ? 199 DG D C6    1 
ATOM 524 O O6    . DG C 3 3  ? 18.42394  3.78191   15.74560  1.000 679.19211  ? 199 DG D O6    1 
ATOM 525 N N1    . DG C 3 3  ? 18.57511  6.04934   15.64138  1.000 702.19964  ? 199 DG D N1    1 
ATOM 526 C C2    . DG C 3 3  ? 18.11399  7.32172   15.88765  1.000 716.51732  ? 199 DG D C2    1 
ATOM 527 N N2    . DG C 3 3  ? 18.88266  8.32581   15.44779  1.000 728.15663  ? 199 DG D N2    1 
ATOM 528 N N3    . DG C 3 3  ? 16.97471  7.58530   16.52336  1.000 720.97511  ? 199 DG D N3    1 
ATOM 529 C C4    . DG C 3 3  ? 16.32481  6.45223   16.89707  1.000 701.04708  ? 199 DG D C4    1 
ATOM 530 P P     . DC C 3 4  ? 9.76241   9.58576   17.84888  1.000 939.70634  ? 200 DC D P     1 
ATOM 531 O OP1   . DC C 3 4  ? 9.35490   10.42500  18.99707  1.000 942.79702  ? 200 DC D OP1   1 
ATOM 532 O OP2   . DC C 3 4  ? 9.13612   8.26185   17.64441  1.000 907.12323  ? 200 DC D OP2   1 
ATOM 533 O "O5'" . DC C 3 4  ? 9.53867   10.44322  16.52223  1.000 973.75516  ? 200 DC D "O5'" 1 
ATOM 534 C "C5'" . DC C 3 4  ? 10.23211  11.66701  16.35714  1.000 1002.73795 ? 200 DC D "C5'" 1 
ATOM 535 C "C4'" . DC C 3 4  ? 11.23596  11.56590  15.22506  1.000 1005.99464 ? 200 DC D "C4'" 1 
ATOM 536 O "O4'" . DC C 3 4  ? 11.92347  10.28606  15.28888  1.000 983.48946  ? 200 DC D "O4'" 1 
ATOM 537 C "C3'" . DC C 3 4  ? 10.63159  11.65161  13.82102  1.000 1014.25263 ? 200 DC D "C3'" 1 
ATOM 538 O "O3'" . DC C 3 4  ? 11.38493  12.55148  13.02766  1.000 1035.65735 ? 200 DC D "O3'" 1 
ATOM 539 C "C2'" . DC C 3 4  ? 10.73939  10.22018  13.29655  1.000 987.63641  ? 200 DC D "C2'" 1 
ATOM 540 C "C1'" . DC C 3 4  ? 12.00149  9.74850   13.99009  1.000 975.89852  ? 200 DC D "C1'" 1 
ATOM 541 N N1    . DC C 3 4  ? 12.11460  8.26009   14.07836  1.000 699.35331  ? 200 DC D N1    1 
ATOM 542 C C2    . DC C 3 4  ? 13.31403  7.63280   13.71704  1.000 696.44150  ? 200 DC D C2    1 
ATOM 543 O O2    . DC C 3 4  ? 14.26532  8.31926   13.33725  1.000 706.29503  ? 200 DC D O2    1 
ATOM 544 N N3    . DC C 3 4  ? 13.39884  6.28235   13.79832  1.000 682.43222  ? 200 DC D N3    1 
ATOM 545 C C4    . DC C 3 4  ? 12.35322  5.56940   14.21071  1.000 671.54914  ? 200 DC D C4    1 
ATOM 546 N N4    . DC C 3 4  ? 12.48846  4.24059   14.27242  1.000 657.25164  ? 200 DC D N4    1 
ATOM 547 C C5    . DC C 3 4  ? 11.12139  6.18719   14.57924  1.000 674.62237  ? 200 DC D C5    1 
ATOM 548 C C6    . DC C 3 4  ? 11.04520  7.52082   14.49372  1.000 688.65349  ? 200 DC D C6    1 
ATOM 549 P P     . DA C 3 5  ? 10.77046  13.12301  11.65854  1.000 856.32844  ? 201 DA D P     1 
ATOM 550 O OP1   . DA C 3 5  ? 11.17102  14.54241  11.54042  1.000 873.83157  ? 201 DA D OP1   1 
ATOM 551 O OP2   . DA C 3 5  ? 9.33519   12.76339  11.64804  1.000 852.85351  ? 201 DA D OP2   1 
ATOM 552 O "O5'" . DA C 3 5  ? 11.50160  12.26784  10.51769  1.000 844.96975  ? 201 DA D "O5'" 1 
ATOM 553 C "C5'" . DA C 3 5  ? 12.77717  11.68644  10.77148  1.000 838.57534  ? 201 DA D "C5'" 1 
ATOM 554 C "C4'" . DA C 3 5  ? 13.51771  11.39471  9.47681   1.000 834.95792  ? 201 DA D "C4'" 1 
ATOM 555 O "O4'" . DA C 3 5  ? 14.08077  10.05906  9.52951   1.000 814.79407  ? 201 DA D "O4'" 1 
ATOM 556 C "C3'" . DA C 3 5  ? 12.66674  11.39485  8.22293   1.000 839.56439  ? 201 DA D "C3'" 1 
ATOM 557 O "O3'" . DA C 3 5  ? 13.51227  11.60579  7.09785   1.000 844.96007  ? 201 DA D "O3'" 1 
ATOM 558 C "C2'" . DA C 3 5  ? 12.10698  9.97557   8.23975   1.000 817.55475  ? 201 DA D "C2'" 1 
ATOM 559 C "C1'" . DA C 3 5  ? 13.33292  9.18835   8.68951   1.000 804.62037  ? 201 DA D "C1'" 1 
ATOM 560 N N9    . DA C 3 5  ? 13.03069  7.98317   9.45468   1.000 783.73909  ? 201 DA D N9    1 
ATOM 561 C C8    . DA C 3 5  ? 12.08098  7.83530   10.42714  1.000 778.34523  ? 201 DA D C8    1 
ATOM 562 N N7    . DA C 3 5  ? 12.05868  6.63861   10.96650  1.000 754.24744  ? 201 DA D N7    1 
ATOM 563 C C5    . DA C 3 5  ? 13.07107  5.95949   10.30929  1.000 744.45676  ? 201 DA D C5    1 
ATOM 564 C C6    . DA C 3 5  ? 13.55778  4.64262   10.41833  1.000 718.15029  ? 201 DA D C6    1 
ATOM 565 N N6    . DA C 3 5  ? 13.06170  3.74448   11.27586  1.000 694.11780  ? 201 DA D N6    1 
ATOM 566 N N1    . DA C 3 5  ? 14.58260  4.28512   9.61174   1.000 715.46720  ? 201 DA D N1    1 
ATOM 567 C C2    . DA C 3 5  ? 15.07302  5.18959   8.75736   1.000 736.58548  ? 201 DA D C2    1 
ATOM 568 N N3    . DA C 3 5  ? 14.69778  6.45117   8.56481   1.000 760.18806  ? 201 DA D N3    1 
ATOM 569 C C4    . DA C 3 5  ? 13.68274  6.77594   9.37891   1.000 763.23840  ? 201 DA D C4    1 
ATOM 570 P P     . DC C 3 6  ? 12.89982  12.00765  5.66841   1.000 825.07521  ? 202 DC D P     1 
ATOM 571 O OP1   . DC C 3 6  ? 13.54596  13.27118  5.24983   1.000 840.04974  ? 202 DC D OP1   1 
ATOM 572 O OP2   . DC C 3 6  ? 11.42553  11.94773  5.76701   1.000 822.07914  ? 202 DC D OP2   1 
ATOM 573 O "O5'" . DC C 3 6  ? 13.38964  10.82936  4.69892   1.000 818.17813  ? 202 DC D "O5'" 1 
ATOM 574 C "C5'" . DC C 3 6  ? 14.11231  9.71614   5.23073   1.000 803.79661  ? 202 DC D "C5'" 1 
ATOM 575 C "C4'" . DC C 3 6  ? 14.12088  8.55835   4.24827   1.000 793.77901  ? 202 DC D "C4'" 1 
ATOM 576 O "O4'" . DC C 3 6  ? 13.93589  7.30242   4.96268   1.000 775.37012  ? 202 DC D "O4'" 1 
ATOM 577 C "C3'" . DC C 3 6  ? 13.01422  8.60228   3.20604   1.000 794.51133  ? 202 DC D "C3'" 1 
ATOM 578 O "O3'" . DC C 3 6  ? 13.46536  7.99873   1.99563   1.000 789.43590  ? 202 DC D "O3'" 1 
ATOM 579 C "C2'" . DC C 3 6  ? 11.91963  7.77946   3.87412   1.000 780.25666  ? 202 DC D "C2'" 1 
ATOM 580 C "C1'" . DC C 3 6  ? 12.73835  6.67835   4.53581   1.000 766.54498  ? 202 DC D "C1'" 1 
ATOM 581 N N1    . DC C 3 6  ? 12.07486  6.07245   5.73343   1.000 753.75637  ? 202 DC D N1    1 
ATOM 582 C C2    . DC C 3 6  ? 12.59869  4.90795   6.31525   1.000 738.36525  ? 202 DC D C2    1 
ATOM 583 O O2    . DC C 3 6  ? 13.57185  4.35014   5.80715   1.000 735.29301  ? 202 DC D O2    1 
ATOM 584 N N3    . DC C 3 6  ? 11.97724  4.37339   7.39039   1.000 726.46324  ? 202 DC D N3    1 
ATOM 585 C C4    . DC C 3 6  ? 10.90926  4.97436   7.91252   1.000 729.63252  ? 202 DC D C4    1 
ATOM 586 N N4    . DC C 3 6  ? 10.34240  4.41444   8.98397   1.000 717.28836  ? 202 DC D N4    1 
ATOM 587 C C5    . DC C 3 6  ? 10.36767  6.16632   7.34894   1.000 745.39959  ? 202 DC D C5    1 
ATOM 588 C C6    . DC C 3 6  ? 10.97702  6.67619   6.27329   1.000 757.01159  ? 202 DC D C6    1 
ATOM 589 P P     . DT C 3 7  ? 14.22351  8.88063   0.88354   1.000 773.25715  ? 203 DT D P     1 
ATOM 590 O OP1   . DT C 3 7  ? 15.30427  9.63440   1.55555   1.000 785.88040  ? 203 DT D OP1   1 
ATOM 591 O OP2   . DT C 3 7  ? 13.19969  9.61370   0.10695   1.000 777.57604  ? 203 DT D OP2   1 
ATOM 592 O "O5'" . DT C 3 7  ? 14.90730  7.79616   -0.07789  1.000 760.61886  ? 203 DT D "O5'" 1 
ATOM 593 C "C5'" . DT C 3 7  ? 14.10367  6.93617   -0.89357  1.000 747.00331  ? 203 DT D "C5'" 1 
ATOM 594 C "C4'" . DT C 3 7  ? 14.23033  5.48658   -0.44637  1.000 731.10898  ? 203 DT D "C4'" 1 
ATOM 595 O "O4'" . DT C 3 7  ? 13.66188  5.34454   0.88061   1.000 728.87423  ? 203 DT D "O4'" 1 
ATOM 596 C "C3'" . DT C 3 7  ? 13.51994  4.46453   -1.34377  1.000 716.01634  ? 203 DT D "C3'" 1 
ATOM 597 O "O3'" . DT C 3 7  ? 14.42580  3.41512   -1.73360  1.000 705.27053  ? 203 DT D "O3'" 1 
ATOM 598 C "C2'" . DT C 3 7  ? 12.36636  3.93898   -0.48061  1.000 708.03284  ? 203 DT D "C2'" 1 
ATOM 599 C "C1'" . DT C 3 7  ? 12.85170  4.19538   0.94171   1.000 712.79218  ? 203 DT D "C1'" 1 
ATOM 600 N N1    . DT C 3 7  ? 11.73331  4.46694   1.89924   1.000 713.06547  ? 203 DT D N1    1 
ATOM 601 C C2    . DT C 3 7  ? 11.60873  3.70478   3.04570   1.000 701.93750  ? 203 DT D C2    1 
ATOM 602 O O2    . DT C 3 7  ? 12.37728  2.80460   3.34218   1.000 691.90110  ? 203 DT D O2    1 
ATOM 603 N N3    . DT C 3 7  ? 10.54466  4.04812   3.84414   1.000 702.45400  ? 203 DT D N3    1 
ATOM 604 C C4    . DT C 3 7  ? 9.61301   5.04669   3.61302   1.000 713.30901  ? 203 DT D C4    1 
ATOM 605 O O4    . DT C 3 7  ? 8.69648   5.28253   4.39067   1.000 712.75195  ? 203 DT D O4    1 
ATOM 606 C C5    . DT C 3 7  ? 9.79831   5.79832   2.39329   1.000 724.69402  ? 203 DT D C5    1 
ATOM 607 C C7    . DT C 3 7  ? 8.85096   6.90998   2.03888   1.000 736.47115  ? 203 DT D C7    1 
ATOM 608 C C6    . DT C 3 7  ? 10.83573  5.47544   1.60656   1.000 723.60088  ? 203 DT D C6    1 
ATOM 609 P P     . DG C 3 8  ? 14.24060  2.65526   -3.14118  1.000 690.06132  ? 204 DG D P     1 
ATOM 610 O OP1   . DG C 3 8  ? 15.46636  1.85630   -3.38214  1.000 683.29246  ? 204 DG D OP1   1 
ATOM 611 O OP2   . DG C 3 8  ? 13.82539  3.65943   -4.14763  1.000 697.75267  ? 204 DG D OP2   1 
ATOM 612 O "O5'" . DG C 3 8  ? 12.99455  1.67443   -2.89188  1.000 676.32575  ? 204 DG D "O5'" 1 
ATOM 613 C "C5'" . DG C 3 8  ? 13.05397  0.69259   -1.85751  1.000 666.30603  ? 204 DG D "C5'" 1 
ATOM 614 C "C4'" . DG C 3 8  ? 11.74126  -0.07629  -1.73982  1.000 654.24591  ? 204 DG D "C4'" 1 
ATOM 615 O "O4'" . DG C 3 8  ? 11.01977  0.34692   -0.55673  1.000 658.29173  ? 204 DG D "O4'" 1 
ATOM 616 C "C3'" . DG C 3 8  ? 10.77442  0.07111   -2.91956  1.000 652.55362  ? 204 DG D "C3'" 1 
ATOM 617 O "O3'" . DG C 3 8  ? 10.49469  -1.21936  -3.47115  1.000 636.14540  ? 204 DG D "O3'" 1 
ATOM 618 C "C2'" . DG C 3 8  ? 9.52219   0.72504   -2.30946  1.000 658.19566  ? 204 DG D "C2'" 1 
ATOM 619 C "C1'" . DG C 3 8  ? 9.63880   0.38120   -0.83188  1.000 655.55777  ? 204 DG D "C1'" 1 
ATOM 620 N N9    . DG C 3 8  ? 9.03658   1.38228   0.04732   1.000 666.50169  ? 204 DG D N9    1 
ATOM 621 C C8    . DG C 3 8  ? 9.12786   2.74684   -0.07889  1.000 683.11851  ? 204 DG D C8    1 
ATOM 622 N N7    . DG C 3 8  ? 8.50711   3.39943   0.86251   1.000 689.76579  ? 204 DG D N7    1 
ATOM 623 C C5    . DG C 3 8  ? 7.97552   2.40623   1.67374   1.000 676.22595  ? 204 DG D C5    1 
ATOM 624 C C6    . DG C 3 8  ? 7.19698   2.51314   2.84994   1.000 674.82448  ? 204 DG D C6    1 
ATOM 625 O O6    . DG C 3 8  ? 6.81967   3.53923   3.42773   1.000 685.87544  ? 204 DG D O6    1 
ATOM 626 N N1    . DG C 3 8  ? 6.86023   1.26402   3.36346   1.000 658.14973  ? 204 DG D N1    1 
ATOM 627 C C2    . DG C 3 8  ? 7.22803   0.06168   2.80944   1.000 644.93552  ? 204 DG D C2    1 
ATOM 628 N N2    . DG C 3 8  ? 6.80742   -1.04059  3.44827   1.000 629.75102  ? 204 DG D N2    1 
ATOM 629 N N3    . DG C 3 8  ? 7.95626   -0.05322  1.70226   1.000 646.16396  ? 204 DG D N3    1 
ATOM 630 C C4    . DG C 3 8  ? 8.29312   1.15725   1.18994   1.000 661.94617  ? 204 DG D C4    1 
ATOM 631 P P     . DC C 3 9  ? 9.36583   -1.41717  -4.60054  1.000 629.62547  ? 205 DC D P     1 
ATOM 632 O OP1   . DC C 3 9  ? 9.77916   -2.57538  -5.42154  1.000 615.81979  ? 205 DC D OP1   1 
ATOM 633 O OP2   . DC C 3 9  ? 9.11960   -0.12051  -5.26726  1.000 642.39732  ? 205 DC D OP2   1 
ATOM 634 O "O5'" . DC C 3 9  ? 8.06114   -1.81911  -3.76566  1.000 623.54452  ? 205 DC D "O5'" 1 
ATOM 635 C "C5'" . DC C 3 9  ? 8.17367   -2.74246  -2.68676  1.000 614.21075  ? 205 DC D "C5'" 1 
ATOM 636 C "C4'" . DC C 3 9  ? 6.86136   -2.86072  -1.93097  1.000 610.61688  ? 205 DC D "C4'" 1 
ATOM 637 O "O4'" . DC C 3 9  ? 6.70931   -1.74181  -1.03254  1.000 623.92897  ? 205 DC D "O4'" 1 
ATOM 638 C "C3'" . DC C 3 9  ? 5.60373   -2.88216  -2.80501  1.000 607.19533  ? 205 DC D "C3'" 1 
ATOM 639 O "O3'" . DC C 3 9  ? 4.99991   -4.17264  -2.73475  1.000 590.99947  ? 205 DC D "O3'" 1 
ATOM 640 C "C2'" . DC C 3 9  ? 4.69593   -1.78122  -2.20993  1.000 618.71006  ? 205 DC D "C2'" 1 
ATOM 641 C "C1'" . DC C 3 9  ? 5.34187   -1.49513  -0.85560  1.000 624.12857  ? 205 DC D "C1'" 1 
ATOM 642 N N1    . DC C 3 9  ? 5.17379   -0.07642  -0.37198  1.000 640.77311  ? 205 DC D N1    1 
ATOM 643 C C2    . DC C 3 9  ? 4.60997   0.16539   0.88447   1.000 642.50577  ? 205 DC D C2    1 
ATOM 644 O O2    . DC C 3 9  ? 4.23159   -0.78010  1.57260   1.000 630.08062  ? 205 DC D O2    1 
ATOM 645 N N3    . DC C 3 9  ? 4.46490   1.44141   1.30899   1.000 657.43311  ? 205 DC D N3    1 
ATOM 646 C C4    . DC C 3 9  ? 4.87300   2.44915   0.54598   1.000 670.48016  ? 205 DC D C4    1 
ATOM 647 N N4    . DC C 3 9  ? 4.70902   3.69015   1.01708   1.000 685.06718  ? 205 DC D N4    1 
ATOM 648 C C5    . DC C 3 9  ? 5.46096   2.23058   -0.73384  1.000 668.59066  ? 205 DC D C5    1 
ATOM 649 C C6    . DC C 3 9  ? 5.59395   0.96273   -1.14842  1.000 653.59722  ? 205 DC D C6    1 
ATOM 650 P P     . DT C 3 10 ? 4.12331   -4.73832  -3.95746  1.000 581.63733  ? 206 DT D P     1 
ATOM 651 O OP1   . DT C 3 10 ? 4.67321   -6.05699  -4.34231  1.000 567.13869  ? 206 DT D OP1   1 
ATOM 652 O OP2   . DT C 3 10 ? 4.01111   -3.67505  -4.97797  1.000 592.23667  ? 206 DT D OP2   1 
ATOM 653 O "O5'" . DT C 3 10 ? 2.68538   -4.97311  -3.30177  1.000 576.78814  ? 206 DT D "O5'" 1 
ATOM 654 C "C5'" . DT C 3 10 ? 2.57942   -5.72236  -2.09249  1.000 568.64298  ? 206 DT D "C5'" 1 
ATOM 655 C "C4'" . DT C 3 10 ? 1.30192   -5.37231  -1.35221  1.000 570.60753  ? 206 DT D "C4'" 1 
ATOM 656 O "O4'" . DT C 3 10 ? 1.35767   -3.98719  -0.91872  1.000 587.01715  ? 206 DT D "O4'" 1 
ATOM 657 C "C3'" . DT C 3 10 ? 0.01925   -5.51300  -2.17488  1.000 566.34519  ? 206 DT D "C3'" 1 
ATOM 658 O "O3'" . DT C 3 10 ? -0.97760  -6.17239  -1.41646  1.000 557.20117  ? 206 DT D "O3'" 1 
ATOM 659 C "C2'" . DT C 3 10 ? -0.37477  -4.07058  -2.47340  1.000 582.11142  ? 206 DT D "C2'" 1 
ATOM 660 C "C1'" . DT C 3 10 ? 0.14965   -3.34487  -1.24579  1.000 592.20197  ? 206 DT D "C1'" 1 
ATOM 661 N N1    . DT C 3 10 ? 0.42741   -1.90285  -1.50129  1.000 609.40896  ? 206 DT D N1    1 
ATOM 662 C C2    . DT C 3 10 ? 0.04126   -0.95573  -0.57643  1.000 620.20710  ? 206 DT D C2    1 
ATOM 663 O O2    . DT C 3 10 ? -0.51274  -1.23603  0.46966   1.000 616.06228  ? 206 DT D O2    1 
ATOM 664 N N3    . DT C 3 10 ? 0.33772   0.34268   -0.92656  1.000 635.80270  ? 206 DT D N3    1 
ATOM 665 C C4    . DT C 3 10 ? 0.96422   0.76466   -2.08789  1.000 640.89830  ? 206 DT D C4    1 
ATOM 666 O O4    . DT C 3 10 ? 1.19228   1.94695   -2.32498  1.000 654.66330  ? 206 DT D O4    1 
ATOM 667 C C5    . DT C 3 10 ? 1.33225   -0.28498  -3.00605  1.000 628.40966  ? 206 DT D C5    1 
ATOM 668 C C7    . DT C 3 10 ? 2.01426   0.04804   -4.29380  1.000 631.48896  ? 206 DT D C7    1 
ATOM 669 C C6    . DT C 3 10 ? 1.04802   -1.54624  -2.67331  1.000 613.75622  ? 206 DT D C6    1 
ATOM 670 P P     . DG C 3 11 ? -2.10849  -7.02224  -2.17360  1.000 545.14625  ? 207 DG D P     1 
ATOM 671 O OP1   . DG C 3 11 ? -2.89339  -7.76738  -1.16767  1.000 539.56743  ? 207 DG D OP1   1 
ATOM 672 O OP2   . DG C 3 11 ? -1.41925  -7.75233  -3.25970  1.000 537.37921  ? 207 DG D OP2   1 
ATOM 673 O "O5'" . DG C 3 11 ? -3.02935  -5.90596  -2.85744  1.000 555.94431  ? 207 DG D "O5'" 1 
ATOM 674 C "C5'" . DG C 3 11 ? -4.35295  -5.66878  -2.38244  1.000 556.66706  ? 207 DG D "C5'" 1 
ATOM 675 C "C4'" . DG C 3 11 ? -4.33369  -4.99820  -1.01999  1.000 565.08022  ? 207 DG D "C4'" 1 
ATOM 676 O "O4'" . DG C 3 11 ? -3.38134  -3.90254  -1.03004  1.000 579.41493  ? 207 DG D "O4'" 1 
ATOM 677 C "C3'" . DG C 3 11 ? -5.66258  -4.39167  -0.57787  1.000 569.94643  ? 207 DG D "C3'" 1 
ATOM 678 O "O3'" . DG C 3 11 ? -5.80076  -4.51766  0.83001   1.000 568.34722  ? 207 DG D "O3'" 1 
ATOM 679 C "C2'" . DG C 3 11 ? -5.50934  -2.93271  -0.98848  1.000 586.89926  ? 207 DG D "C2'" 1 
ATOM 680 C "C1'" . DG C 3 11 ? -4.04011  -2.70448  -0.67845  1.000 592.27325  ? 207 DG D "C1'" 1 
ATOM 681 N N9    . DG C 3 11 ? -3.43772  -1.60810  -1.43045  1.000 605.64133  ? 207 DG D N9    1 
ATOM 682 C C8    . DG C 3 11 ? -2.78404  -1.69015  -2.63465  1.000 604.82111  ? 207 DG D C8    1 
ATOM 683 N N7    . DG C 3 11 ? -2.34020  -0.54242  -3.06285  1.000 618.22487  ? 207 DG D N7    1 
ATOM 684 C C5    . DG C 3 11 ? -2.72491  0.35829   -2.08198  1.000 629.01058  ? 207 DG D C5    1 
ATOM 685 C C6    . DG C 3 11 ? -2.52291  1.75449   -1.99900  1.000 645.50037  ? 207 DG D C6    1 
ATOM 686 O O6    . DG C 3 11 ? -1.94130  2.49016   -2.80885  1.000 653.79296  ? 207 DG D O6    1 
ATOM 687 N N1    . DG C 3 11 ? -3.07362  2.28914   -0.83656  1.000 651.89235  ? 207 DG D N1    1 
ATOM 688 C C2    . DG C 3 11 ? -3.73789  1.56369   0.12659   1.000 642.87219  ? 207 DG D C2    1 
ATOM 689 N N2    . DG C 3 11 ? -4.20298  2.25502   1.18073   1.000 650.45534  ? 207 DG D N2    1 
ATOM 690 N N3    . DG C 3 11 ? -3.93441  0.25147   0.05933   1.000 627.15363  ? 207 DG D N3    1 
ATOM 691 C C4    . DG C 3 11 ? -3.40242  -0.28150  -1.06641  1.000 621.30921  ? 207 DG D C4    1 
ATOM 692 P P     . DT C 3 12 ? -7.04122  -5.32528  1.45555   1.000 608.22241  ? 208 DT D P     1 
ATOM 693 O OP1   . DT C 3 12 ? -6.54606  -6.03046  2.65400   1.000 600.15437  ? 208 DT D OP1   1 
ATOM 694 O OP2   . DT C 3 12 ? -7.67297  -6.10245  0.36997   1.000 598.39223  ? 208 DT D OP2   1 
ATOM 695 O "O5'" . DT C 3 12 ? -8.06313  -4.18063  1.91633   1.000 619.78083  ? 208 DT D "O5'" 1 
ATOM 696 C "C5'" . DT C 3 12 ? -8.73960  -3.38344  0.94004   1.000 628.12527  ? 208 DT D "C5'" 1 
ATOM 697 C "C4'" . DT C 3 12 ? -9.30336  -2.12130  1.56986   1.000 641.83967  ? 208 DT D "C4'" 1 
ATOM 698 O "O4'" . DT C 3 12 ? -8.23620  -1.16147  1.76490   1.000 654.75695  ? 208 DT D "O4'" 1 
ATOM 699 C "C3'" . DT C 3 12 ? -10.31043 -1.37299  0.72065   1.000 648.78040  ? 208 DT D "C3'" 1 
ATOM 700 O "O3'" . DT C 3 12 ? -11.62647 -1.95506  0.81858   1.000 639.91656  ? 208 DT D "O3'" 1 
ATOM 701 C "C2'" . DT C 3 12 ? -10.24786 0.02683   1.32360   1.000 665.23676  ? 208 DT D "C2'" 1 
ATOM 702 C "C1'" . DT C 3 12 ? -8.76401  0.15545   1.68310   1.000 669.25884  ? 208 DT D "C1'" 1 
ATOM 703 N N1    . DT C 3 12 ? -7.96812  0.94558   0.68419   1.000 679.65312  ? 208 DT D N1    1 
ATOM 704 C C2    . DT C 3 12 ? -7.68695  2.26757   0.94703   1.000 695.63756  ? 208 DT D C2    1 
ATOM 705 O O2    . DT C 3 12 ? -8.04967  2.83926   1.96171   1.000 701.90704  ? 208 DT D O2    1 
ATOM 706 N N3    . DT C 3 12 ? -6.95866  2.90137   -0.02690  1.000 703.75395  ? 208 DT D N3    1 
ATOM 707 C C4    . DT C 3 12 ? -6.49652  2.35690   -1.21477  1.000 697.18795  ? 208 DT D C4    1 
ATOM 708 O O4    . DT C 3 12 ? -5.84758  3.00655   -2.02711  1.000 704.72502  ? 208 DT D O4    1 
ATOM 709 C C5    . DT C 3 12 ? -6.82594  0.96778   -1.42622  1.000 680.44544  ? 208 DT D C5    1 
ATOM 710 C C7    . DT C 3 12 ? -6.37707  0.26825   -2.67630  1.000 671.77473  ? 208 DT D C7    1 
ATOM 711 C C6    . DT C 3 12 ? -7.53744  0.33731   -0.48011  1.000 672.74926  ? 208 DT D C6    1 
ATOM 712 P P     . DG C 3 13 ? -12.24729 -2.45304  2.21923   1.000 698.93107  ? 209 DG D P     1 
ATOM 713 O OP1   . DG C 3 13 ? -12.13376 -1.37728  3.22724   1.000 706.65524  ? 209 DG D OP1   1 
ATOM 714 O OP2   . DG C 3 13 ? -11.72641 -3.80687  2.51095   1.000 679.91909  ? 209 DG D OP2   1 
ATOM 715 O "O5'" . DG C 3 13 ? -13.80143 -2.63830  1.88667   1.000 700.63649  ? 209 DG D "O5'" 1 
ATOM 716 C "C5'" . DG C 3 13 ? -14.43369 -1.80935  0.90313   1.000 721.40240  ? 209 DG D "C5'" 1 
ATOM 717 C "C4'" . DG C 3 13 ? -14.81001 -2.61733  -0.32783  1.000 709.26178  ? 209 DG D "C4'" 1 
ATOM 718 O "O4'" . DG C 3 13 ? -13.63635 -3.32694  -0.80796  1.000 700.37993  ? 209 DG D "O4'" 1 
ATOM 719 C "C3'" . DG C 3 13 ? -15.87971 -3.68914  -0.10593  1.000 683.05420  ? 209 DG D "C3'" 1 
ATOM 720 O "O3'" . DG C 3 13 ? -16.68503 -3.81901  -1.28071  1.000 682.68047  ? 209 DG D "O3'" 1 
ATOM 721 C "C2'" . DG C 3 13 ? -15.03846 -4.93874  0.13397   1.000 668.84725  ? 209 DG D "C2'" 1 
ATOM 722 C "C1'" . DG C 3 13 ? -13.92347 -4.70539  -0.87019  1.000 678.51264  ? 209 DG D "C1'" 1 
ATOM 723 N N9    . DG C 3 13 ? -12.69539 -5.46690  -0.61707  1.000 669.01752  ? 209 DG D N9    1 
ATOM 724 C C8    . DG C 3 13 ? -11.43692 -4.97332  -0.37052  1.000 674.61583  ? 209 DG D C8    1 
ATOM 725 N N7    . DG C 3 13 ? -10.53630 -5.90726  -0.20336  1.000 663.09670  ? 209 DG D N7    1 
ATOM 726 C C5    . DG C 3 13 ? -11.24240 -7.08977  -0.35612  1.000 664.13578  ? 209 DG D C5    1 
ATOM 727 C C6    . DG C 3 13 ? -10.81153 -8.43945  -0.28281  1.000 662.16885  ? 209 DG D C6    1 
ATOM 728 O O6    . DG C 3 13 ? -9.66679  -8.87584  -0.06252  1.000 659.01118  ? 209 DG D O6    1 
ATOM 729 N N1    . DG C 3 13 ? -11.85991 -9.32762  -0.50441  1.000 664.52609  ? 209 DG D N1    1 
ATOM 730 C C2    . DG C 3 13 ? -13.16625 -8.96374  -0.76428  1.000 668.47045  ? 209 DG D C2    1 
ATOM 731 N N2    . DG C 3 13 ? -14.04310 -9.96448  -0.93992  1.000 670.64397  ? 209 DG D N2    1 
ATOM 732 N N3    . DG C 3 13 ? -13.58159 -7.71214  -0.82782  1.000 670.27027  ? 209 DG D N3    1 
ATOM 733 C C4    . DG C 3 13 ? -12.57728 -6.83485  -0.61825  1.000 667.84316  ? 209 DG D C4    1 
ATOM 734 O "O5'" . DG D 4 1  ? -9.38698  -21.08297 2.10169   1.000 519.28432  ? 106 DG X "O5'" 1 
ATOM 735 C "C5'" . DG D 4 1  ? -10.73092 -21.42955 2.41694   1.000 520.87655  ? 106 DG X "C5'" 1 
ATOM 736 C "C4'" . DG D 4 1  ? -11.67131 -20.28204 2.09915   1.000 522.67897  ? 106 DG X "C4'" 1 
ATOM 737 O "O4'" . DG D 4 1  ? -11.30449 -19.13233 2.89383   1.000 524.57900  ? 106 DG X "O4'" 1 
ATOM 738 C "C3'" . DG D 4 1  ? -11.66013 -19.81193 0.63592   1.000 521.20863  ? 106 DG X "C3'" 1 
ATOM 739 O "O3'" . DG D 4 1  ? -12.94037 -20.03096 0.03642   1.000 521.77822  ? 106 DG X "O3'" 1 
ATOM 740 C "C2'" . DG D 4 1  ? -11.32568 -18.31484 0.72094   1.000 522.56898  ? 106 DG X "C2'" 1 
ATOM 741 C "C1'" . DG D 4 1  ? -11.62945 -17.97891 2.17541   1.000 525.19453  ? 106 DG X "C1'" 1 
ATOM 742 N N9    . DG D 4 1  ? -10.83237 -16.86189 2.68091   1.000 526.27956  ? 106 DG X N9    1 
ATOM 743 C C8    . DG D 4 1  ? -9.46598  -16.81921 2.82347   1.000 525.11077  ? 106 DG X C8    1 
ATOM 744 N N7    . DG D 4 1  ? -9.02553  -15.67820 3.28275   1.000 526.70595  ? 106 DG X N7    1 
ATOM 745 C C5    . DG D 4 1  ? -10.17451 -14.91022 3.45169   1.000 529.02013  ? 106 DG X C5    1 
ATOM 746 C C6    . DG D 4 1  ? -10.32828 -13.57776 3.92358   1.000 531.52399  ? 106 DG X C6    1 
ATOM 747 O O6    . DG D 4 1  ? -9.45006  -12.78523 4.29877   1.000 532.25676  ? 106 DG X O6    1 
ATOM 748 N N1    . DG D 4 1  ? -11.66743 -13.18759 3.93571   1.000 533.40181  ? 106 DG X N1    1 
ATOM 749 C C2    . DG D 4 1  ? -12.72161 -13.97975 3.54368   1.000 532.99901  ? 106 DG X C2    1 
ATOM 750 N N2    . DG D 4 1  ? -13.94283 -13.43005 3.62527   1.000 535.18650  ? 106 DG X N2    1 
ATOM 751 N N3    . DG D 4 1  ? -12.59065 -15.22511 3.10127   1.000 530.72829  ? 106 DG X N3    1 
ATOM 752 C C4    . DG D 4 1  ? -11.29445 -15.62430 3.08346   1.000 528.79574  ? 106 DG X C4    1 
ATOM 753 P P     . DC D 4 2  ? -13.12287 -19.97181 -1.56110  1.000 607.63380  ? 107 DC X P     1 
ATOM 754 O OP1   . DC D 4 2  ? -14.53562 -20.30626 -1.84209  1.000 608.80909  ? 107 DC X OP1   1 
ATOM 755 O OP2   . DC D 4 2  ? -12.05450 -20.77670 -2.19108  1.000 604.78163  ? 107 DC X OP2   1 
ATOM 756 O "O5'" . DC D 4 2  ? -12.88334 -18.43198 -1.92555  1.000 608.63725  ? 107 DC X "O5'" 1 
ATOM 757 C "C5'" . DC D 4 2  ? -13.96757 -17.63481 -2.37516  1.000 610.42968  ? 107 DC X "C5'" 1 
ATOM 758 C "C4'" . DC D 4 2  ? -14.54022 -16.78651 -1.24926  1.000 613.29402  ? 107 DC X "C4'" 1 
ATOM 759 O "O4'" . DC D 4 2  ? -13.46078 -16.18879 -0.47781  1.000 613.50427  ? 107 DC X "O4'" 1 
ATOM 760 C "C3'" . DC D 4 2  ? -15.43381 -15.62780 -1.71942  1.000 615.31028  ? 107 DC X "C3'" 1 
ATOM 761 O "O3'" . DC D 4 2  ? -16.70792 -15.68093 -1.07924  1.000 617.61020  ? 107 DC X "O3'" 1 
ATOM 762 C "C2'" . DC D 4 2  ? -14.65897 -14.37578 -1.31350  1.000 616.26813  ? 107 DC X "C2'" 1 
ATOM 763 C "C1'" . DC D 4 2  ? -13.81049 -14.86882 -0.14933  1.000 618.32934  ? 107 DC X "C1'" 1 
ATOM 764 N N1    . DC D 4 2  ? -12.55219 -14.06060 0.05778   1.000 623.48088  ? 107 DC X N1    1 
ATOM 765 C C2    . DC D 4 2  ? -12.64597 -12.70130 0.37691   1.000 627.24228  ? 107 DC X C2    1 
ATOM 766 O O2    . DC D 4 2  ? -13.74614 -12.16090 0.44723   1.000 626.71113  ? 107 DC X O2    1 
ATOM 767 N N3    . DC D 4 2  ? -11.52086 -11.97846 0.53401   1.000 631.21252  ? 107 DC X N3    1 
ATOM 768 C C4    . DC D 4 2  ? -10.33402 -12.56342 0.43809   1.000 632.12932  ? 107 DC X C4    1 
ATOM 769 N N4    . DC D 4 2  ? -9.25667  -11.79425 0.62381   1.000 633.87113  ? 107 DC X N4    1 
ATOM 770 C C5    . DC D 4 2  ? -10.20063 -13.95140 0.13159   1.000 629.68075  ? 107 DC X C5    1 
ATOM 771 C C6    . DC D 4 2  ? -11.32780 -14.65814 -0.04841  1.000 624.82455  ? 107 DC X C6    1 
ATOM 772 P P     . DT D 4 3  ? -18.00722 -15.04291 -1.78424  1.000 615.73643  ? 108 DT X P     1 
ATOM 773 O OP1   . DT D 4 3  ? -18.79657 -14.34640 -0.74710  1.000 618.75247  ? 108 DT X OP1   1 
ATOM 774 O OP2   . DT D 4 3  ? -18.63160 -16.10679 -2.59566  1.000 614.63150  ? 108 DT X OP2   1 
ATOM 775 O "O5'" . DT D 4 3  ? -17.42867 -13.94516 -2.79410  1.000 615.28679  ? 108 DT X "O5'" 1 
ATOM 776 C "C5'" . DT D 4 3  ? -18.30320 -12.95739 -3.34301  1.000 617.25614  ? 108 DT X "C5'" 1 
ATOM 777 C "C4'" . DT D 4 3  ? -17.78650 -12.46918 -4.68592  1.000 616.11309  ? 108 DT X "C4'" 1 
ATOM 778 O "O4'" . DT D 4 3  ? -16.47649 -11.86971 -4.51101  1.000 615.29761  ? 108 DT X "O4'" 1 
ATOM 779 C "C3'" . DT D 4 3  ? -17.62669 -13.55495 -5.75053  1.000 613.74214  ? 108 DT X "C3'" 1 
ATOM 780 O "O3'" . DT D 4 3  ? -18.13756 -13.09342 -7.00846  1.000 614.29107  ? 108 DT X "O3'" 1 
ATOM 781 C "C2'" . DT D 4 3  ? -16.11531 -13.80507 -5.78551  1.000 611.36076  ? 108 DT X "C2'" 1 
ATOM 782 C "C1'" . DT D 4 3  ? -15.55790 -12.43712 -5.41495  1.000 612.71945  ? 108 DT X "C1'" 1 
ATOM 783 N N1    . DT D 4 3  ? -14.19571 -12.46894 -4.74988  1.000 611.48250  ? 108 DT X N1    1 
ATOM 784 C C2    . DT D 4 3  ? -13.57571 -11.27651 -4.45989  1.000 612.65010  ? 108 DT X C2    1 
ATOM 785 O O2    . DT D 4 3  ? -14.06313 -10.19129 -4.71531  1.000 614.58821  ? 108 DT X O2    1 
ATOM 786 N N3    . DT D 4 3  ? -12.35393 -11.39757 -3.85596  1.000 611.59570  ? 108 DT X N3    1 
ATOM 787 C C4    . DT D 4 3  ? -11.69570 -12.55666 -3.51688  1.000 609.52981  ? 108 DT X C4    1 
ATOM 788 O O4    . DT D 4 3  ? -10.59392 -12.55146 -2.97549  1.000 608.87278  ? 108 DT X O4    1 
ATOM 789 C C5    . DT D 4 3  ? -12.39116 -13.77595 -3.84368  1.000 608.33845  ? 108 DT X C5    1 
ATOM 790 C C7    . DT D 4 3  ? -11.76778 -15.09870 -3.52067  1.000 606.17244  ? 108 DT X C7    1 
ATOM 791 C C6    . DT D 4 3  ? -13.59693 -13.67750 -4.44168  1.000 609.36997  ? 108 DT X C6    1 
ATOM 792 P P     . DG D 4 4  ? -19.51777 -13.69537 -7.57648  1.000 531.48478  ? 109 DG X P     1 
ATOM 793 O OP1   . DG D 4 4  ? -20.29497 -14.19726 -6.42403  1.000 532.67947  ? 109 DG X OP1   1 
ATOM 794 O OP2   . DG D 4 4  ? -19.18726 -14.61522 -8.68586  1.000 529.29699  ? 109 DG X OP2   1 
ATOM 795 O "O5'" . DG D 4 4  ? -20.28885 -12.43392 -8.19474  1.000 533.97802  ? 109 DG X "O5'" 1 
ATOM 796 C "C5'" . DG D 4 4  ? -19.78632 -11.11403 -8.01028  1.000 535.09397  ? 109 DG X "C5'" 1 
ATOM 797 C "C4'" . DG D 4 4  ? -18.93499 -10.69083 -9.19495  1.000 534.00353  ? 109 DG X "C4'" 1 
ATOM 798 O "O4'" . DG D 4 4  ? -17.53572 -10.78508 -8.83430  1.000 532.08114  ? 109 DG X "O4'" 1 
ATOM 799 C "C3'" . DG D 4 4  ? -19.10982 -11.54525 -10.45582 1.000 532.66582  ? 109 DG X "C3'" 1 
ATOM 800 O "O3'" . DG D 4 4  ? -19.21639 -10.72459 -11.60479 1.000 533.75790  ? 109 DG X "O3'" 1 
ATOM 801 C "C2'" . DG D 4 4  ? -17.84199 -12.39186 -10.49596 1.000 529.68500  ? 109 DG X "C2'" 1 
ATOM 802 C "C1'" . DG D 4 4  ? -16.83568 -11.46046 -9.85032  1.000 529.83624  ? 109 DG X "C1'" 1 
ATOM 803 N N9    . DG D 4 4  ? -15.70932 -12.15566 -9.24880  1.000 527.59074  ? 109 DG X N9    1 
ATOM 804 C C8    . DG D 4 4  ? -15.54426 -13.51304 -9.11561  1.000 525.53032  ? 109 DG X C8    1 
ATOM 805 N N7    . DG D 4 4  ? -14.42644 -13.84693 -8.53208  1.000 523.91722  ? 109 DG X N7    1 
ATOM 806 C C5    . DG D 4 4  ? -13.81331 -12.63257 -8.26124  1.000 525.00480  ? 109 DG X C5    1 
ATOM 807 C C6    . DG D 4 4  ? -12.57597 -12.35651 -7.63267  1.000 524.29515  ? 109 DG X C6    1 
ATOM 808 O O6    . DG D 4 4  ? -11.74304 -13.15683 -7.17659  1.000 522.47777  ? 109 DG X O6    1 
ATOM 809 N N1    . DG D 4 4  ? -12.33981 -10.98623 -7.55932  1.000 526.10112  ? 109 DG X N1    1 
ATOM 810 C C2    . DG D 4 4  ? -13.18783 -10.01081 -8.03114  1.000 528.28144  ? 109 DG X C2    1 
ATOM 811 N N2    . DG D 4 4  ? -12.79405 -8.74046  -7.86868  1.000 529.91341  ? 109 DG X N2    1 
ATOM 812 N N3    . DG D 4 4  ? -14.34885 -10.25770 -8.61691  1.000 528.97053  ? 109 DG X N3    1 
ATOM 813 C C4    . DG D 4 4  ? -14.59299 -11.58511 -8.69562  1.000 527.25356  ? 109 DG X C4    1 
ATOM 814 P P     . DT D 4 5  ? -19.96952 -11.28542 -12.90869 1.000 629.42774  ? 110 DT X P     1 
ATOM 815 O OP1   . DT D 4 5  ? -21.04522 -10.33382 -13.25415 1.000 632.40349  ? 110 DT X OP1   1 
ATOM 816 O OP2   . DT D 4 5  ? -20.29003 -12.70884 -12.66948 1.000 627.92577  ? 110 DT X OP2   1 
ATOM 817 O "O5'" . DT D 4 5  ? -18.85779 -11.25226 -14.05570 1.000 627.85502  ? 110 DT X "O5'" 1 
ATOM 818 C "C5'" . DT D 4 5  ? -18.90355 -10.25011 -15.06342 1.000 629.50642  ? 110 DT X "C5'" 1 
ATOM 819 C "C4'" . DT D 4 5  ? -18.42517 -8.91909  -14.51820 1.000 630.84637  ? 110 DT X "C4'" 1 
ATOM 820 O "O4'" . DT D 4 5  ? -17.59876 -9.15326  -13.34397 1.000 629.30767  ? 110 DT X "O4'" 1 
ATOM 821 C "C3'" . DT D 4 5  ? -17.53476 -8.13363  -15.46813 1.000 631.06683  ? 110 DT X "C3'" 1 
ATOM 822 O "O3'" . DT D 4 5  ? -17.55907 -6.76445  -15.13017 1.000 633.30795  ? 110 DT X "O3'" 1 
ATOM 823 C "C2'" . DT D 4 5  ? -16.18505 -8.72889  -15.15003 1.000 628.32641  ? 110 DT X "C2'" 1 
ATOM 824 C "C1'" . DT D 4 5  ? -16.27138 -8.76046  -13.63286 1.000 628.23980  ? 110 DT X "C1'" 1 
ATOM 825 N N1    . DT D 4 5  ? -15.32312 -9.71837  -12.99900 1.000 625.55136  ? 110 DT X N1    1 
ATOM 826 C C2    . DT D 4 5  ? -14.18970 -9.23194  -12.38938 1.000 625.03037  ? 110 DT X C2    1 
ATOM 827 O O2    . DT D 4 5  ? -13.91880 -8.04777  -12.33036 1.000 626.66599  ? 110 DT X O2    1 
ATOM 828 N N3    . DT D 4 5  ? -13.37843 -10.18817 -11.84643 1.000 622.64899  ? 110 DT X N3    1 
ATOM 829 C C4    . DT D 4 5  ? -13.58091 -11.55290 -11.85159 1.000 620.75892  ? 110 DT X C4    1 
ATOM 830 O O4    . DT D 4 5  ? -12.79190 -12.33382 -11.33479 1.000 618.77630  ? 110 DT X O4    1 
ATOM 831 C C5    . DT D 4 5  ? -14.78500 -11.99876 -12.50855 1.000 621.42572  ? 110 DT X C5    1 
ATOM 832 C C7    . DT D 4 5  ? -15.11009 -13.45993 -12.57460 1.000 619.68069  ? 110 DT X C7    1 
ATOM 833 C C6    . DT D 4 5  ? -15.58831 -11.06982 -13.04706 1.000 623.77703  ? 110 DT X C6    1 
ATOM 834 P P     . DG D 4 6  ? -17.29580 -5.65701  -16.26451 1.000 742.06422  ? 111 DG X P     1 
ATOM 835 O OP1   . DG D 4 6  ? -18.20003 -4.51692  -15.99505 1.000 745.12817  ? 111 DG X OP1   1 
ATOM 836 O OP2   . DG D 4 6  ? -17.37511 -6.35703  -17.56755 1.000 741.38212  ? 111 DG X OP2   1 
ATOM 837 O "O5'" . DG D 4 6  ? -15.76042 -5.21465  -16.05945 1.000 740.94608  ? 111 DG X "O5'" 1 
ATOM 838 C "C5'" . DG D 4 6  ? -15.08752 -5.46324  -14.81793 1.000 739.45746  ? 111 DG X "C5'" 1 
ATOM 839 C "C4'" . DG D 4 6  ? -13.56954 -5.36972  -14.97084 1.000 738.00824  ? 111 DG X "C4'" 1 
ATOM 840 O "O4'" . DG D 4 6  ? -12.93640 -6.51452  -14.32919 1.000 735.21338  ? 111 DG X "O4'" 1 
ATOM 841 C "C3'" . DG D 4 6  ? -13.05538 -5.35297  -16.41041 1.000 737.85592  ? 111 DG X "C3'" 1 
ATOM 842 O "O3'" . DG D 4 6  ? -12.02445 -4.39078  -16.55324 1.000 738.68051  ? 111 DG X "O3'" 1 
ATOM 843 C "C2'" . DG D 4 6  ? -12.52422 -6.76691  -16.61437 1.000 734.80942  ? 111 DG X "C2'" 1 
ATOM 844 C "C1'" . DG D 4 6  ? -12.04081 -7.13968  -15.22715 1.000 733.33375  ? 111 DG X "C1'" 1 
ATOM 845 N N9    . DG D 4 6  ? -12.09168 -8.57562  -14.99878 1.000 730.85189  ? 111 DG X N9    1 
ATOM 846 C C8    . DG D 4 6  ? -13.10374 -9.41530  -15.36811 1.000 730.55907  ? 111 DG X C8    1 
ATOM 847 N N7    . DG D 4 6  ? -12.90397 -10.65223 -15.03725 1.000 728.26593  ? 111 DG X N7    1 
ATOM 848 C C5    . DG D 4 6  ? -11.66447 -10.64092 -14.42318 1.000 726.90581  ? 111 DG X C5    1 
ATOM 849 C C6    . DG D 4 6  ? -10.92648 -11.69878 -13.86228 1.000 724.42552  ? 111 DG X C6    1 
ATOM 850 O O6    . DG D 4 6  ? -11.23175 -12.88923 -13.80385 1.000 722.87397  ? 111 DG X O6    1 
ATOM 851 N N1    . DG D 4 6  ? -9.72103  -11.26425 -13.33403 1.000 723.95353  ? 111 DG X N1    1 
ATOM 852 C C2    . DG D 4 6  ? -9.27872  -9.96547  -13.34000 1.000 725.69383  ? 111 DG X C2    1 
ATOM 853 N N2    . DG D 4 6  ? -8.08039  -9.74535  -12.77805 1.000 725.05313  ? 111 DG X N2    1 
ATOM 854 N N3    . DG D 4 6  ? -9.96361  -8.95402  -13.86484 1.000 728.03969  ? 111 DG X N3    1 
ATOM 855 C C4    . DG D 4 6  ? -11.14576 -9.36781  -14.38684 1.000 728.49051  ? 111 DG X C4    1 
# 
loop_
_atom_site_anisotrop.id 
_atom_site_anisotrop.type_symbol 
_atom_site_anisotrop.pdbx_label_atom_id 
_atom_site_anisotrop.pdbx_label_alt_id 
_atom_site_anisotrop.pdbx_label_comp_id 
_atom_site_anisotrop.pdbx_label_asym_id 
_atom_site_anisotrop.pdbx_label_seq_id 
_atom_site_anisotrop.pdbx_PDB_ins_code 
_atom_site_anisotrop.U[1][1] 
_atom_site_anisotrop.U[2][2] 
_atom_site_anisotrop.U[3][3] 
_atom_site_anisotrop.U[1][2] 
_atom_site_anisotrop.U[1][3] 
_atom_site_anisotrop.U[2][3] 
_atom_site_anisotrop.pdbx_auth_seq_id 
_atom_site_anisotrop.pdbx_auth_comp_id 
_atom_site_anisotrop.pdbx_auth_asym_id 
_atom_site_anisotrop.pdbx_auth_atom_id 
1   P P     . DA A 1  ? 8.92385  12.39279 7.59764  2.27502  -1.30241 -0.11192 112 DA A P     
2   O OP1   . DA A 1  ? 8.87243  12.35440 7.51193  2.30091  -1.22808 -0.11506 112 DA A OP1   
3   O OP2   . DA A 1  ? 9.04009  12.44939 7.68426  2.21490  -1.41286 -0.10493 112 DA A OP2   
4   O "O5'" . DA A 1  ? 8.98593  12.40298 7.66731  2.30600  -1.33671 -0.07957 112 DA A "O5'" 
5   C "C5'" . DA A 1  ? 8.89538  12.37014 7.60618  2.35869  -1.24525 -0.07749 112 DA A "C5'" 
6   C "C4'" . DA A 1  ? 8.85905  12.38012 7.64052  2.35961  -1.24736 -0.07373 112 DA A "C4'" 
7   O "O4'" . DA A 1  ? 8.80412  12.37804 7.62369  2.32652  -1.24629 -0.10641 112 DA A "O4'" 
8   C "C3'" . DA A 1  ? 8.98569  12.42945 7.77717  2.34677  -1.35751 -0.03720 112 DA A "C3'" 
9   O "O3'" . DA A 1  ? 8.96878  12.43616 7.79333  2.38437  -1.32722 -0.00778 112 DA A "O3'" 
10  C "C2'" . DA A 1  ? 9.00122  12.45248 7.83816  2.30177  -1.42237 -0.05145 112 DA A "C2'" 
11  C "C1'" . DA A 1  ? 8.86398  12.41449 7.72770  2.30182  -1.32972 -0.09541 112 DA A "C1'" 
12  N N9    . DA A 1  ? 8.87646  12.43588 7.74310  2.25910  -1.37161 -0.12582 112 DA A N9    
13  C C8    . DA A 1  ? 8.90071  12.44643 7.71653  2.23384  -1.38222 -0.14083 112 DA A C8    
14  N N7    . DA A 1  ? 8.90744  12.47924 7.73808  2.19707  -1.41718 -0.16706 112 DA A N7    
15  C C5    . DA A 1  ? 8.88420  12.48387 7.78083  2.20123  -1.43056 -0.17368 112 DA A C5    
16  C C6    . DA A 1  ? 8.88371  12.51693 7.82476  2.17590  -1.46849 -0.20175 112 DA A C6    
17  N N6    . DA A 1  ? 8.90520  12.55927 7.82706  2.14176  -1.49484 -0.23045 112 DA A N6    
18  N N1    . DA A 1  ? 8.86556  12.51255 7.87295  2.18579  -1.48110 -0.19743 112 DA A N1    
19  C C2    . DA A 1  ? 8.84845  12.48309 7.87615  2.21561  -1.45582 -0.16269 112 DA A C2    
20  N N3    . DA A 1  ? 8.84688  12.45807 7.83442  2.24315  -1.41552 -0.13526 112 DA A N3    
21  C C4    . DA A 1  ? 8.86400  12.45631 7.78567  2.23630  -1.40381 -0.14541 112 DA A C4    
22  P P     . DC A 2  ? 8.05465  11.61432 6.96011  2.39133  -1.27178 -0.00635 113 DC A P     
23  O OP1   . DC A 2  ? 7.94975  11.59274 6.86728  2.38711  -1.18263 -0.04904 113 DC A OP1   
24  O OP2   . DC A 2  ? 8.13503  11.71080 7.04818  2.43146  -1.23699 0.03229  113 DC A OP2   
25  O "O5'" . DC A 2  ? 8.14026  11.66175 7.10183  2.35231  -1.38445 0.00901  113 DC A "O5'" 
26  C "C5'" . DC A 2  ? 8.14041  11.72050 7.17766  2.33606  -1.37691 0.00079  113 DC A "C5'" 
27  C "C4'" . DC A 2  ? 8.26958  11.79602 7.35432  2.30070  -1.49885 0.01880  113 DC A "C4'" 
28  O "O4'" . DC A 2  ? 8.19148  11.71063 7.26590  2.26509  -1.53534 -0.02308 113 DC A "O4'" 
29  C "C3'" . DC A 2  ? 8.41602  11.85165 7.46985  2.29931  -1.58830 0.05784  113 DC A "C3'" 
30  O "O3'" . DC A 2  ? 8.57146  11.99755 7.70036  2.29512  -1.65135 0.10311  113 DC A "O3'" 
31  C "C2'" . DC A 2  ? 8.39702  11.77134 7.40636  2.25910  -1.66591 0.03481  113 DC A "C2'" 
32  C "C1'" . DC A 2  ? 8.30164  11.73628 7.35694  2.23586  -1.64929 -0.00604 113 DC A "C1'" 
33  N N1    . DC A 2  ? 8.30080  11.72326 7.30224  2.20618  -1.66541 -0.04491 113 DC A N1    
34  C C2    . DC A 2  ? 8.29814  11.74525 7.33467  2.17419  -1.70323 -0.07590 113 DC A C2    
35  O O2    . DC A 2  ? 8.28140  11.75286 7.39516  2.17152  -1.72570 -0.07181 113 DC A O2    
36  N N3    . DC A 2  ? 8.31774  11.76436 7.30460  2.14606  -1.71596 -0.10785 113 DC A N3    
37  C C4    . DC A 2  ? 8.34155  11.75835 7.25099  2.14457  -1.69805 -0.10423 113 DC A C4    
38  N N4    . DC A 2  ? 8.36694  11.78836 7.23280  2.10979  -1.71673 -0.12836 113 DC A N4    
39  C C5    . DC A 2  ? 8.34731  11.72941 7.22152  2.17718  -1.66425 -0.07379 113 DC A C5    
40  C C6    . DC A 2  ? 8.32550  11.71465 7.24564  2.20933  -1.64645 -0.04757 113 DC A C6    
41  P P     . DG A 3  ? 7.42588  10.84784 6.56270  2.33283  -1.64079 0.15701  114 DG A P     
42  O OP1   . DG A 3  ? 7.33607  10.83882 6.46721  2.36928  -1.51846 0.15118  114 DG A OP1   
43  O OP2   . DG A 3  ? 7.46959  10.80287 6.53517  2.33615  -1.70276 0.17078  114 DG A OP2   
44  O "O5'" . DG A 3  ? 7.58882  11.01733 6.83672  2.31477  -1.71642 0.20434  114 DG A "O5'" 
45  C "C5'" . DG A 3  ? 7.73616  11.09267 7.00437  2.28454  -1.83690 0.22616  114 DG A "C5'" 
46  C "C4'" . DG A 3  ? 7.73354  11.11014 7.10596  2.24921  -1.89579 0.23228  114 DG A "C4'" 
47  O "O4'" . DG A 3  ? 7.57157  10.96688 6.92344  2.22681  -1.87406 0.17213  114 DG A "O4'" 
48  C "C3'" . DG A 3  ? 7.86234  11.17385 7.27506  2.21810  -2.02324 0.26568  114 DG A "C3'" 
49  O "O3'" . DG A 3  ? 7.91575  11.26104 7.45685  2.20246  -2.06639 0.30089  114 DG A "O3'" 
50  C "C2'" . DG A 3  ? 7.76628  11.03936 7.12027  2.18394  -2.06040 0.21471  114 DG A "C2'" 
51  C "C1'" . DG A 3  ? 7.60869  10.95410 6.97490  2.18691  -1.97634 0.16474  114 DG A "C1'" 
52  N N9    . DG A 3  ? 7.48042  10.81653 6.76533  2.17145  -1.95800 0.10669  114 DG A N9    
53  C C8    . DG A 3  ? 7.40625  10.72078 6.58844  2.18375  -1.91221 0.08607  114 DG A C8    
54  N N7    . DG A 3  ? 7.30317  10.62049 6.43953  2.16089  -1.90927 0.04014  114 DG A N7    
55  C C5    . DG A 3  ? 7.31086  10.65486 6.51822  2.13591  -1.95193 0.02353  114 DG A C5    
56  C C6    . DG A 3  ? 7.23818  10.60317 6.43698  2.10763  -1.96812 -0.02524 114 DG A C6    
57  O O6    . DG A 3  ? 7.14669  10.51540 6.27453  2.09574  -1.94621 -0.05984 114 DG A O6    
58  N N1    . DG A 3  ? 7.28986  10.67760 6.57818  2.09226  -2.01641 -0.03012 114 DG A N1    
59  C C2    . DG A 3  ? 7.39720  10.78490 6.77895  2.09835  -2.04994 0.01376  114 DG A C2    
60  N N2    . DG A 3  ? 7.43964  10.84759 6.90723  2.07922  -2.10164 0.00426  114 DG A N2    
61  N N3    . DG A 3  ? 7.46618  10.83904 6.86103  2.12153  -2.03559 0.06524  114 DG A N3    
62  C C4    . DG A 3  ? 7.41881  10.77069 6.71970  2.14126  -1.98482 0.06422  114 DG A C4    
63  P P     . DG A 4  ? 6.92309  10.21976 6.54114  2.17366  -2.19473 0.35226  115 DG A P     
64  O OP1   . DG A 4  ? 6.98198  10.33084 6.74395  2.16891  -2.21224 0.39856  115 DG A OP1   
65  O OP2   . DG A 4  ? 7.03408  10.27228 6.58611  2.18903  -2.22592 0.38235  115 DG A OP2   
66  O "O5'" . DG A 4  ? 6.84439  10.10653 6.44085  2.13126  -2.25743 0.30608  115 DG A "O5'" 
67  C "C5'" . DG A 4  ? 6.76013  10.06975 6.39758  2.11650  -2.23296 0.26168  115 DG A "C5'" 
68  C "C4'" . DG A 4  ? 6.71654  9.99191  6.31401  2.08087  -2.29327 0.21720  115 DG A "C4'" 
69  O "O4'" . DG A 4  ? 6.59205  9.86342  6.06941  2.08729  -2.22991 0.16080  115 DG A "O4'" 
70  C "C3'" . DG A 4  ? 6.84608  10.04997 6.42930  2.05402  -2.40178 0.25042  115 DG A "C3'" 
71  O "O3'" . DG A 4  ? 6.84439  10.04302 6.45596  2.01685  -2.47187 0.22457  115 DG A "O3'" 
72  C "C2'" . DG A 4  ? 6.80953  9.96633  6.25202  2.06039  -2.37378 0.22730  115 DG A "C2'" 
73  C "C1'" . DG A 4  ? 6.64241  9.84595  6.04697  2.06102  -2.30106 0.15936  115 DG A "C1'" 
74  N N9    . DG A 4  ? 6.54911  9.73510  5.83374  2.06937  -2.24532 0.12731  115 DG A N9    
75  C C8    . DG A 4  ? 6.54724  9.70667  5.76402  2.09706  -2.20198 0.14577  115 DG A C8    
76  N N7    . DG A 4  ? 6.45341  9.60053  5.57494  2.09387  -2.16413 0.11158  115 DG A N7    
77  C C5    . DG A 4  ? 6.39154  9.56341  5.51702  2.06190  -2.18205 0.06880  115 DG A C5    
78  C C6    . DG A 4  ? 6.28974  9.47019  5.34163  2.04167  -2.16002 0.02501  115 DG A C6    
79  O O6    . DG A 4  ? 6.22782  9.39084  5.19697  2.04498  -2.12191 0.01780  115 DG A O6    
80  N N1    . DG A 4  ? 6.26972  9.48690  5.35663  2.01439  -2.18912 -0.01119 115 DG A N1    
81  C C2    . DG A 4  ? 6.33995  9.57587  5.52139  2.00802  -2.23656 -0.00688 115 DG A C2    
82  N N2    . DG A 4  ? 6.32041  9.59164  5.52148  1.98440  -2.26077 -0.04976 115 DG A N2    
83  N N3    . DG A 4  ? 6.43144  9.65574  5.68719  2.02298  -2.26124 0.03805  115 DG A N3    
84  C C4    . DG A 4  ? 6.45125  9.64626  5.67347  2.04922  -2.23064 0.07474  115 DG A C4    
85  P P     . DA A 5  ? 5.90950  9.15365  5.66520  2.00201  -2.51401 0.23383  116 DA A P     
86  O OP1   . DA A 5  ? 5.84207  9.13004  5.69590  2.02569  -2.47458 0.27902  116 DA A OP1   
87  O OP2   . DA A 5  ? 6.01687  9.22173  5.80566  1.96750  -2.62663 0.25906  116 DA A OP2   
88  O "O5'" . DA A 5  ? 5.84336  9.12946  5.57067  1.99703  -2.46888 0.15268  116 DA A "O5'" 
89  C "C5'" . DA A 5  ? 5.85422  9.16368  5.66223  1.97407  -2.52579 0.12980  116 DA A "C5'" 
90  C "C4'" . DA A 5  ? 5.88679  9.19077  5.60796  1.95491  -2.53836 0.06100  116 DA A "C4'" 
91  O "O4'" . DA A 5  ? 5.88429  9.16648  5.47290  1.96295  -2.48208 0.04045  116 DA A "O4'" 
92  C "C3'" . DA A 5  ? 6.00521  9.26886  5.73083  1.91877  -2.64910 0.07116  116 DA A "C3'" 
93  O "O3'" . DA A 5  ? 6.00732  9.30380  5.73711  1.90464  -2.66686 0.00681  116 DA A "O3'" 
94  C "C2'" . DA A 5  ? 6.07621  9.28114  5.67305  1.90798  -2.65661 0.08107  116 DA A "C2'" 
95  C "C1'" . DA A 5  ? 5.98980  9.22368  5.50405  1.93079  -2.55072 0.03429  116 DA A "C1'" 
96  N N9    . DA A 5  ? 6.02016  9.20667  5.42846  1.93547  -2.52520 0.05435  116 DA A N9    
97  C C8    . DA A 5  ? 6.03063  9.18335  5.43715  1.95570  -2.51495 0.10864  116 DA A C8    
98  N N7    . DA A 5  ? 6.06451  9.17493  5.36368  1.95718  -2.49437 0.11175  116 DA A N7    
99  C C5    . DA A 5  ? 6.07584  9.19467  5.30486  1.93191  -2.49191 0.06157  116 DA A C5    
100 C C6    . DA A 5  ? 6.11446  9.20323  5.22679  1.91488  -2.47952 0.04656  116 DA A C6    
101 N N6    . DA A 5  ? 6.15085  9.18629  5.19222  1.92401  -2.46764 0.07787  116 DA A N6    
102 N N1    . DA A 5  ? 6.11978  9.23760  5.19340  1.88662  -2.48299 -0.00020 116 DA A N1    
103 C C2    . DA A 5  ? 6.08833  9.26040  5.23206  1.88177  -2.49561 -0.03618 116 DA A C2    
104 N N3    . DA A 5  ? 6.05258  9.25085  5.30640  1.89790  -2.50993 -0.02973 116 DA A N3    
105 C C4    . DA A 5  ? 6.04781  9.21688  5.34109  1.92032  -2.50818 0.02377  116 DA A C4    
106 P P     . DC A 6  ? 5.69377  8.94816  5.47600  1.83446  -2.77597 0.03261  117 DC A P     
107 O OP1   . DC A 6  ? 5.64348  8.94390  5.50787  1.82345  -2.77968 -0.01032 117 DC A OP1   
108 O OP2   . DC A 6  ? 5.74886  8.96136  5.59754  1.81708  -2.84303 0.11893  117 DC A OP2   
109 O "O5'" . DC A 6  ? 5.75322  8.96525  5.40054  1.79281  -2.78982 0.01162  117 DC A "O5'" 
110 C "C5'" . DC A 6  ? 5.71260  8.96196  5.27062  1.80773  -2.72047 -0.05866 117 DC A "C5'" 
111 C "C4'" . DC A 6  ? 5.78853  8.98998  5.22682  1.75787  -2.74968 -0.05449 117 DC A "C4'" 
112 O "O4'" . DC A 6  ? 5.81032  8.98330  5.16014  1.78826  -2.71247 -0.03365 117 DC A "O4'" 
113 C "C3'" . DC A 6  ? 5.88353  9.02211  5.33270  1.68146  -2.85677 -0.00037 117 DC A "C3'" 
114 O "O3'" . DC A 6  ? 5.91987  9.05680  5.30170  1.62075  -2.88125 -0.02770 117 DC A "O3'" 
115 C "C2'" . DC A 6  ? 5.95124  9.02547  5.33926  1.68241  -2.87740 0.05883  117 DC A "C2'" 
116 C "C1'" . DC A 6  ? 5.91466  9.00875  5.20816  1.73286  -2.78845 0.02027  117 DC A "C1'" 
117 N N1    . DC A 6  ? 5.93766  8.99174  5.19698  1.76947  -2.77127 0.06351  117 DC A N1    
118 C C2    . DC A 6  ? 5.98010  8.99813  5.11863  1.76661  -2.75021 0.06571  117 DC A C2    
119 O O2    . DC A 6  ? 6.00005  9.02312  5.06291  1.73104  -2.74774 0.03581  117 DC A O2    
120 N N3    . DC A 6  ? 6.00095  8.97977  5.11125  1.79956  -2.73518 0.10416  117 DC A N3    
121 C C4    . DC A 6  ? 5.98004  8.96069  5.17702  1.83260  -2.73899 0.14074  117 DC A C4    
122 N N4    . DC A 6  ? 6.00142  8.94506  5.16722  1.86245  -2.72253 0.17841  117 DC A N4    
123 C C5    . DC A 6  ? 5.93922  8.96031  5.26214  1.83269  -2.76251 0.14431  117 DC A C5    
124 C C6    . DC A 6  ? 5.91989  8.97369  5.26973  1.80139  -2.77887 0.10442  117 DC A C6    
125 P P     . DA A 7  ? 6.11501  9.21664  5.51771  1.53232  -2.98281 0.01208  118 DA A P     
126 O OP1   . DA A 7  ? 6.07242  9.22365  5.52530  1.50911  -2.98284 -0.03719 118 DA A OP1   
127 O OP2   . DA A 7  ? 6.14419  9.21268  5.62535  1.53121  -3.03598 0.08160  118 DA A OP2   
128 O "O5'" . DA A 7  ? 6.21077  9.26242  5.47096  1.47308  -3.01266 0.03363  118 DA A "O5'" 
129 C "C5'" . DA A 7  ? 6.20225  9.27452  5.36144  1.47382  -2.96007 -0.01268 118 DA A "C5'" 
130 C "C4'" . DA A 7  ? 6.30994  9.32132  5.34066  1.41361  -3.00136 0.02821  118 DA A "C4'" 
131 O "O4'" . DA A 7  ? 6.32210  9.29407  5.31269  1.46085  -2.97474 0.05686  118 DA A "O4'" 
132 C "C3'" . DA A 7  ? 6.40985  9.37289  5.42963  1.32636  -3.10063 0.08848  118 DA A "C3'" 
133 O "O3'" . DA A 7  ? 6.49968  9.43605  5.39274  1.24817  -3.13222 0.10015  118 DA A "O3'" 
134 C "C2'" . DA A 7  ? 6.43700  9.34996  5.47889  1.35453  -3.12121 0.14813  118 DA A "C2'" 
135 C "C1'" . DA A 7  ? 6.41168  9.31526  5.38786  1.41794  -3.04962 0.12832  118 DA A "C1'" 
136 N N9    . DA A 7  ? 6.37810  9.26595  5.41021  1.48715  -3.02467 0.15342  118 DA A N9    
137 C C8    . DA A 7  ? 6.30182  9.22694  5.45636  1.54113  -3.00319 0.14678  118 DA A C8    
138 N N7    . DA A 7  ? 6.29086  9.19546  5.46923  1.59208  -2.98317 0.17816  118 DA A N7    
139 C C5    . DA A 7  ? 6.36183  9.20832  5.42609  1.57427  -2.99039 0.20363  118 DA A C5    
140 C C6    . DA A 7  ? 6.38803  9.18752  5.41630  1.60662  -2.97733 0.24145  118 DA A C6    
141 N N6    . DA A 7  ? 6.34250  9.15248  5.44908  1.66498  -2.95139 0.26169  118 DA A N6    
142 N N1    . DA A 7  ? 6.46673  9.20863  5.37579  1.57197  -2.99416 0.26114  118 DA A N1    
143 C C2    . DA A 7  ? 6.51894  9.25481  5.34942  1.50519  -3.02376 0.24796  118 DA A C2    
144 N N3    . DA A 7  ? 6.50135  9.28249  5.35335  1.46785  -3.03681 0.21390  118 DA A N3    
145 C C4    . DA A 7  ? 6.41865  9.25312  5.39147  1.50822  -3.01770 0.19065  118 DA A C4    
146 P P     . DG A 8  ? 6.51018  9.38726  5.33700  1.15369  -3.22480 0.17531  119 DG A P     
147 O OP1   . DG A 8  ? 6.58496  9.45960  5.29959  1.06593  -3.25115 0.16937  119 DG A OP1   
148 O OP2   . DG A 8  ? 6.50359  9.38957  5.43608  1.13953  -3.27455 0.21021  119 DG A OP2   
149 O "O5'" . DG A 8  ? 6.54986  9.36750  5.31554  1.18549  -3.21501 0.21622  119 DG A "O5'" 
150 C "C5'" . DG A 8  ? 6.59929  9.38863  5.23966  1.16937  -3.19491 0.21275  119 DG A "C5'" 
151 C "C4'" . DG A 8  ? 6.72004  9.44120  5.26795  1.10091  -3.25968 0.28544  119 DG A "C4'" 
152 O "O4'" . DG A 8  ? 6.70470  9.38953  5.29085  1.16257  -3.24795 0.31823  119 DG A "O4'" 
153 C "C3'" . DG A 8  ? 6.79414  9.51563  5.34173  1.00513  -3.34258 0.33371  119 DG A "C3'" 
154 O "O3'" . DG A 8  ? 6.91939  9.60435  5.33036  0.90496  -3.39491 0.38086  119 DG A "O3'" 
155 C "C2'" . DG A 8  ? 6.76599  9.48101  5.41586  1.04450  -3.35947 0.37490  119 DG A "C2'" 
156 C "C1'" . DG A 8  ? 6.72736  9.40725  5.37988  1.13490  -3.30457 0.36997  119 DG A "C1'" 
157 N N9    . DG A 8  ? 6.63216  9.33562  5.41642  1.22113  -3.26988 0.35670  119 DG A N9    
158 C C8    . DG A 8  ? 6.55401  9.31336  5.45116  1.24630  -3.25828 0.32315  119 DG A C8    
159 N N7    . DG A 8  ? 6.48671  9.25704  5.48551  1.31890  -3.23011 0.32620  119 DG A N7    
160 C C5    . DG A 8  ? 6.52020  9.23873  5.46949  1.34555  -3.22028 0.36171  119 DG A C5    
161 C C6    . DG A 8  ? 6.48156  9.18845  5.49263  1.41543  -3.19181 0.38337  119 DG A C6    
162 O O6    . DG A 8  ? 6.41110  9.15431  5.53695  1.46608  -3.17131 0.37948  119 DG A O6    
163 N N1    . DG A 8  ? 6.53860  9.18599  5.46415  1.41786  -3.19111 0.41711  119 DG A N1    
164 C C2    . DG A 8  ? 6.62447  9.22864  5.42232  1.35801  -3.21720 0.43065  119 DG A C2    
165 N N2    . DG A 8  ? 6.67160  9.21884  5.40361  1.36795  -3.21424 0.46502  119 DG A N2    
166 N N3    . DG A 8  ? 6.66525  9.28285  5.40365  1.28816  -3.24604 0.41507  119 DG A N3    
167 C C4    . DG A 8  ? 6.60825  9.28361  5.42710  1.28738  -3.24453 0.37954  119 DG A C4    
168 P P     . DC A 9  ? 6.99780  9.62378  5.33399  0.88909  -3.41840 0.44639  120 DC A P     
169 O OP1   . DC A 9  ? 6.94768  9.54098  5.28339  0.98370  -3.35453 0.42183  120 DC A OP1   
170 O OP2   . DC A 9  ? 7.11953  9.73622  5.32292  0.76830  -3.47264 0.48432  120 DC A OP2   
171 O "O5'" . DC A 9  ? 6.98857  9.62561  5.41662  0.89220  -3.45475 0.49832  120 DC A "O5'" 
172 C "C5'" . DC A 9  ? 7.07055  9.69021  5.44223  0.83488  -3.49944 0.57000  120 DC A "C5'" 
173 C "C4'" . DC A 9  ? 7.04749  9.62022  5.44775  0.91162  -3.47307 0.59341  120 DC A "C4'" 
174 O "O4'" . DC A 9  ? 6.94019  9.51924  5.46263  1.01500  -3.42580 0.55291  120 DC A "O4'" 
175 C "C3'" . DC A 9  ? 7.08513  9.66596  5.50368  0.88122  -3.51255 0.66622  120 DC A "C3'" 
176 O "O3'" . DC A 9  ? 7.13712  9.66771  5.47602  0.88332  -3.50760 0.70038  120 DC A "O3'" 
177 C "C2'" . DC A 9  ? 6.99624  9.58987  5.56288  0.96155  -3.49508 0.66358  120 DC A "C2'" 
178 C "C1'" . DC A 9  ? 6.92420  9.49186  5.51839  1.05164  -3.43325 0.59886  120 DC A "C1'" 
179 N N1    . DC A 9  ? 6.82681  9.42994  5.56413  1.12028  -3.40934 0.57347  120 DC A N1    
180 C C2    . DC A 9  ? 6.77953  9.36577  5.59332  1.19708  -3.38212 0.58981  120 DC A C2    
181 O O2    . DC A 9  ? 6.81682  9.35488  5.57799  1.21029  -3.37685 0.62151  120 DC A O2    
182 N N3    . DC A 9  ? 6.69666  9.32311  5.64101  1.25054  -3.36345 0.57343  120 DC A N3    
183 C C4    . DC A 9  ? 6.65868  9.33618  5.65819  1.23256  -3.37053 0.53939  120 DC A C4    
184 N N4    . DC A 9  ? 6.57997  9.29813  5.71072  1.28222  -3.35393 0.52848  120 DC A N4    
185 C C5    . DC A 9  ? 6.70295  9.39485  5.62609  1.15814  -3.39639 0.51853  120 DC A C5    
186 C C6    . DC A 9  ? 6.78761  9.44298  5.58040  1.10277  -3.41537 0.53782  120 DC A C6    
187 P P     . DA A 10 ? 7.21600  9.77164  5.49647  0.80669  -3.55086 0.77552  121 DA A P     
188 O OP1   . DA A 10 ? 7.27254  9.77486  5.44899  0.80239  -3.53934 0.79344  121 DA A OP1   
189 O OP2   . DA A 10 ? 7.25524  9.88835  5.50620  0.70983  -3.59080 0.78676  121 DA A OP2   
190 O "O5'" . DA A 10 ? 7.16355  9.72964  5.56411  0.86227  -3.55097 0.81094  121 DA A "O5'" 
191 C "C5'" . DA A 10 ? 7.11209  9.62166  5.57299  0.95791  -3.51394 0.80296  121 DA A "C5'" 
192 C "C4'" . DA A 10 ? 7.08228  9.61644  5.64504  0.98439  -3.52552 0.85266  121 DA A "C4'" 
193 O "O4'" . DA A 10 ? 6.99632  9.54111  5.68871  1.05485  -3.50405 0.82584  121 DA A "O4'" 
194 C "C3'" . DA A 10 ? 7.10783  9.72232  5.68454  0.91229  -3.56770 0.89710  121 DA A "C3'" 
195 O "O3'" . DA A 10 ? 7.10336  9.73020  5.73067  0.93238  -3.57313 0.95392  121 DA A "O3'" 
196 C "C2'" . DA A 10 ? 7.04454  9.70358  5.72566  0.92510  -3.57117 0.86582  121 DA A "C2'" 
197 C "C1'" . DA A 10 ? 6.97564  9.59247  5.75219  1.02289  -3.53537 0.85010  121 DA A "C1'" 
198 N N9    . DA A 10 ? 6.90392  9.54376  5.77253  1.06017  -3.51941 0.80169  121 DA A N9    
199 C C8    . DA A 10 ? 6.89612  9.56069  5.74604  1.02859  -3.52245 0.75253  121 DA A C8    
200 N N7    . DA A 10 ? 6.81978  9.50699  5.77279  1.07758  -3.50168 0.71449  121 DA A N7    
201 C C5    . DA A 10 ? 6.77813  9.45742  5.82273  1.14225  -3.48566 0.74430  121 DA A C5    
202 C C6    . DA A 10 ? 6.69788  9.40117  5.87385  1.20858  -3.46171 0.73369  121 DA A C6    
203 N N6    . DA A 10 ? 6.63914  9.37839  5.87913  1.22498  -3.44705 0.68378  121 DA A N6    
204 N N1    . DA A 10 ? 6.68149  9.37612  5.92212  1.25420  -3.45330 0.77964  121 DA A N1    
205 C C2    . DA A 10 ? 6.73820  9.39868  5.91548  1.23820  -3.46605 0.82802  121 DA A C2    
206 N N3    . DA A 10 ? 6.81199  9.44758  5.86745  1.18029  -3.48698 0.84027  121 DA A N3    
207 C C4    . DA A 10 ? 6.82975  9.47790  5.82338  1.13252  -3.49665 0.79784  121 DA A C4    
208 P P     . DG A 11 ? 7.16555  9.76675  5.70101  0.91399  -3.57355 0.99831  122 DG A P     
209 O OP1   . DG A 11 ? 7.16726  9.67665  5.66309  0.96832  -3.54157 0.97463  122 DG A OP1   
210 O OP2   . DG A 11 ? 7.22863  9.89111  5.66379  0.82343  -3.59782 1.01185  122 DG A OP2   
211 O "O5'" . DG A 11 ? 7.13698  9.77124  5.76937  0.94483  -3.57867 1.05523  122 DG A "O5'" 
212 C "C5'" . DG A 11 ? 7.11355  9.69024  5.79304  1.01462  -3.55612 1.07264  122 DG A "C5'" 
213 C "C4'" . DG A 11 ? 7.04822  9.66319  5.87714  1.06123  -3.55621 1.09753  122 DG A "C4'" 
214 O "O4'" . DG A 11 ? 6.99614  9.62890  5.89518  1.07730  -3.55289 1.05283  122 DG A "O4'" 
215 C "C3'" . DG A 11 ? 7.04821  9.75084  5.92780  1.02970  -3.58035 1.15343  122 DG A "C3'" 
216 O "O3'" . DG A 11 ? 7.01382  9.72248  5.99532  1.08170  -3.57239 1.20043  122 DG A "O3'" 
217 C "C2'" . DG A 11 ? 7.01425  9.78210  5.95151  1.00401  -3.59613 1.12859  122 DG A "C2'" 
218 C "C1'" . DG A 11 ? 6.96523  9.68330  5.95993  1.05866  -3.57513 1.08163  122 DG A "C1'" 
219 N N9    . DG A 11 ? 6.94219  9.68681  5.95035  1.03604  -3.58176 1.03152  122 DG A N9    
220 C C8    . DG A 11 ? 6.98271  9.74092  5.89483  0.97167  -3.59605 1.00014  122 DG A C8    
221 N N7    . DG A 11 ? 6.94776  9.72812  5.90075  0.96640  -3.59790 0.95646  122 DG A N7    
222 C C5    . DG A 11 ? 6.87789  9.66033  5.96225  1.03349  -3.58221 0.95747  122 DG A C5    
223 C C6    . DG A 11 ? 6.81353  9.62188  5.99599  1.05992  -3.57476 0.92054  122 DG A C6    
224 O O6    . DG A 11 ? 6.80446  9.63392  5.97581  1.03021  -3.58059 0.87544  122 DG A O6    
225 N N1    . DG A 11 ? 6.75624  9.57143  6.06262  1.12519  -3.55869 0.94331  122 DG A N1    
226 C C2    . DG A 11 ? 6.76255  9.56017  6.09360  1.15920  -3.55169 0.99608  122 DG A C2    
227 N N2    . DG A 11 ? 6.70560  9.52343  6.16486  1.21524  -3.53771 1.01837  122 DG A N2    
228 N N3    . DG A 11 ? 6.82119  9.58976  6.06054  1.13692  -3.55809 1.02790  122 DG A N3    
229 C C4    . DG A 11 ? 6.87553  9.63829  5.99475  1.07489  -3.57281 1.00550  122 DG A C4    
230 P P     . DT A 12 ? 7.33789  10.12474 6.39070  1.07052  -3.58044 1.25878  123 DT A P     
231 O OP1   . DT A 12 ? 7.34723  10.10465 6.41670  1.10667  -3.56712 1.30627  123 DT A OP1   
232 O OP2   . DT A 12 ? 7.37883  10.20880 6.35798  1.00595  -3.58794 1.24491  123 DT A OP2   
233 O "O5'" . DT A 12 ? 7.26806  10.11144 6.47139  1.09977  -3.58398 1.26468  123 DT A "O5'" 
234 C "C5'" . DT A 12 ? 7.24127  10.13606 6.55931  1.12487  -3.57697 1.31876  123 DT A "C5'" 
235 C "C4'" . DT A 12 ? 7.17386  10.09882 6.63266  1.16712  -3.57490 1.32407  123 DT A "C4'" 
236 O "O4'" . DT A 12 ? 7.15129  10.06729 6.59203  1.15754  -3.58483 1.26523  123 DT A "O4'" 
237 C "C3'" . DT A 12 ? 7.14069  10.15652 6.72162  1.16692  -3.57337 1.36088  123 DT A "C3'" 
238 O "O3'" . DT A 12 ? 7.09174  10.12845 6.80966  1.21672  -3.56232 1.39638  123 DT A "O3'" 
239 C "C2'" . DT A 12 ? 7.12447  10.17629 6.69774  1.13091  -3.58788 1.31187  123 DT A "C2'" 
240 C "C1'" . DT A 12 ? 7.11059  10.10120 6.64764  1.14662  -3.59169 1.26296  123 DT A "C1'" 
241 N N1    . DT A 12 ? 7.12000  10.11295 6.58528  1.10119  -3.60635 1.20364  123 DT A N1    
242 C C2    . DT A 12 ? 7.06839  10.09431 6.61250  1.10775  -3.61087 1.17293  123 DT A C2    
243 O O2    . DT A 12 ? 7.01421  10.07094 6.68626  1.14920  -3.60334 1.19317  123 DT A O2    
244 N N3    . DT A 12 ? 7.08583  10.10823 6.55523  1.06115  -3.62075 1.11712  123 DT A N3    
245 C C4    . DT A 12 ? 7.14836  10.15057 6.47723  1.00648  -3.63059 1.09748  123 DT A C4    
246 O O4    . DT A 12 ? 7.16237  10.17177 6.43520  0.96237  -3.64002 1.05226  123 DT A O4    
247 C C5    . DT A 12 ? 7.19985  10.17137 6.45410  1.00258  -3.62403 1.13265  123 DT A C5    
248 C C7    . DT A 12 ? 7.27256  10.22397 6.37813  0.94339  -3.62721 1.11502  123 DT A C7    
249 C C6    . DT A 12 ? 7.18231  10.14802 6.50692  1.05079  -3.61239 1.18165  123 DT A C6    
250 P P     . DG A 13 ? 8.04717  11.16984 7.89623  1.23210  -3.54951 1.46374  124 DG A P     
251 O OP1   . DG A 13 ? 8.10329  11.21043 8.03985  1.27945  -3.53460 1.51048  124 DG A OP1   
252 O OP2   . DG A 13 ? 8.11314  11.26223 7.89434  1.19980  -3.54888 1.47855  124 DG A OP2   
253 O "O5'" . DG A 13 ? 7.97258  11.17045 7.92320  1.22783  -3.55394 1.44752  124 DG A "O5'" 
254 C "C5'" . DG A 13 ? 7.95692  11.20533 7.87523  1.18617  -3.56357 1.42201  124 DG A "C5'" 
255 C "C4'" . DG A 13 ? 7.85539  11.12808 7.81828  1.17672  -3.57464 1.37617  124 DG A "C4'" 
256 O "O4'" . DG A 13 ? 7.88412  11.09976 7.71934  1.14001  -3.59166 1.31310  124 DG A "O4'" 
257 C "C3'" . DG A 13 ? 7.84149  11.20527 7.86463  1.15593  -3.57543 1.37656  124 DG A "C3'" 
258 O "O3'" . DG A 13 ? 7.84365  11.28084 8.02246  1.19429  -3.55808 1.42373  124 DG A "O3'" 
259 C "C2'" . DG A 13 ? 7.82054  11.17380 7.80106  1.12094  -3.59460 1.30873  124 DG A "C2'" 
260 C "C1'" . DG A 13 ? 7.85155  11.10881 7.72156  1.11800  -3.60254 1.27324  124 DG A "C1'" 
261 N N9    . DG A 13 ? 7.89350  11.12199 7.62935  1.06345  -3.61821 1.21967  124 DG A N9    
262 C C8    . DG A 13 ? 7.95687  11.13690 7.55503  1.03380  -3.62054 1.21183  124 DG A C8    
263 N N7    . DG A 13 ? 7.98630  11.15734 7.48830  0.98262  -3.63293 1.16325  124 DG A N7    
264 C C5    . DG A 13 ? 7.93777  11.15001 7.51807  0.97928  -3.64065 1.13515  124 DG A C5    
265 C C6    . DG A 13 ? 7.94209  11.16822 7.47825  0.93137  -3.65420 1.08186  124 DG A C6    
266 O O6    . DG A 13 ? 7.99493  11.20137 7.40863  0.87870  -3.66128 1.05034  124 DG A O6    
267 N N1    . DG A 13 ? 7.87922  11.15097 7.53181  0.94674  -3.65748 1.06855  124 DG A N1    
268 C C2    . DG A 13 ? 7.82109  11.12597 7.61620  1.00028  -3.64729 1.10458  124 DG A C2    
269 N N2    . DG A 13 ? 7.76491  11.11715 7.66133  1.00651  -3.65024 1.08641  124 DG A N2    
270 N N3    . DG A 13 ? 7.82011  11.11679 7.65784  1.04257  -3.63335 1.15741  124 DG A N3    
271 C C4    . DG A 13 ? 7.87882  11.12674 7.60406  1.02973  -3.63163 1.16858  124 DG A C4    
272 P P     . DC A 14 ? 8.56650  12.00342 8.86075  1.23363  -3.55156 1.42959  125 DC A P     
273 O OP1   . DC A 14 ? 8.55044  11.94644 8.80294  1.21698  -3.56949 1.36150  125 DC A OP1   
274 O OP2   . DC A 14 ? 8.57912  11.97792 8.89615  1.27027  -3.53757 1.47726  125 DC A OP2   
275 O "O5'" . DC A 14 ? 8.51782  12.06918 8.96115  1.25033  -3.53458 1.46600  125 DC A "O5'" 
276 C "C5'" . DC A 14 ? 8.52593  12.14664 8.96630  1.23346  -3.52928 1.47761  125 DC A "C5'" 
277 C "C4'" . DC A 14 ? 8.49070  12.16478 8.96493  1.21038  -3.53853 1.43534  125 DC A "C4'" 
278 O "O4'" . DC A 14 ? 8.51698  12.13167 8.86733  1.16153  -3.56572 1.36873  125 DC A "O4'" 
279 C "C3'" . DC A 14 ? 8.48395  12.24612 8.99163  1.20644  -3.52723 1.45091  125 DC A "C3'" 
280 O "O3'" . DC A 14 ? 8.43451  12.25896 9.02782  1.20423  -3.52716 1.42871  125 DC A "O3'" 
281 C "C2'" . DC A 14 ? 8.53411  12.25425 8.89585  1.15716  -3.54716 1.41119  125 DC A "C2'" 
282 C "C1'" . DC A 14 ? 8.53789  12.19015 8.83299  1.12502  -3.57153 1.35231  125 DC A "C1'" 
283 N N1    . DC A 14 ? 8.59746  12.17814 8.73511  1.08384  -3.58806 1.31910  125 DC A N1    
284 C C2    . DC A 14 ? 8.61061  12.16843 8.66802  1.03443  -3.60884 1.25766  125 DC A C2    
285 O O2    . DC A 14 ? 8.57026  12.16536 8.69099  1.02585  -3.61491 1.23095  125 DC A O2    
286 N N3    . DC A 14 ? 8.66889  12.16969 8.58257  0.99606  -3.61953 1.23106  125 DC A N3    
287 C C4    . DC A 14 ? 8.70971  12.17319 8.56170  1.00739  -3.61133 1.26163  125 DC A C4    
288 N N4    . DC A 14 ? 8.76737  12.18052 8.47890  0.96819  -3.61956 1.23532  125 DC A N4    
289 C C5    . DC A 14 ? 8.69497  12.17681 8.62797  1.05758  -3.59217 1.32244  125 DC A C5    
290 C C6    . DC A 14 ? 8.64014  12.18169 8.71413  1.09381  -3.58063 1.35014  125 DC A C6    
291 P P     . DA A 15 ? 7.17766  11.10554 7.84173  1.21452  -3.50997 1.44491  126 DA A P     
292 O OP1   . DA A 15 ? 7.12904  11.09800 7.86498  1.20519  -3.51546 1.41095  126 DA A OP1   
293 O OP2   . DA A 15 ? 7.17545  11.15617 7.91533  1.26704  -3.47658 1.51413  126 DA A OP2   
294 O "O5'" . DA A 15 ? 7.22289  11.13213 7.76125  1.16924  -3.52662 1.41356  126 DA A "O5'" 
295 C "C5'" . DA A 15 ? 7.20958  11.16983 7.74860  1.14127  -3.53372 1.37991  126 DA A "C5'" 
296 C "C4'" . DA A 15 ? 7.21830  11.13595 7.68031  1.08360  -3.56341 1.31481  126 DA A "C4'" 
297 O "O4'" . DA A 15 ? 7.26619  11.09547 7.61055  1.06077  -3.57812 1.29946  126 DA A "O4'" 
298 C "C3'" . DA A 15 ? 7.23270  11.18321 7.63816  1.03659  -3.57519 1.27685  126 DA A "C3'" 
299 O "O3'" . DA A 15 ? 7.20666  11.16803 7.62934  1.00218  -3.59117 1.22965  126 DA A "O3'" 
300 C "C2'" . DA A 15 ? 7.29762  11.18635 7.55443  0.99915  -3.58784 1.26048  126 DA A "C2'" 
301 C "C1'" . DA A 15 ? 7.30535  11.11877 7.53363  1.00238  -3.59655 1.25366  126 DA A "C1'" 
302 N N9    . DA A 15 ? 7.36363  11.10639 7.46868  0.98745  -3.60163 1.25427  126 DA A N9    
303 C C8    . DA A 15 ? 7.38269  11.09401 7.48091  1.02394  -3.58828 1.29952  126 DA A C8    
304 N N7    . DA A 15 ? 7.43644  11.08276 7.41066  0.99931  -3.59613 1.28714  126 DA A N7    
305 C C5    . DA A 15 ? 7.45609  11.09452 7.34939  0.94233  -3.61438 1.23121  126 DA A C5    
306 C C6    . DA A 15 ? 7.51323  11.10257 7.26433  0.89290  -3.62612 1.19576  126 DA A C6    
307 N N6    . DA A 15 ? 7.55961  11.09258 7.22259  0.89570  -3.62202 1.21057  126 DA A N6    
308 N N1    . DA A 15 ? 7.52303  11.12873 7.22632  0.83859  -3.64004 1.14606  126 DA A N1    
309 C C2    . DA A 15 ? 7.47604  11.13803 7.26881  0.83504  -3.64391 1.13115  126 DA A C2    
310 N N3    . DA A 15 ? 7.41791  11.12701 7.34665  0.88023  -3.63436 1.15933  126 DA A N3    
311 C C4    . DA A 15 ? 7.41191  11.10814 7.38454  0.93320  -3.61878 1.21027  126 DA A C4    
312 P P     . DC B 1  ? 6.24466  13.34122 8.24679  1.20452  -0.78921 -0.77435 131 DC B P     
313 O OP1   . DC B 1  ? 6.18845  13.30321 8.26302  1.28700  -0.79619 -0.79906 131 DC B OP1   
314 O OP2   . DC B 1  ? 6.27197  13.34476 8.23566  1.16143  -0.75534 -0.81303 131 DC B OP2   
315 O "O5'" . DC B 1  ? 6.30864  13.37623 8.14179  1.17375  -0.87289 -0.68628 131 DC B "O5'" 
316 C "C5'" . DC B 1  ? 6.35230  13.38373 8.03876  1.16583  -0.92356 -0.66467 131 DC B "C5'" 
317 C "C4'" . DC B 1  ? 6.38816  13.40151 7.95181  1.17173  -1.00674 -0.58066 131 DC B "C4'" 
318 O "O4'" . DC B 1  ? 6.42617  13.40408 7.85082  1.17184  -1.05489 -0.56396 131 DC B "O4'" 
319 C "C3'" . DC B 1  ? 6.34139  13.37944 7.97088  1.24540  -1.03038 -0.56226 131 DC B "C3'" 
320 O "O3'" . DC B 1  ? 6.37939  13.40294 7.91349  1.23156  -1.09549 -0.47498 131 DC B "O3'" 
321 C "C2'" . DC B 1  ? 6.32645  13.35186 7.92179  1.30149  -1.05201 -0.58577 131 DC B "C2'" 
322 C "C1'" . DC B 1  ? 6.39605  13.37885 7.82161  1.24591  -1.09162 -0.55450 131 DC B "C1'" 
323 N N1    . DC B 1  ? 6.39119  13.35851 7.78664  1.26887  -1.08641 -0.60149 131 DC B N1    
324 C C2    . DC B 1  ? 6.45005  13.37697 7.68233  1.23713  -1.13538 -0.56776 131 DC B C2    
325 O O2    . DC B 1  ? 6.50595  13.40838 7.61979  1.19068  -1.18301 -0.49887 131 DC B O2    
326 N N3    . DC B 1  ? 6.44413  13.35789 7.65328  1.25874  -1.12954 -0.61157 131 DC B N3    
327 C C4    . DC B 1  ? 6.38349  13.32041 7.72388  1.30917  -1.07818 -0.68531 131 DC B C4    
328 N N4    . DC B 1  ? 6.38055  13.30111 7.69237  1.32836  -1.07496 -0.72598 131 DC B N4    
329 C C5    . DC B 1  ? 6.32333  13.29905 7.83014  1.34286  -1.02863 -0.71988 131 DC B C5    
330 C C6    . DC B 1  ? 6.32943  13.32009 7.85763  1.32101  -1.03428 -0.67657 131 DC B C6    
331 P P     . DA B 2  ? 7.04349  14.08584 8.62505  1.29888  -1.12955 -0.43400 132 DA B P     
332 O OP1   . DA B 2  ? 7.05018  14.10708 8.67017  1.26289  -1.12311 -0.39772 132 DA B OP1   
333 O OP2   . DA B 2  ? 6.97456  14.04276 8.68465  1.37780  -1.09427 -0.49727 132 DA B OP2   
334 O "O5'" . DA B 2  ? 7.09269  14.09413 8.50050  1.31034  -1.21889 -0.35486 132 DA B "O5'" 
335 C "C5'" . DA B 2  ? 7.15893  14.12887 8.43159  1.24884  -1.27070 -0.27588 132 DA B "C5'" 
336 C "C4'" . DA B 2  ? 7.21685  14.14221 8.32719  1.21623  -1.31324 -0.25330 132 DA B "C4'" 
337 O "O4'" . DA B 2  ? 7.19254  14.12288 8.33773  1.23760  -1.27528 -0.32924 132 DA B "O4'" 
338 C "C3'" . DA B 2  ? 7.24700  14.13900 8.22419  1.24930  -1.39660 -0.17500 132 DA B "C3'" 
339 O "O3'" . DA B 2  ? 7.31755  14.16455 8.13397  1.18738  -1.43840 -0.13241 132 DA B "O3'" 
340 C "C2'" . DA B 2  ? 7.20418  14.10408 8.22239  1.32399  -1.38688 -0.22601 132 DA B "C2'" 
341 C "C1'" . DA B 2  ? 7.20438  14.10914 8.25204  1.28155  -1.32921 -0.30362 132 DA B "C1'" 
342 N N9    . DA B 2  ? 7.15264  14.07470 8.29163  1.33656  -1.28727 -0.38365 132 DA B N9    
343 C C8    . DA B 2  ? 7.08426  14.04465 8.39230  1.38528  -1.23003 -0.44727 132 DA B C8    
344 N N7    . DA B 2  ? 7.05082  14.01406 8.40973  1.42480  -1.20012 -0.51459 132 DA B N7    
345 C C5    . DA B 2  ? 7.10064  14.02709 8.31337  1.39962  -1.23986 -0.49433 132 DA B C5    
346 C C6    . DA B 2  ? 7.09816  14.00786 8.27947  1.41979  -1.23594 -0.53886 132 DA B C6    
347 N N6    . DA B 2  ? 7.04079  13.96774 8.34365  1.47197  -1.18757 -0.61656 132 DA B N6    
348 N N1    . DA B 2  ? 7.15729  14.02951 8.17795  1.38396  -1.28388 -0.50017 132 DA B N1    
349 C C2    . DA B 2  ? 7.21496  14.06568 8.11558  1.33191  -1.33256 -0.42213 132 DA B C2    
350 N N3    . DA B 2  ? 7.22383  14.08461 8.13912  1.30826  -1.34189 -0.37399 132 DA B N3    
351 C C4    . DA B 2  ? 7.16402  14.06465 8.23971  1.34465  -1.29336 -0.41411 132 DA B C4    
352 P P     . DC B 3  ? 6.92379  13.72700 7.58437  1.16899  -1.52488 -0.02190 133 DC B P     
353 O OP1   . DC B 3  ? 6.96825  13.75555 7.59294  1.08882  -1.52284 0.00712  133 DC B OP1   
354 O OP2   . DC B 3  ? 6.89138  13.70451 7.58420  1.24293  -1.55831 0.02105  133 DC B OP2   
355 O "O5'" . DC B 3  ? 6.96857  13.72902 7.47792  1.16189  -1.56904 -0.00650 133 DC B "O5'" 
356 C "C5'" . DC B 3  ? 6.93584  13.70699 7.47728  1.20950  -1.54630 -0.06993 133 DC B "C5'" 
357 C "C4'" . DC B 3  ? 6.94166  13.68735 7.39472  1.27216  -1.61075 -0.01925 133 DC B "C4'" 
358 O "O4'" . DC B 3  ? 6.89331  13.65616 7.41749  1.33682  -1.58058 -0.08953 133 DC B "O4'" 
359 C "C3'" . DC B 3  ? 6.92598  13.67323 7.39553  1.32383  -1.65028 0.04803  133 DC B "C3'" 
360 O "O3'" . DC B 3  ? 6.96403  13.66641 7.29097  1.34936  -1.72680 0.12603  133 DC B "O3'" 
361 C "C2'" . DC B 3  ? 6.84990  13.63713 7.47700  1.40513  -1.60272 -0.02049 133 DC B "C2'" 
362 C "C1'" . DC B 3  ? 6.84415  13.62326 7.45013  1.42205  -1.58714 -0.08188 133 DC B "C1'" 
363 N N1    . DC B 3  ? 6.77656  13.59464 7.54495  1.46561  -1.51578 -0.18156 133 DC B N1    
364 C C2    . DC B 3  ? 6.76677  13.57964 7.53402  1.47759  -1.49285 -0.24610 133 DC B C2    
365 O O2    . DC B 3  ? 6.81466  13.59254 7.44442  1.45222  -1.53267 -0.21888 133 DC B O2    
366 N N3    . DC B 3  ? 6.70540  13.54969 7.62260  1.51621  -1.42805 -0.33565 133 DC B N3    
367 C C4    . DC B 3  ? 6.65545  13.53559 7.71814  1.54254  -1.38716 -0.36125 133 DC B C4    
368 N N4    . DC B 3  ? 6.59593  13.50288 7.80467  1.58006  -1.32393 -0.44919 133 DC B N4    
369 C C5    . DC B 3  ? 6.66450  13.55272 7.73016  1.53097  -1.40936 -0.29711 133 DC B C5    
370 C C6    . DC B 3  ? 6.72523  13.58147 7.64221  1.49277  -1.47373 -0.20846 133 DC B C6    
371 P P     . DA B 4  ? 6.93771  13.58993 7.09519  1.27925  -1.79271 0.22078  134 DA B P     
372 O OP1   . DA B 4  ? 6.96693  13.62100 7.12266  1.18989  -1.75729 0.19097  134 DA B OP1   
373 O OP2   . DA B 4  ? 6.94173  13.58026 7.08004  1.30917  -1.84207 0.30820  134 DA B OP2   
374 O "O5'" . DA B 4  ? 6.97392  13.58374 6.98896  1.29312  -1.84154 0.24251  134 DA B "O5'" 
375 C "C5'" . DA B 4  ? 6.94277  13.56688 6.99765  1.33063  -1.80757 0.16405  134 DA B "C5'" 
376 C "C4'" . DA B 4  ? 6.91850  13.52877 6.96040  1.42704  -1.84339 0.18594  134 DA B "C4'" 
377 O "O4'" . DA B 4  ? 6.84593  13.49712 7.04990  1.49519  -1.78617 0.10545  134 DA B "O4'" 
378 C "C3'" . DA B 4  ? 6.93311  13.51699 6.92217  1.46272  -1.90557 0.28723  134 DA B "C3'" 
379 O "O3'" . DA B 4  ? 6.94829  13.48979 6.83726  1.52505  -1.96235 0.33342  134 DA B "O3'" 
380 C "C2'" . DA B 4  ? 6.86725  13.49360 7.02355  1.52023  -1.86144 0.25084  134 DA B "C2'" 
381 C "C1'" . DA B 4  ? 6.81856  13.46822 7.06610  1.56833  -1.80974 0.14986  134 DA B "C1'" 
382 N N9    . DA B 4  ? 6.75139  13.44983 7.18135  1.60343  -1.74300 0.07626  134 DA B N9    
383 C C8    . DA B 4  ? 6.72510  13.44891 7.24873  1.61246  -1.72772 0.09321  134 DA B C8    
384 N N7    . DA B 4  ? 6.66250  13.42826 7.35000  1.64717  -1.66271 0.01138  134 DA B N7    
385 C C5    . DA B 4  ? 6.64705  13.41321 7.34873  1.66139  -1.63411 -0.06318 134 DA B C5    
386 C C6    . DA B 4  ? 6.58867  13.38546 7.43180  1.69547  -1.56721 -0.16618 134 DA B C6    
387 N N6    . DA B 4  ? 6.53185  13.36733 7.53745  1.72391  -1.51428 -0.21467 134 DA B N6    
388 N N1    . DA B 4  ? 6.59098  13.37475 7.40259  1.69940  -1.55733 -0.21661 134 DA B N1    
389 C C2    . DA B 4  ? 6.64750  13.39252 7.29748  1.67157  -1.61015 -0.16838 134 DA B C2    
390 N N3    . DA B 4  ? 6.70496  13.41870 7.21307  1.63874  -1.67449 -0.07315 134 DA B N3    
391 C C4    . DA B 4  ? 6.70145  13.42709 7.24462  1.63520  -1.68333 -0.02387 134 DA B C4    
392 P P     . DC B 5  ? 7.04545  13.55362 6.80557  1.50388  -1.98735 0.32524  135 DC B P     
393 O OP1   . DC B 5  ? 6.99651  13.52949 6.84866  1.55244  -1.93597 0.22535  135 DC B OP1   
394 O OP2   . DC B 5  ? 7.10423  13.59686 6.76799  1.39921  -1.99886 0.34916  135 DC B OP2   
395 O "O5'" . DC B 5  ? 7.07558  13.52698 6.70810  1.56307  -2.06873 0.42195  135 DC B "O5'" 
396 C "C5'" . DC B 5  ? 7.04288  13.41196 6.72740  1.62527  -2.08864 0.46665  135 DC B "C5'" 
397 C "C4'" . DC B 5  ? 7.08833  13.39191 6.67670  1.58846  -2.15168 0.58155  135 DC B "C4'" 
398 O "O4'" . DC B 5  ? 7.09999  13.53840 6.73342  1.53276  -2.12351 0.57991  135 DC B "O4'" 
399 C "C3'" . DC B 5  ? 7.15960  13.41467 6.56119  1.54784  -2.21988 0.65653  135 DC B "C3'" 
400 O "O3'" . DC B 5  ? 7.20535  13.20603 6.54078  1.53473  -2.25690 0.75043  135 DC B "O3'" 
401 C "C2'" . DC B 5  ? 7.20196  13.56418 6.57036  1.45627  -2.20643 0.65658  135 DC B "C2'" 
402 C "C1'" . DC B 5  ? 7.16839  13.56558 6.65896  1.45538  -2.17595 0.65673  135 DC B "C1'" 
403 N N1    . DC B 5  ? 7.18227  13.60421 6.70837  1.36122  -2.13730 0.62367  135 DC B N1    
404 C C2    . DC B 5  ? 7.23440  13.62258 6.67737  1.29375  -2.17857 0.70226  135 DC B C2    
405 O O2    . DC B 5  ? 7.26653  13.60732 6.61047  1.31071  -2.24663 0.79945  135 DC B O2    
406 N N3    . DC B 5  ? 7.24893  13.65212 6.72309  1.21413  -2.14267 0.66977  135 DC B N3    
407 C C4    . DC B 5  ? 7.21385  13.66451 6.79593  1.19973  -2.06887 0.56750  135 DC B C4    
408 N N4    . DC B 5  ? 7.23161  13.69006 6.83902  1.12459  -2.03517 0.54082  135 DC B N4    
409 C C5    . DC B 5  ? 7.15997  13.64685 6.82881  1.26391  -2.02643 0.48836  135 DC B C5    
410 C C6    . DC B 5  ? 7.14627  13.61672 6.78330  1.34310  -2.06291 0.51831  135 DC B C6    
411 P P     . DC B 6  ? 6.40514  12.16486 5.57209  1.48241  -2.29063 0.81697  136 DC B P     
412 O OP1   . DC B 6  ? 6.39094  11.90578 5.55888  1.53165  -2.30764 0.83865  136 DC B OP1   
413 O OP2   . DC B 6  ? 6.43692  12.31559 5.53808  1.44895  -2.27613 0.77236  136 DC B OP2   
414 O "O5'" . DC B 6  ? 6.47706  12.16877 5.57294  1.41109  -2.31830 0.90669  136 DC B "O5'" 
415 C "C5'" . DC B 6  ? 6.47365  12.38645 5.60769  1.37402  -2.30355 0.90244  136 DC B "C5'" 
416 C "C4'" . DC B 6  ? 6.56510  12.46030 5.57143  1.28390  -2.32007 0.94445  136 DC B "C4'" 
417 O "O4'" . DC B 6  ? 6.53222  12.58446 5.57755  1.23272  -2.31119 0.90008  136 DC B "O4'" 
418 C "C3'" . DC B 6  ? 6.61666  12.41905 5.51416  1.26213  -2.32591 0.93201  136 DC B "C3'" 
419 O "O3'" . DC B 6  ? 6.71130  12.35042 5.48117  1.18709  -2.35909 1.00304  136 DC B "O3'" 
420 C "C2'" . DC B 6  ? 6.57003  12.54304 5.50306  1.23917  -2.30429 0.84637  136 DC B "C2'" 
421 C "C1'" . DC B 6  ? 6.55934  12.61795 5.52868  1.18709  -2.30961 0.86056  136 DC B "C1'" 
422 N N1    . DC B 6  ? 6.48565  12.75261 5.54597  1.18037  -2.28371 0.77436  136 DC B N1    
423 C C2    . DC B 6  ? 6.51305  12.77755 5.57838  1.09962  -2.26618 0.77031  136 DC B C2    
424 O O2    . DC B 6  ? 6.56142  12.77683 5.53915  1.05990  -2.31668 0.85231  136 DC B O2    
425 N N3    . DC B 6  ? 6.48640  12.79578 5.65621  1.06920  -2.19264 0.67645  136 DC B N3    
426 C C4    . DC B 6  ? 6.43467  12.79012 5.70030  1.11256  -2.13894 0.58904  136 DC B C4    
427 N N4    . DC B 6  ? 6.41093  12.80567 5.77792  1.07917  -2.06731 0.50122  136 DC B N4    
428 C C5    . DC B 6  ? 6.40566  12.76405 5.66837  1.19461  -2.15630 0.58845  136 DC B C5    
429 C C6    . DC B 6  ? 6.43312  12.74647 5.59063  1.22707  -2.22865 0.68199  136 DC B C6    
430 P P     . DG B 7  ? 6.69771  12.15795 5.34117  1.17053  -2.37631 1.02817  137 DG B P     
431 O OP1   . DG B 7  ? 6.68046  11.91378 5.33387  1.22027  -2.39658 1.05150  137 DG B OP1   
432 O OP2   . DG B 7  ? 6.68283  12.22653 5.30602  1.15599  -2.35919 0.95699  137 DG B OP2   
433 O "O5'" . DG B 7  ? 6.79126  12.10097 5.32188  1.08287  -2.41352 1.10152  137 DG B "O5'" 
434 C "C5'" . DG B 7  ? 6.79029  12.16329 5.34114  1.03386  -2.42072 1.11649  137 DG B "C5'" 
435 C "C4'" . DG B 7  ? 6.80124  12.25103 5.30982  0.97192  -2.41540 1.07215  137 DG B "C4'" 
436 O "O4'" . DG B 7  ? 6.71227  12.37301 5.32404  1.00486  -2.38042 0.98880  137 DG B "O4'" 
437 C "C3'" . DG B 7  ? 6.86610  12.20017 5.25646  0.93843  -2.42536 1.06725  137 DG B "C3'" 
438 O "O3'" . DG B 7  ? 6.94200  12.17939 5.23327  0.86133  -2.44999 1.10106  137 DG B "O3'" 
439 C "C2'" . DG B 7  ? 6.80594  12.30268 5.24199  0.95648  -2.39263 0.97809  137 DG B "C2'" 
440 C "C1'" . DG B 7  ? 6.72964  12.41759 5.28245  0.96656  -2.37286 0.94100  137 DG B "C1'" 
441 N N9    . DG B 7  ? 6.64404  12.51146 5.29238  1.01277  -2.33819 0.85195  137 DG B N9    
442 C C8    . DG B 7  ? 6.60250  12.49099 5.29346  1.08300  -2.32048 0.81266  137 DG B C8    
443 N N7    . DG B 7  ? 6.52678  12.58767 5.30584  1.11131  -2.29109 0.72652  137 DG B N7    
444 C C5    . DG B 7  ? 6.51778  12.67922 5.31282  1.05412  -2.28879 0.70888  137 DG B C5    
445 C C6    . DG B 7  ? 6.47800  12.72130 5.37927  1.03261  -2.22363 0.61405  137 DG B C6    
446 O O6    . DG B 7  ? 6.42919  12.71682 5.42786  1.06694  -2.16902 0.52878  137 DG B O6    
447 N N1    . DG B 7  ? 6.51107  12.74085 5.40572  0.95865  -2.21181 0.62077  137 DG B N1    
448 C C2    . DG B 7  ? 6.56570  12.74285 5.35931  0.91694  -2.26817 0.70881  137 DG B C2    
449 N N2    . DG B 7  ? 6.59197  12.75897 5.39537  0.85114  -2.24580 0.69825  137 DG B N2    
450 N N3    . DG B 7  ? 6.60750  12.69018 5.30580  0.93184  -2.32416 0.79520  137 DG B N3    
451 C C4    . DG B 7  ? 6.59022  12.63373 5.30338  0.99447  -2.31722 0.78600  137 DG B C4    
452 P P     . DT B 8  ? 8.09887  13.15525 6.25106  0.82069  -2.47179 1.12167  138 DT B P     
453 O OP1   . DT B 8  ? 8.17555  13.10604 6.24483  0.75871  -2.50244 1.17351  138 DT B OP1   
454 O OP2   . DT B 8  ? 8.10483  13.06062 6.24807  0.87082  -2.47561 1.13955  138 DT B OP2   
455 O "O5'" . DT B 8  ? 8.07825  13.24832 6.21767  0.80190  -2.44738 1.04646  138 DT B "O5'" 
456 C "C5'" . DT B 8  ? 8.10550  13.30942 6.20041  0.73933  -2.44848 1.03005  138 DT B "C5'" 
457 C "C4'" . DT B 8  ? 8.02972  13.43708 6.23115  0.74413  -2.42489 0.98727  138 DT B "C4'" 
458 O "O4'" . DT B 8  ? 7.94182  13.50086 6.24771  0.80582  -2.39409 0.92666  138 DT B "O4'" 
459 C "C3'" . DT B 8  ? 8.04049  13.52299 6.21060  0.68830  -2.41553 0.94704  138 DT B "C3'" 
460 O "O3'" . DT B 8  ? 8.05402  13.54509 6.23190  0.65344  -2.42776 0.97939  138 DT B "O3'" 
461 C "C2'" . DT B 8  ? 7.94908  13.64115 6.22060  0.72109  -2.37805 0.86039  138 DT B "C2'" 
462 C "C1'" . DT B 8  ? 7.88358  13.62733 6.25767  0.79497  -2.36909 0.86127  138 DT B "C1'" 
463 N N1    . DT B 8  ? 7.81123  13.68062 6.25872  0.84917  -2.33848 0.78451  138 DT B N1    
464 C C2    . DT B 8  ? 7.74511  13.80057 6.26948  0.84873  -2.31061 0.70526  138 DT B C2    
465 O O2    . DT B 8  ? 7.75297  13.83822 6.29769  0.79946  -2.29330 0.68981  138 DT B O2    
466 N N3    . DT B 8  ? 7.68592  13.82082 6.28109  0.90123  -2.27937 0.63446  138 DT B N3    
467 C C4    . DT B 8  ? 7.67820  13.76017 6.26586  0.95971  -2.28441 0.63955  138 DT B C4    
468 O O4    . DT B 8  ? 7.61916  13.79377 6.27083  1.00919  -2.26091 0.57135  138 DT B O4    
469 C C5    . DT B 8  ? 7.74953  13.63780 6.25353  0.95636  -2.31343 0.72616  138 DT B C5    
470 C C7    . DT B 8  ? 7.75333  13.54809 6.24527  1.01488  -2.31464 0.73718  138 DT B C7    
471 C C6    . DT B 8  ? 7.81124  13.60395 6.25166  0.90123  -2.33907 0.79278  138 DT B C6    
472 O "O5'" . DC C 1  ? 9.38783  6.74218  5.70624  0.75664  -0.66880 -3.29538 197 DC D "O5'" 
473 C "C5'" . DC C 1  ? 9.44175  6.65149  5.88755  0.67757  -0.64546 -3.35940 197 DC D "C5'" 
474 C "C4'" . DC C 1  ? 9.43406  6.45413  6.14457  0.68449  -0.59321 -3.40721 197 DC D "C4'" 
475 O "O4'" . DC C 1  ? 9.39407  6.31901  6.25611  0.71798  -0.60482 -3.39819 197 DC D "O4'" 
476 C "C3'" . DC C 1  ? 9.41487  6.45216  6.16981  0.75663  -0.55733 -3.41049 197 DC D "C3'" 
477 O "O3'" . DC C 1  ? 9.45527  6.42502  6.25065  0.70111  -0.49943 -3.44571 197 DC D "O3'" 
478 C "C2'" . DC C 1  ? 9.57949  6.46802  6.59603  0.99909  -0.69990 -3.49988 197 DC D "C2'" 
479 C "C1'" . DC C 1  ? 9.51573  6.30747  6.60863  0.89782  -0.67487 -3.46989 197 DC D "C1'" 
480 N N1    . DC C 1  ? 9.59561  6.37713  6.76106  1.08845  -0.81355 -3.49067 197 DC D N1    
481 C C2    . DC C 1  ? 9.66909  6.24885  7.14084  1.16309  -0.86346 -3.53245 197 DC D C2    
482 O O2    . DC C 1  ? 9.66963  6.08780  7.32697  1.06986  -0.78605 -3.54182 197 DC D O2    
483 N N3    . DC C 1  ? 9.73937  6.29929  7.29168  1.33472  -0.98584 -3.54495 197 DC D N3    
484 C C4    . DC C 1  ? 9.75201  6.48401  7.04095  1.43720  -1.05552 -3.51663 197 DC D C4    
485 N N4    . DC C 1  ? 9.83698  6.52805  7.18988  1.61637  -1.17099 -3.52438 197 DC D N4    
486 C C5    . DC C 1  ? 9.67566  6.62274  6.62559  1.35566  -0.99536 -3.45780 197 DC D C5    
487 C C6    . DC C 1  ? 9.59197  6.55511  6.51753  1.17811  -0.87629 -3.44842 197 DC D C6    
488 P P     . DT C 2  ? 10.20646 7.29415  6.90241  0.77011  -0.49871 -3.45375 198 DT D P     
489 O OP1   . DT C 2  ? 10.22787 7.39984  6.74564  0.66744  -0.47892 -3.44417 198 DT D OP1   
490 O OP2   . DT C 2  ? 10.27471 7.51916  6.86494  0.97360  -0.61951 -3.45068 198 DT D OP2   
491 O "O5'" . DT C 2  ? 10.40866 7.31224  7.38719  0.92440  -0.54575 -3.56213 198 DT D "O5'" 
492 C "C5'" . DT C 2  ? 10.46922 7.15230  7.63039  0.82071  -0.47243 -3.57295 198 DT D "C5'" 
493 C "C4'" . DT C 2  ? 10.82553 7.33272  8.34683  1.02862  -0.56676 -3.65025 198 DT D "C4'" 
494 O "O4'" . DT C 2  ? 10.99464 7.51838  8.58906  1.14568  -0.66954 -3.65455 198 DT D "O4'" 
495 C "C3'" . DT C 2  ? 11.04457 7.56901  8.74394  1.25286  -0.63933 -3.72610 198 DT D "C3'" 
496 O "O3'" . DT C 2  ? 11.26052 7.57497  9.23733  1.25686  -0.58542 -3.74535 198 DT D "O3'" 
497 C "C2'" . DT C 2  ? 11.22252 7.77685  9.10303  1.50466  -0.77753 -3.76324 198 DT D "C2'" 
498 C "C1'" . DT C 2  ? 11.26939 7.72969  9.17546  1.40948  -0.77947 -3.72065 198 DT D "C1'" 
499 N N1    . DT C 2  ? 10.67644 7.23363  8.53576  1.56423  -0.89510 -3.72061 198 DT D N1    
500 C C2    . DT C 2  ? 10.71805 7.12225  8.88530  1.66416  -0.95385 -3.72034 198 DT D C2    
501 O O2    . DT C 2  ? 10.73008 6.93057  9.21011  1.62448  -0.90931 -3.70546 198 DT D O2    
502 N N3    . DT C 2  ? 10.74772 7.24399  8.82743  1.81339  -1.05605 -3.71499 198 DT D N3    
503 C C4    . DT C 2  ? 10.74662 7.47472  8.41758  1.86676  -1.09535 -3.69707 198 DT D C4    
504 O O4    . DT C 2  ? 10.79095 7.58034  8.35565  2.00938  -1.17670 -3.67682 198 DT D O4    
505 C C5    . DT C 2  ? 10.68909 7.57884  8.05992  1.74057  -1.01871 -3.67679 198 DT D C5    
506 C C7    . DT C 2  ? 10.66390 7.81605  7.59805  1.76153  -1.02479 -3.60540 198 DT D C7    
507 C C6    . DT C 2  ? 10.65564 7.44945  8.15254  1.59987  -0.92792 -3.69662 198 DT D C6    
508 P P     . DG C 3  ? 11.65328 7.97312  9.77422  1.38677  -0.58196 -3.79762 199 DG D P     
509 O OP1   . DG C 3  ? 11.90665 7.97666  10.39391 1.42440  -0.53801 -3.78488 199 DG D OP1   
510 O OP2   . DG C 3  ? 11.40692 7.86336  9.17671  1.23066  -0.50785 -3.77989 199 DG D OP2   
511 O "O5'" . DG C 3  ? 11.82774 8.29732  10.08697 1.67446  -0.70723 -3.84932 199 DG D "O5'" 
512 C "C5'" . DG C 3  ? 12.10046 8.54770  10.71404 1.89842  -0.72201 -3.88431 199 DG D "C5'" 
513 C "C4'" . DG C 3  ? 12.33125 8.87529  11.44998 2.04018  -0.73175 -3.66059 199 DG D "C4'" 
514 O "O4'" . DG C 3  ? 12.26775 8.78791  11.22560 2.03556  -0.81058 -3.69973 199 DG D "O4'" 
515 C "C3'" . DG C 3  ? 12.38596 9.34838  11.73388 2.15079  -0.70031 -3.37852 199 DG D "C3'" 
516 O "O3'" . DG C 3  ? 12.59977 9.61383  12.42578 2.18723  -0.60093 -3.17324 199 DG D "O3'" 
517 C "C2'" . DG C 3  ? 12.43414 9.55875  11.97704 2.21400  -0.73863 -3.17653 199 DG D "C2'" 
518 C "C1'" . DG C 3  ? 12.37067 9.16656  11.73201 2.13150  -0.79607 -3.37863 199 DG D "C1'" 
519 N N9    . DG C 3  ? 10.16865 7.04547  9.21492  2.14993  -0.88446 -3.42013 199 DG D N9    
520 C C8    . DG C 3  ? 10.14085 6.99340  8.53217  2.12009  -0.95732 -3.66298 199 DG D C8    
521 N N7    . DG C 3  ? 10.13661 7.05876  8.33514  2.15073  -1.02050 -3.63340 199 DG D N7    
522 C C5    . DG C 3  ? 10.07794 7.07901  8.86571  2.20129  -0.99278 -3.36031 199 DG D C5    
523 C C6    . DG C 3  ? 10.04927 7.14711  8.93909  2.25198  -1.03371 -3.20781 199 DG D C6    
524 O O6    . DG C 3  ? 10.07535 7.20139  8.52947  2.26461  -1.10303 -3.28485 199 DG D O6    
525 N N1    . DG C 3  ? 9.98970  7.14947  9.54121  2.29210  -0.97791 -2.93063 199 DG D N1    
526 C C2    . DG C 3  ? 10.02702 7.15353  10.04385 2.28800  -0.88653 -2.80650 199 DG D C2    
527 N N2    . DG C 3  ? 9.96834  7.16389  10.53440 2.33575  -0.83070 -2.52228 199 DG D N2    
528 N N3    . DG C 3  ? 10.15110 7.18000  10.06267 2.24434  -0.84646 -2.94431 199 DG D N3    
529 C C4    . DG C 3  ? 10.11879 7.09268  9.42513  2.20078  -0.90636 -3.22357 199 DG D C4    
530 P P     . DC C 4  ? 12.93819 10.08143 12.68494 2.20004  -0.54805 -3.19427 200 DC D P     
531 O OP1   . DC C 4  ? 13.04506 9.88507  12.89186 2.14111  -0.48488 -3.28758 200 DC D OP1   
532 O OP2   . DC C 4  ? 12.67928 9.94278  11.84449 2.18663  -0.61350 -3.38809 200 DC D OP2   
533 O "O5'" . DC C 4  ? 13.07720 10.58932 13.33174 2.31692  -0.48279 -2.81499 200 DC D "O5'" 
534 C "C5'" . DC C 4  ? 13.27323 10.76202 14.06422 2.36174  -0.41586 -2.55306 200 DC D "C5'" 
535 C "C4'" . DC C 4  ? 13.15455 10.88513 14.18354 2.43830  -0.44318 -2.31549 200 DC D "C4'" 
536 O "O4'" . DC C 4  ? 13.02339 10.70251 13.64221 2.39942  -0.54783 -2.50786 200 DC D "O4'" 
537 C "C3'" . DC C 4  ? 13.05216 11.20826 14.27656 2.54232  -0.42023 -2.06530 200 DC D "C3'" 
538 O "O3'" . DC C 4  ? 13.10518 11.41442 14.83066 2.62687  -0.37066 -1.73385 200 DC D "O3'" 
539 C "C2'" . DC C 4  ? 12.82324 11.12483 13.57761 2.54618  -0.51713 -2.19054 200 DC D "C2'" 
540 C "C1'" . DC C 4  ? 12.81762 10.84517 13.41691 2.48448  -0.58171 -2.34313 200 DC D "C1'" 
541 N N1    . DC C 4  ? 9.53756  7.53945  9.49523  2.45172  -0.67668 -2.58171 200 DC D N1    
542 C C2    . DC C 4  ? 9.53134  7.54292  9.38733  2.47046  -0.74249 -2.55256 200 DC D C2    
543 O O2    . DC C 4  ? 9.48860  7.53388  9.81351  2.50922  -0.72470 -2.33590 200 DC D O2    
544 N N3    . DC C 4  ? 9.57726  7.55796  8.79409  2.44709  -0.81692 -2.75513 200 DC D N3    
545 C C4    . DC C 4  ? 9.62469  7.57130  8.31982  2.40448  -0.82441 -2.97524 200 DC D C4    
546 N N4    . DC C 4  ? 9.67397  7.58641  7.71217  2.38304  -0.88705 -3.15506 200 DC D N4    
547 C C5    . DC C 4  ? 9.62662  7.57062  8.43534  2.38215  -0.76190 -3.01261 200 DC D C5    
548 C C6    . DC C 4  ? 9.58322  7.55507  9.02741  2.40829  -0.69099 -2.81294 200 DC D C6    
549 P P     . DA C 5  ? 10.57873 9.29849  12.65936 2.74401  -0.31248 -1.41118 201 DA D P     
550 O OP1   . DA C 5  ? 10.65879 9.37197  13.17085 2.81327  -0.21649 -1.13383 201 DA D OP1   
551 O OP2   . DA C 5  ? 10.57682 9.40712  12.42060 2.72981  -0.30664 -1.53305 201 DA D OP2   
552 O "O5'" . DA C 5  ? 10.36427 9.34234  12.39839 2.80069  -0.38756 -1.30456 201 DA D "O5'" 
553 C "C5'" . DA C 5  ? 10.37983 9.20158  12.28063 2.76836  -0.45740 -1.38677 201 DA D "C5'" 
554 C "C4'" . DA C 5  ? 10.18881 9.29894  12.23685 2.86015  -0.49039 -1.15087 201 DA D "C4'" 
555 O "O4'" . DA C 5  ? 10.12297 9.17502  11.66047 2.83298  -0.59145 -1.33806 201 DA D "O4'" 
556 C "C3'" . DA C 5  ? 10.09192 9.58755  12.22015 2.95385  -0.46581 -0.94889 201 DA D "C3'" 
557 O "O3'" . DA C 5  ? 9.97524  9.70119  12.42820 3.04623  -0.46635 -0.65889 201 DA D "O3'" 
558 C "C2'" . DA C 5  ? 10.04497 9.57012  11.44827 2.92754  -0.52769 -1.17560 201 DA D "C2'" 
559 C "C1'" . DA C 5  ? 10.04396 9.35895  11.16899 2.88622  -0.60827 -1.32275 201 DA D "C1'" 
560 N N9    . DA C 5  ? 10.07712 9.20985  10.49155 2.81009  -0.66362 -1.64856 201 DA D N9    
561 C C8    . DA C 5  ? 10.16171 9.11523  10.29664 2.72892  -0.65706 -1.90649 201 DA D C8    
562 N N7    . DA C 5  ? 10.12335 8.93214  9.60247  2.67094  -0.71459 -2.17106 201 DA D N7    
563 C C5    . DA C 5  ? 10.02797 8.92157  9.33642  2.71768  -0.75786 -2.07600 201 DA D C5    
564 C C6    . DA C 5  ? 9.93443  8.74803  8.60397  2.69425  -0.81843 -2.23509 201 DA D C6    
565 N N6    . DA C 5  ? 9.89309  8.51619  7.96404  2.61237  -0.85263 -2.54456 201 DA D N6    
566 N N1    . DA C 5  ? 9.86229  8.79637  8.52584  2.75821  -0.83803 -2.05782 201 DA D N1    
567 C C2    . DA C 5  ? 9.86517  8.99063  9.13107  2.83985  -0.80309 -1.74741 201 DA D C2    
568 N N3    . DA C 5  ? 9.92098  9.13996  9.82274  2.86883  -0.75000 -1.57708 201 DA D N3    
569 C C4    . DA C 5  ? 10.00822 9.10057  9.89080  2.80380  -0.72778 -1.75529 201 DA D C4    
570 P P     . DC C 6  ? 9.49103  9.62788  12.23019 3.15885  -0.41639 -0.34753 202 DC D P     
571 O OP1   . DC C 6  ? 9.45375  9.66596  12.79835 3.23312  -0.33985 -0.04288 202 DC D OP1   
572 O OP2   . DC C 6  ? 9.49493  9.71420  12.02614 3.14007  -0.37817 -0.43785 202 DC D OP2   
573 O "O5'" . DC C 6  ? 9.48204  9.81764  11.78735 3.20863  -0.45700 -0.27032 202 DC D "O5'" 
574 C "C5'" . DC C 6  ? 9.54251  9.68107  11.31703 3.16022  -0.52946 -0.48606 202 DC D "C5'" 
575 C "C4'" . DC C 6  ? 9.52111  9.89417  10.74471 3.19414  -0.49809 -0.36758 202 DC D "C4'" 
576 O "O4'" . DC C 6  ? 9.59692  9.78937  10.07424 3.12444  -0.54608 -0.67056 202 DC D "O4'" 
577 C "C3'" . DC C 6  ? 9.42782  10.13991 10.62009 3.21018  -0.38880 -0.13659 202 DC D "C3'" 
578 O "O3'" . DC C 6  ? 9.33120  10.29039 10.37337 3.21542  -0.33315 0.12911  202 DC D "O3'" 
579 C "C2'" . DC C 6  ? 9.48827  10.10842 10.04951 3.14532  -0.39418 -0.41400 202 DC D "C2'" 
580 C "C1'" . DC C 6  ? 9.57482  9.95606  9.59433  3.10780  -0.47855 -0.65905 202 DC D "C1'" 
581 N N1    . DC C 6  ? 9.66168  9.78633  9.19130  3.02280  -0.53032 -1.03496 202 DC D N1    
582 C C2    . DC C 6  ? 9.73434  9.65584  8.66433  2.97138  -0.59899 -1.27526 202 DC D C2    
583 O O2    . DC C 6  ? 9.73057  9.69543  8.51179  3.00207  -0.61447 -1.17310 202 DC D O2    
584 N N3    . DC C 6  ? 9.80397  9.49620  8.30213  2.88585  -0.63982 -1.60825 202 DC D N3    
585 C C4    . DC C 6  ? 9.80393  9.45799  8.46079  2.85152  -0.61332 -1.70419 202 DC D C4    
586 N N4    . DC C 6  ? 9.87075  9.29286  8.09008  2.76268  -0.64983 -2.03012 202 DC D N4    
587 C C5    . DC C 6  ? 9.73464  9.58842  8.99873  2.90565  -0.54408 -1.46510 202 DC D C5    
588 C C6    . DC C 6  ? 9.66607  9.74835  9.34856  2.99001  -0.50724 -1.13966 202 DC D C6    
589 P P     . DT C 7  ? 8.82759  9.98526  10.56741 3.23305  -0.30217 0.49370  203 DT D P     
590 O OP1   . DT C 7  ? 8.90321  9.85175  11.10492 3.29083  -0.37455 0.43932  203 DT D OP1   
591 O OP2   . DT C 7  ? 8.69264  10.06352 10.78817 3.18712  -0.25239 0.66489  203 DT D OP2   
592 O "O5'" . DT C 7  ? 8.75076  10.04997 10.09932 3.19928  -0.27927 0.65190  203 DT D "O5'" 
593 C "C5'" . DT C 7  ? 8.67163  10.16747 9.54361  3.13566  -0.21456 0.73719  203 DT D "C5'" 
594 C "C4'" . DT C 7  ? 8.77946  10.17557 8.82377  3.13316  -0.22948 0.53626  203 DT D "C4'" 
595 O "O4'" . DT C 7  ? 8.92941  10.08838 8.67612  3.14494  -0.28315 0.18417  203 DT D "O4'" 
596 C "C3'" . DT C 7  ? 8.70469  10.30010 8.20057  3.06614  -0.16349 0.63707  203 DT D "C3'" 
597 O "O3'" . DT C 7  ? 8.70906  10.30612 7.78188  3.05894  -0.17283 0.67837  203 DT D "O3'" 
598 C "C2'" . DT C 7  ? 8.81011  10.31109 7.78082  3.04937  -0.16882 0.35391  203 DT D "C2'" 
599 C "C1'" . DT C 7  ? 8.96214  10.14362 7.97710  3.09445  -0.26526 0.04207  203 DT D "C1'" 
600 N N1    . DT C 7  ? 9.03666  10.08824 7.96834  3.07469  -0.28528 -0.21310 203 DT D N1    
601 C C2    . DT C 7  ? 9.16449  9.94565  7.56027  3.03839  -0.36305 -0.58032 203 DT D C2    
602 O O2    . DT C 7  ? 9.22704  9.86268  7.19937  3.02555  -0.41975 -0.71605 203 DT D O2    
603 N N3    . DT C 7  ? 9.20806  9.88515  7.59684  3.00504  -0.37306 -0.78567 203 DT D N3    
604 C C4    . DT C 7  ? 9.14796  9.96749  7.98704  3.01663  -0.31281 -0.66134 203 DT D C4    
605 O O4    . DT C 7  ? 9.19283  9.90072  7.98778  2.98239  -0.32377 -0.86186 203 DT D O4    
606 C C5    . DT C 7  ? 9.01893  10.11855 8.39760  3.05838  -0.23640 -0.27890 203 DT D C5    
607 C C7    . DT C 7  ? 8.93879  10.19919 8.84457  3.06331  -0.17315 -0.12129 203 DT D C7    
608 C C6    . DT C 7  ? 8.96456  10.16059 8.36838  3.07728  -0.22811 -0.07833 203 DT D C6    
609 P P     . DG C 8  ? 8.53677  10.36677 7.31566  2.98816  -0.10610 0.92746  204 DG D P     
610 O OP1   . DG C 8  ? 8.55255  10.34052 7.06893  2.99983  -0.13037 0.96809  204 DG D OP1   
611 O OP2   . DG C 8  ? 8.37938  10.37819 7.75385  2.94592  -0.06927 1.18147  204 DG D OP2   
612 O "O5'" . DG C 8  ? 8.59684  10.44897 6.65149  2.94655  -0.07644 0.75702  204 DG D "O5'" 
613 C "C5'" . DG C 8  ? 8.75040  10.40725 6.15893  2.96097  -0.13020 0.44164  204 DG D "C5'" 
614 C "C4'" . DG C 8  ? 8.78249  10.48301 5.59287  2.90563  -0.10146 0.30590  204 DG D "C4'" 
615 O "O4'" . DG C 8  ? 8.87979  10.41456 5.71774  2.91801  -0.14276 0.02745  204 DG D "O4'" 
616 C "C3'" . DG C 8  ? 8.64561  10.60665 5.54181  2.84586  -0.01307 0.56543  204 DG D "C3'" 
617 O "O3'" . DG C 8  ? 8.64539  10.68245 4.84278  2.79071  0.01482  0.58352  204 DG D "O3'" 
618 C "C2'" . DG C 8  ? 8.66945  10.62013 5.71886  2.83947  -0.00213 0.43476  204 DG D "C2'" 
619 C "C1'" . DG C 8  ? 8.83549  10.51385 5.55887  2.87019  -0.08415 0.05602  204 DG D "C1'" 
620 N N9    . DG C 8  ? 8.87851  10.44969 5.99584  2.89323  -0.10649 -0.09470 204 DG D N9    
621 C C8    . DG C 8  ? 8.81639  10.43186 6.70714  2.93163  -0.09184 0.05412  204 DG D C8    
622 N N7    . DG C 8  ? 8.88191  10.36403 6.96203  2.94428  -0.11912 -0.14073 204 DG D N7    
623 C C5    . DG C 8  ? 8.98805  10.32029 6.38517  2.90370  -0.15786 -0.44473 204 DG D C5    
624 C C6    . DG C 8  ? 9.08242  10.21709 6.34075  2.87974  -0.20157 -0.75482 204 DG D C6    
625 O O6    . DG C 8  ? 9.09582  10.14711 6.81721  2.89566  -0.21193 -0.82020 204 DG D O6    
626 N N1    . DG C 8  ? 9.16362  10.18371 5.65936  2.82341  -0.23606 -1.00554 204 DG D N1    
627 C C2    . DG C 8  ? 9.16219  10.25219 5.09023  2.80097  -0.22884 -0.96096 204 DG D C2    
628 N N2    . DG C 8  ? 9.25047  10.20344 4.47376  2.74348  -0.26866 -1.23398 204 DG D N2    
629 N N3    . DG C 8  ? 9.07693  10.35165 5.12270  2.82579  -0.18540 -0.66786 204 DG D N3    
630 C C4    . DG C 8  ? 8.98951  10.37571 5.78572  2.87365  -0.15187 -0.42225 204 DG D C4    
631 P P     . DC C 9  ? 8.53624  10.79289 4.59376  2.71279  0.09508  0.78835  205 DC D P     
632 O OP1   . DC C 9  ? 8.51672  10.83279 4.04884  2.67316  0.11346  0.89870  205 DC D OP1   
633 O OP2   . DC C 9  ? 8.40886  10.78123 5.21807  2.70728  0.12940  1.01483  205 DC D OP2   
634 O "O5'" . DC C 9  ? 8.62707  10.83582 4.22896  2.68680  0.09295  0.52935  205 DC D "O5'" 
635 C "C5'" . DC C 9  ? 8.77377  10.79166 3.77177  2.69578  0.03053  0.20563  205 DC D "C5'" 
636 C "C4'" . DC C 9  ? 8.83896  10.81174 3.54997  2.66286  0.02731  -0.02420 205 DC D "C4'" 
637 O "O4'" . DC C 9  ? 8.87264  10.72927 4.10455  2.70739  -0.00434 -0.15581 205 DC D "O4'" 
638 C "C3'" . DC C 9  ? 8.74827  10.93651 3.38588  2.59794  0.10711  0.15118  205 DC D "C3'" 
639 O "O3'" . DC C 9  ? 8.68634  10.70396 3.06499  2.34988  0.09671  0.01379  205 DC D "O3'" 
640 C "C2'" . DC C 9  ? 8.74496  10.92336 3.83985  2.61100  0.11513  0.07387  205 DC D "C2'" 
641 C "C1'" . DC C 9  ? 8.86457  10.78539 4.06409  2.66964  0.02993  -0.21424 205 DC D "C1'" 
642 N N1    . DC C 9  ? 8.84963  10.72776 4.76907  2.71511  0.02483  -0.21899 205 DC D N1    
643 C C2    . DC C 9  ? 8.95126  10.63790 4.82313  2.71839  -0.02345 -0.52374 205 DC D C2    
644 O O2    . DC C 9  ? 9.04516  10.60146 4.29356  2.67760  -0.06240 -0.78705 205 DC D O2    
645 N N3    . DC C 9  ? 8.94147  10.58110 5.45689  2.75798  -0.02758 -0.52410 205 DC D N3    
646 C C4    . DC C 9  ? 8.83770  10.61520 6.02229  2.79539  0.01109  -0.24057 205 DC D C4    
647 N N4    . DC C 9  ? 8.83784  10.55627 6.63532  2.83369  0.00319  -0.25588 205 DC D N4    
648 C C5    . DC C 9  ? 8.72691  10.69330 5.98320  2.78541  0.05531  0.06483  205 DC D C5    
649 C C6    . DC C 9  ? 8.73754  10.74448 5.35169  2.74529  0.06160  0.06504  205 DC D C6    
650 P P     . DT C 10 ? 8.51938  10.58971 2.99049  2.13206  0.15624  0.20481  206 DT D P     
651 O OP1   . DT C 10 ? 8.42139  10.25999 2.86731  1.88591  0.13256  0.18618  206 DT D OP1   
652 O OP2   . DT C 10 ? 8.49339  10.89133 3.11758  2.31245  0.22519  0.51352  206 DT D OP2   
653 O "O5'" . DT C 10 ? 8.51625  10.46868 2.93041  1.98346  0.15303  0.02443  206 DT D "O5'" 
654 C "C5'" . DT C 10 ? 8.54751  10.20037 2.85796  1.82307  0.09427  -0.25200 206 DT D "C5'" 
655 C "C4'" . DT C 10 ? 8.58709  10.21833 2.87507  1.80064  0.09821  -0.39208 206 DT D "C4'" 
656 O "O4'" . DT C 10 ? 8.71949  10.56166 3.02283  2.11340  0.10197  -0.42832 206 DT D "O4'" 
657 C "C3'" . DT C 10 ? 8.49622  10.19865 2.82366  1.67100  0.15273  -0.25807 206 DT D "C3'" 
658 O "O3'" . DT C 10 ? 8.48173  9.94393  2.74545  1.44968  0.13736  -0.42312 206 DT D "O3'" 
659 C "C2'" . DT C 10 ? 8.55356  10.60487 2.95916  1.95041  0.20325  -0.13524 206 DT D "C2'" 
660 C "C1'" . DT C 10 ? 8.70480  10.73949 3.05669  2.15872  0.15940  -0.34512 206 DT D "C1'" 
661 N N1    . DT C 10 ? 8.77613  11.10349 3.27514  2.46380  0.20412  -0.20446 206 DT D N1    
662 C C2    . DT C 10 ? 8.81272  11.03997 3.71234  2.49713  0.18356  -0.35760 206 DT D C2    
663 O O2    . DT C 10 ? 8.91032  10.99246 3.50479  2.48115  0.14500  -0.64544 206 DT D O2    
664 N N3    . DT C 10 ? 8.73005  11.01992 4.40763  2.54420  0.20667  -0.16387 206 DT D N3    
665 C C4    . DT C 10 ? 8.61209  11.04468 4.69445  2.55337  0.24311  0.15202  206 DT D C4    
666 O O4    . DT C 10 ? 8.54207  11.01119 5.32095  2.58858  0.25445  0.29801  206 DT D O4    
667 C C5    . DT C 10 ? 8.57753  11.09717 4.20201  2.51200  0.26174  0.29025  206 DT D C5    
668 C C7    . DT C 10 ? 8.45111  11.09718 4.44541  2.50729  0.29440  0.61422  206 DT D C7    
669 C C6    . DT C 10 ? 8.66222  11.12968 3.52804  2.47291  0.24381  0.11249  206 DT D C6    
670 P P     . DG C 11 ? 8.37912  9.70701  2.62694  1.18824  0.16923  -0.33211 207 DG D P     
671 O OP1   . DG C 11 ? 8.41444  9.50809  2.57858  1.01554  0.14764  -0.50808 207 DG D OP1   
672 O OP2   . DG C 11 ? 8.29631  9.56252  2.55913  1.08620  0.17347  -0.18632 207 DG D OP2   
673 O "O5'" . DG C 11 ? 8.38336  10.02449 2.71551  1.36073  0.22324  -0.18922 207 DG D "O5'" 
674 C "C5'" . DG C 11 ? 8.40466  10.02981 2.71636  1.31627  0.23881  -0.26884 207 DG D "C5'" 
675 C "C4'" . DG C 11 ? 8.51345  10.15551 2.80151  1.45324  0.21240  -0.47645 207 DG D "C4'" 
676 O "O4'" . DG C 11 ? 8.58993  10.49311 2.93209  1.76030  0.21588  -0.43899 207 DG D "O4'" 
677 C "C3'" . DG C 11 ? 8.54812  10.26276 2.84448  1.48234  0.23844  -0.54278 207 DG D "C3'" 
678 O "O3'" . DG C 11 ? 8.61722  10.11663 2.86075  1.42453  0.19576  -0.78923 207 DG D "O3'" 
679 C "C2'" . DG C 11 ? 8.59840  10.71097 2.99012  1.80674  0.28632  -0.42640 207 DG D "C2'" 
680 C "C1'" . DG C 11 ? 8.66669  10.78882 3.04817  1.96831  0.24920  -0.47348 207 DG D "C1'" 
681 N N9    . DG C 11 ? 8.69232  11.15895 3.16033  2.24860  0.30641  -0.26120 207 DG D N9    
682 C C8    . DG C 11 ? 8.61027  11.21501 3.15517  2.26340  0.33930  0.01237  207 DG D C8    
683 N N7    . DG C 11 ? 8.55811  11.28246 3.64915  2.36638  0.36734  0.20216  207 DG D N7    
684 C C5    . DG C 11 ? 8.59966  11.23583 4.06406  2.40441  0.34914  0.04081  207 DG D C5    
685 C C6    . DG C 11 ? 8.54883  11.18326 4.79399  2.45742  0.35292  0.12830  207 DG D C6    
686 O O6    . DG C 11 ? 8.44946  11.16276 5.22893  2.47752  0.36955  0.36760  207 DG D O6    
687 N N1    . DG C 11 ? 8.62636  11.13858 5.00400  2.48185  0.32941  -0.10332 207 DG D N1    
688 C C2    . DG C 11 ? 8.73440  11.13051 4.56130  2.45181  0.30211  -0.39245 207 DG D C2    
689 N N2    . DG C 11 ? 8.79598  11.06058 4.85778  2.47442  0.27985  -0.59241 207 DG D N2    
690 N N3    . DG C 11 ? 8.77913  11.17556 3.87428  2.39737  0.29407  -0.48365 207 DG D N3    
691 C C4    . DG C 11 ? 8.70951  11.23312 3.66429  2.37956  0.31988  -0.25281 207 DG D C4    
692 P P     . DT C 12 ? 9.24063  10.45153 3.41751  1.14726  0.19788  -0.88444 208 DT D P     
693 O OP1   . DT C 12 ? 9.25904  10.15626 3.38784  0.99013  0.15499  -1.06206 208 DT D OP1   
694 O OP2   . DT C 12 ? 9.15045  10.28848 3.29725  0.96524  0.22914  -0.71349 208 DT D OP2   
695 O "O5'" . DT C 12 ? 9.30917  10.70851 3.53116  1.31077  0.22252  -0.96031 208 DT D "O5'" 
696 C "C5'" . DT C 12 ? 9.28661  11.00578 3.57351  1.45536  0.28115  -0.79104 208 DT D "C5'" 
697 C "C4'" . DT C 12 ? 9.37406  11.29614 3.71678  1.67280  0.30536  -0.89988 208 DT D "C4'" 
698 O "O4'" . DT C 12 ? 9.46099  11.56389 3.85290  1.95725  0.30106  -0.94829 208 DT D "O4'" 
699 C "C3'" . DT C 12 ? 9.33669  11.56209 3.75191  1.77003  0.38432  -0.72606 208 DT D "C3'" 
700 O "O3'" . DT C 12 ? 9.29676  11.35160 3.66556  1.55280  0.39005  -0.74396 208 DT D "O3'" 
701 C "C2'" . DT C 12 ? 9.44297  11.90344 3.92956  2.06724  0.42066  -0.83709 208 DT D "C2'" 
702 C "C1'" . DT C 12 ? 9.51508  11.92402 3.98969  2.20678  0.37420  -0.92753 208 DT D "C1'" 
703 N N1    . DT C 12 ? 9.41836  11.97021 4.43515  2.27565  0.40667  -0.63091 208 DT D N1    
704 C C2    . DT C 12 ? 9.39134  11.90728 5.13244  2.33954  0.40606  -0.58520 208 DT D C2    
705 O O2    . DT C 12 ? 9.45314  11.83686 5.37926  2.36020  0.38512  -0.77909 208 DT D O2    
706 N N3    . DT C 12 ? 9.28959  11.91710 5.53275  2.37331  0.42848  -0.30584 208 DT D N3    
707 C C4    . DT C 12 ? 9.21213  11.96991 5.30792  2.34698  0.45173  -0.07494 208 DT D C4    
708 O O4    . DT C 12 ? 9.11959  11.95231 5.70444  2.37200  0.46540  0.15674  208 DT D O4    
709 C C5    . DT C 12 ? 9.24984  12.03309 4.57090  2.28279  0.45423  -0.13367 208 DT D C5    
710 C C7    . DT C 12 ? 9.17946  12.08042 4.26450  2.24796  0.47851  0.09886  208 DT D C7    
711 C C6    . DT C 12 ? 9.35018  12.03546 4.17576  2.25140  0.43123  -0.40430 208 DT D C6    
712 P P     . DG C 13 ? 10.18311 11.90112 4.47197  1.38150  0.34776  -0.98676 209 DG D P     
713 O OP1   . DG C 13 ? 10.22831 12.04617 4.57520  1.58996  0.34192  -1.18265 209 DG D OP1   
714 O OP2   . DG C 13 ? 10.09956 11.44239 4.29188  1.12671  0.30070  -1.02371 209 DG D OP2   
715 O "O5'" . DG C 13 ? 10.22154 11.91131 4.48815  1.24784  0.38861  -0.91236 209 DG D "O5'" 
716 C "C5'" . DG C 13 ? 10.34006 12.37271 4.69724  1.38987  0.45429  -0.73932 209 DG D "C5'" 
717 C "C4'" . DG C 13 ? 10.22301 12.16868 4.55703  1.21898  0.46563  -0.54058 209 DG D "C4'" 
718 O "O4'" . DG C 13 ? 10.15699 11.98859 4.46566  1.15930  0.43136  -0.48060 209 DG D "O4'" 
719 C "C3'" . DG C 13 ? 10.05760 11.62508 4.27026  0.94707  0.44835  -0.58683 209 DG D "C3'" 
720 O "O3'" . DG C 13 ? 10.03227 11.63943 4.26704  0.88908  0.48098  -0.41417 209 DG D "O3'" 
721 C "C2'" . DG C 13 ? 10.02817 11.24962 4.13536  0.76690  0.39634  -0.63779 209 DG D "C2'" 
722 C "C1'" . DG C 13 ? 10.05743 11.47939 4.24355  0.87774  0.40007  -0.49711 209 DG D "C1'" 
723 N N9    . DG C 13 ? 10.01232 11.25920 4.14810  0.81302  0.35498  -0.54835 209 DG D N9    
724 C C8    . DG C 13 ? 10.01619 11.41081 4.20533  0.96882  0.33779  -0.58131 209 DG D C8    
725 N N7    . DG C 13 ? 9.96229  11.14117 4.09120  0.85461  0.29840  -0.61931 209 DG D N7    
726 C C5    . DG C 13 ? 10.01054 11.16068 4.06290  0.79151  0.27634  -0.61867 209 DG D C5    
727 C C6    . DG C 13 ? 10.03235 11.11791 4.00914  0.75256  0.23227  -0.65357 209 DG D C6    
728 O O6    . DG C 13 ? 10.01085 11.05293 3.97563  0.76670  0.20068  -0.69216 209 DG D O6    
729 N N1    . DG C 13 ? 10.08970 11.15892 4.00034  0.69233  0.22962  -0.63830 209 DG D N1    
730 C C2    . DG C 13 ? 10.12413 11.23303 4.04167  0.67304  0.26104  -0.59595 209 DG D C2    
731 N N2    . DG C 13 ? 10.18752 11.26274 4.03115  0.61536  0.25128  -0.59047 209 DG D N2    
732 N N3    . DG C 13 ? 10.10180 11.27322 4.09219  0.70837  0.30132  -0.56302 209 DG D N3    
733 C C4    . DG C 13 ? 10.04376 11.23326 4.09799  0.76595  0.30875  -0.57568 209 DG D C4    
734 O "O5'" . DG D 1  ? 10.22103 5.24160  4.26779  -0.08323 -2.41030 -1.29958 106 DG X "O5'" 
735 C "C5'" . DG D 1  ? 10.26465 5.26777  4.25852  -0.08285 -2.40417 -1.29534 106 DG X "C5'" 
736 C "C4'" . DG D 1  ? 10.26754 5.27061  4.32127  -0.09914 -2.45973 -1.30079 106 DG X "C4'" 
737 O "O4'" . DG D 1  ? 10.26021 5.29455  4.37687  -0.04197 -2.49607 -1.34356 106 DG X "O4'" 
738 C "C3'" . DG D 1  ? 10.23444 5.22416  4.34495  -0.17266 -2.49016 -1.26710 106 DG X "C3'" 
739 O "O3'" . DG D 1  ? 10.25748 5.22167  4.34604  -0.21930 -2.49860 -1.24136 106 DG X "O3'" 
740 C "C2'" . DG D 1  ? 10.21168 5.22497  4.41858  -0.15118 -2.54565 -1.29432 106 DG X "C2'" 
741 C "C1'" . DG D 1  ? 10.24028 5.27619  4.43853  -0.07350 -2.55054 -1.34037 106 DG X "C1'" 
742 N N9    . DG D 1  ? 10.21816 5.28506  4.49299  -0.02817 -2.58454 -1.37740 106 DG X N9    
743 C C8    . DG D 1  ? 10.18948 5.27366  4.48867  -0.00706 -2.57423 -1.39008 106 DG X C8    
744 N N7    . DG D 1  ? 10.17589 5.28608  4.55045  0.03233  -2.61325 -1.42565 106 DG X N7    
745 C C5    . DG D 1  ? 10.19561 5.30659  4.59816  0.03793  -2.65181 -1.43675 106 DG X C5    
746 C C6    . DG D 1  ? 10.19262 5.32697  4.67591  0.07474  -2.70341 -1.47300 106 DG X C6    
747 O O6    . DG D 1  ? 10.17209 5.33127  4.71997  0.11076  -2.72590 -1.50366 106 DG X O6    
748 N N1    . DG D 1  ? 10.21732 5.34401  4.70550  0.06673  -2.73033 -1.47282 106 DG X N1    
749 C C2    . DG D 1  ? 10.24300 5.34209  4.66644  0.02775  -2.71059 -1.44234 106 DG X C2    
750 N N2    . DG D 1  ? 10.26534 5.36105  4.70826  0.02585  -2.74380 -1.44920 106 DG X N2    
751 N N3    . DG D 1  ? 10.24700 5.32340  4.59486  -0.00702 -2.66245 -1.40862 106 DG X N3    
752 C C4    . DG D 1  ? 10.22186 5.30624  4.56372  0.00070  -2.63506 -1.40754 106 DG X C4    
753 P P     . DC D 2  ? 11.34273 6.28431  5.46028  -0.30324 -2.51629 -1.19591 107 DC X P     
754 O OP1   . DC D 2  ? 11.37599 6.29479  5.46119  -0.33558 -2.52119 -1.17848 107 DC X OP1   
755 O OP2   . DC D 2  ? 11.31691 6.25129  5.41075  -0.33161 -2.47854 -1.17096 107 DC X OP2   
756 O "O5'" . DC D 2  ? 11.31659 6.27322  5.53564  -0.30508 -2.57723 -1.20805 107 DC X "O5'" 
757 C "C5'" . DC D 2  ? 11.32736 6.27643  5.58977  -0.33139 -2.62469 -1.20163 107 DC X "C5'" 
758 C "C4'" . DC D 2  ? 11.34619 6.31689  5.63930  -0.27179 -2.65573 -1.24544 107 DC X "C4'" 
759 O "O4'" . DC D 2  ? 11.32653 6.32592  5.65792  -0.21544 -2.66101 -1.28143 107 DC X "O4'" 
760 C "C3'" . DC D 2  ? 11.34770 6.31740  5.71388  -0.29372 -2.71674 -1.24465 107 DC X "C3'" 
761 O "O3'" . DC D 2  ? 11.38550 6.35296  5.72791  -0.27445 -2.72488 -1.26054 107 DC X "O3'" 
762 C "C2'" . DC D 2  ? 11.32328 6.32009  5.77203  -0.25315 -2.75395 -1.27749 107 DC X "C2'" 
763 C "C1'" . DC D 2  ? 11.35599 6.37317  5.76453  -0.18925 -2.71503 -1.30977 107 DC X "C1'" 
764 N N1    . DC D 2  ? 11.39186 6.43222  5.86535  -0.15866 -2.73207 -1.33386 107 DC X N1    
765 C C2    . DC D 2  ? 11.40415 6.46451  5.96370  -0.12997 -2.78523 -1.36427 107 DC X C2    
766 O O2    . DC D 2  ? 11.38970 6.44920  5.97327  -0.13142 -2.81853 -1.36980 107 DC X O2    
767 N N3    . DC D 2  ? 11.42786 6.50706  6.04828  -0.10452 -2.80125 -1.38640 107 DC X N3    
768 C C4    . DC D 2  ? 11.44696 6.52680  6.04428  -0.10426 -2.76651 -1.38123 107 DC X C4    
769 N N4    . DC D 2  ? 11.44110 6.53946  6.10366  -0.07781 -2.78561 -1.40645 107 DC X N4    
770 C C5    . DC D 2  ? 11.45115 6.51238  5.96148  -0.13185 -2.71192 -1.35075 107 DC X C5    
771 C C6    . DC D 2  ? 11.41589 6.45776  5.86684  -0.15822 -2.69625 -1.32770 107 DC X C6    
772 P P     . DT D 3  ? 11.35088 6.30559  5.73870  -0.31756 -2.77426 -1.24519 108 DT X P     
773 O OP1   . DT D 3  ? 11.37516 6.34683  5.78778  -0.26556 -2.80304 -1.28665 108 DT X OP1   
774 O OP2   . DT D 3  ? 11.36679 6.29125  5.69516  -0.37591 -2.74797 -1.20503 108 DT X OP2   
775 O "O5'" . DT D 3  ? 11.31394 6.27175  5.79240  -0.35149 -2.81976 -1.22885 108 DT X "O5'" 
776 C "C5'" . DT D 3  ? 11.31659 6.27155  5.86478  -0.37759 -2.87678 -1.22243 108 DT X "C5'" 
777 C "C4'" . DT D 3  ? 11.29093 6.23144  5.88712  -0.43344 -2.90056 -1.18563 108 DT X "C4'" 
778 O "O4'" . DT D 3  ? 11.26215 6.21731  5.89904  -0.40647 -2.90386 -1.20219 108 DT X "O4'" 
779 C "C3'" . DT D 3  ? 11.29038 6.20281  5.82621  -0.49400 -2.86413 -1.13824 108 DT X "C3'" 
780 O "O3'" . DT D 3  ? 11.29106 6.18361  5.86560  -0.55364 -2.90120 -1.10166 108 DT X "O3'" 
781 C "C2'" . DT D 3  ? 11.26309 6.17937  5.78645  -0.48362 -2.83207 -1.13798 108 DT X "C2'" 
782 C "C1'" . DT D 3  ? 11.24486 6.18167  5.85402  -0.44736 -2.87528 -1.16843 108 DT X "C1'" 
783 N N1    . DT D 3  ? 11.22317 6.17831  5.83207  -0.40283 -2.85014 -1.19511 108 DT X N1    
784 C C2    . DT D 3  ? 11.20581 6.17844  5.89367  -0.37176 -2.88712 -1.22292 108 DT X C2    
785 O O2    . DT D 3  ? 11.20680 6.18019  5.96456  -0.37839 -2.93856 -1.22616 108 DT X O2    
786 N N3    . DT D 3  ? 11.18772 6.17715  5.87299  -0.33215 -2.86256 -1.24759 108 DT X N3    
787 C C4    . DT D 3  ? 11.18482 6.17582  5.79872  -0.32002 -2.80643 -1.24656 108 DT X C4    
788 O O4    . DT D 3  ? 11.16818 6.17614  5.79007  -0.28294 -2.79041 -1.27077 108 DT X O4    
789 C C5    . DT D 3  ? 11.20343 6.17482  5.73584  -0.35379 -2.76888 -1.21570 108 DT X C5    
790 C C7    . DT D 3  ? 11.20273 6.17321  5.65586  -0.34402 -2.70713 -1.21122 108 DT X C7    
791 C C6    . DT D 3  ? 11.22176 6.17607  5.75545  -0.39356 -2.79217 -1.19209 108 DT X C6    
792 P P     . DG D 4  ? 10.25925 5.13223  4.80252  -0.59933 -2.90489 -1.07470 109 DG X P     
793 O OP1   . DG D 4  ? 10.28440 5.16758  4.78742  -0.55886 -2.88704 -1.10599 109 DG X OP1   
794 O OP2   . DG D 4  ? 10.25653 5.10422  4.75013  -0.65601 -2.87330 -1.02986 109 DG X OP2   
795 O "O5'" . DG D 4  ? 10.26260 5.13392  4.89221  -0.62194 -2.97351 -1.06695 109 DG X "O5'" 
796 C "C5'" . DG D 4  ? 10.24479 5.13112  4.95523  -0.59519 -3.01551 -1.08720 109 DG X "C5'" 
797 C "C4'" . DG D 4  ? 10.22874 5.09552  4.96544  -0.63694 -3.02813 -1.05297 109 DG X "C4'" 
798 O "O4'" . DG D 4  ? 10.20568 5.08010  4.93088  -0.60940 -2.99801 -1.06741 109 DG X "O4'" 
799 C "C3'" . DG D 4  ? 10.23923 5.07510  4.92455  -0.70311 -3.00832 -1.00206 109 DG X "C3'" 
800 O "O3'" . DG D 4  ? 10.24345 5.05909  4.97782  -0.74585 -3.05247 -0.97085 109 DG X "O3'" 
801 C "C2'" . DG D 4  ? 10.22232 5.05299  4.85030  -0.70227 -2.95351 -0.99522 109 DG X "C2'" 
802 C "C1'" . DG D 4  ? 10.20026 5.04949  4.88160  -0.65590 -2.96803 -1.02845 109 DG X "C1'" 
803 N N9    . DG D 4  ? 10.18286 5.04251  4.82067  -0.62574 -2.91792 -1.04501 109 DG X N9    
804 C C8    . DG D 4  ? 10.18522 5.04094  4.74159  -0.63104 -2.86110 -1.03567 109 DG X C8    
805 N N7    . DG D 4  ? 10.16701 5.03530  4.70417  -0.59754 -2.82666 -1.05514 109 DG X N7    
806 C C5    . DG D 4  ? 10.15172 5.03330  4.76277  -0.56849 -2.86323 -1.08012 109 DG X C5    
807 C C6    . DG D 4  ? 10.12978 5.02917  4.76188  -0.52598 -2.85216 -1.11012 109 DG X C6    
808 O O6    . DG D 4  ? 10.11870 5.02657  4.70650  -0.50444 -2.80654 -1.12012 109 DG X O6    
809 N N1    . DG D 4  ? 10.12142 5.02907  4.83895  -0.50822 -2.90225 -1.13007 109 DG X N1    
810 C C2    . DG D 4  ? 10.13275 5.03210  4.90743  -0.52857 -2.95576 -1.12088 109 DG X C2    
811 N N2    . DG D 4  ? 10.12288 5.03133  4.98008  -0.50621 -2.99928 -1.14347 109 DG X N2    
812 N N3    . DG D 4  ? 10.15308 5.03665  4.90874  -0.56761 -2.96711 -1.09233 109 DG X N3    
813 C C4    . DG D 4  ? 10.16144 5.03717  4.83461  -0.58558 -2.91904 -1.07392 109 DG X C4    
814 P P     . DT D 5  ? 11.47552 6.26175  6.17812  -0.81310 -3.05578 -0.92125 110 DT X P     
815 O OP1   . DT D 5  ? 11.49170 6.27657  6.26019  -0.82655 -3.11664 -0.91616 110 DT X OP1   
816 O OP2   . DT D 5  ? 11.48327 6.26903  6.10602  -0.82004 -3.00395 -0.91731 110 DT X OP2   
817 O "O5'" . DT D 5  ? 11.46985 6.22745  6.15832  -0.85188 -3.04652 -0.88496 110 DT X "O5'" 
818 C "C5'" . DT D 5  ? 11.48186 6.21674  6.21977  -0.88412 -3.09541 -0.85865 110 DT X "C5'" 
819 C "C4'" . DT D 5  ? 11.46836 6.21630  6.28462  -0.84559 -3.13405 -0.88838 110 DT X "C4'" 
820 O "O4'" . DT D 5  ? 11.44297 6.21780  6.25005  -0.79257 -3.09996 -0.92915 110 DT X "O4'" 
821 C "C3'" . DT D 5  ? 11.47244 6.19016  6.31507  -0.87165 -3.15650 -0.86411 110 DT X "C3'" 
822 O "O3'" . DT D 5  ? 11.46910 6.19563  6.39808  -0.84515 -3.20836 -0.88633 110 DT X "O3'" 
823 C "C2'" . DT D 5  ? 11.45057 6.17082  6.25216  -0.85513 -3.10581 -0.87531 110 DT X "C2'" 
824 C "C1'" . DT D 5  ? 11.42950 6.19224  6.24851  -0.79183 -3.09426 -0.92710 110 DT X "C1'" 
825 N N1    . DT D 5  ? 11.40934 6.18530  6.17346  -0.76657 -3.03539 -0.94433 110 DT X N1    
826 C C2    . DT D 5  ? 11.38779 6.17734  6.18317  -0.72750 -3.03129 -0.97497 110 DT X C2    
827 O O2    . DT D 5  ? 11.38419 6.17514  6.25112  -0.71249 -3.07321 -0.98972 110 DT X O2    
828 N N3    . DT D 5  ? 11.37129 6.17286  6.11367  -0.70605 -2.97691 -0.98851 110 DT X N3    
829 C C4    . DT D 5  ? 11.37445 6.17447  6.03708  -0.71981 -2.92670 -0.97396 110 DT X C4    
830 O O4    . DT D 5  ? 11.35945 6.17053  5.98070  -0.69759 -2.88044 -0.98744 110 DT X O4    
831 C C5    . DT D 5  ? 11.39757 6.18206  6.03172  -0.76182 -2.93342 -0.94239 110 DT X C5    
832 C C7    . DT D 5  ? 11.40419 6.18460  5.95625  -0.78041 -2.88241 -0.92564 110 DT X C7    
833 C C6    . DT D 5  ? 11.41359 6.18754  6.09955  -0.78284 -2.98721 -0.92959 110 DT X C6    
834 P P     . DG D 6  ? 12.84386 7.53280  7.81840  -0.88047 -3.25692 -0.85525 111 DG X P     
835 O OP1   . DG D 6  ? 12.85048 7.55216  7.90884  -0.86397 -3.31711 -0.87006 111 DG X OP1   
836 O OP2   . DG D 6  ? 12.86978 7.52031  7.77905  -0.94032 -3.24155 -0.80363 111 DG X OP2   
837 O "O5'" . DG D 6  ? 12.82583 7.50929  7.81745  -0.85950 -3.24469 -0.87249 111 DG X "O5'" 
838 C "C5'" . DG D 6  ? 12.79397 7.51344  7.78860  -0.80534 -3.21331 -0.91858 111 DG X "C5'" 
839 C "C4'" . DG D 6  ? 12.78199 7.48707  7.77190  -0.80243 -3.19195 -0.92234 111 DG X "C4'" 
840 O "O4'" . DG D 6  ? 12.76006 7.48520  7.68950  -0.78066 -3.13136 -0.93918 111 DG X "O4'" 
841 C "C3'" . DG D 6  ? 12.80754 7.46076  7.76686  -0.86120 -3.19389 -0.87368 111 DG X "C3'" 
842 O "O3'" . DG D 6  ? 12.80673 7.44313  7.81664  -0.85441 -3.21554 -0.88321 111 DG X "O3'" 
843 C "C2'" . DG D 6  ? 12.80047 7.44916  7.66978  -0.87861 -3.12990 -0.85837 111 DG X "C2'" 
844 C "C1'" . DG D 6  ? 12.76546 7.45865  7.63923  -0.81959 -3.09767 -0.90754 111 DG X "C1'" 
845 N N9    . DG D 6  ? 12.75659 7.46149  7.55096  -0.82176 -3.04033 -0.90273 111 DG X N9    
846 C C8    . DG D 6  ? 12.77144 7.47180  7.51468  -0.85073 -3.02669 -0.87682 111 DG X C8    
847 N N7    . DG D 6  ? 12.76017 7.47195  7.43866  -0.84568 -2.97260 -0.87882 111 DG X N7    
848 C C5    . DG D 6  ? 12.73606 7.46125  7.42181  -0.81107 -2.94868 -0.90692 111 DG X C5    
849 C C6    . DG D 6  ? 12.71644 7.45735  7.35108  -0.79034 -2.89232 -0.92082 111 DG X C6    
850 O O6    . DG D 6  ? 12.71707 7.46158  7.28726  -0.79961 -2.85057 -0.90987 111 DG X O6    
851 N N1    . DG D 6  ? 12.69561 7.44827  7.36306  -0.75542 -2.88771 -0.95092 111 DG X N1    
852 C C2    . DG D 6  ? 12.69406 7.44305  7.43595  -0.74247 -2.93173 -0.96677 111 DG X C2    
853 N N2    . DG D 6  ? 12.67293 7.43568  7.44011  -0.70776 -2.91986 -0.99797 111 DG X N2    
854 N N3    . DG D 6  ? 12.71299 7.44560  7.50360  -0.76215 -2.98462 -0.95333 111 DG X N3    
855 C C4    . DG D 6  ? 12.73322 7.45502  7.49108  -0.79582 -2.98999 -0.92301 111 DG X C4    
# 
